data_2D8D
# 
_entry.id   2D8D 
# 
_audit_conform.dict_name       mmcif_pdbx.dic 
_audit_conform.dict_version    5.380 
_audit_conform.dict_location   http://mmcif.pdb.org/dictionaries/ascii/mmcif_pdbx.dic 
# 
loop_
_database_2.database_id 
_database_2.database_code 
_database_2.pdbx_database_accession 
_database_2.pdbx_DOI 
PDB   2D8D         pdb_00002d8d 10.2210/pdb2d8d/pdb 
RCSB  RCSB025114   ?            ?                   
WWPDB D_1000025114 ?            ?                   
# 
loop_
_pdbx_database_related.db_name 
_pdbx_database_related.db_id 
_pdbx_database_related.details 
_pdbx_database_related.content_type 
PDB      2D8E           'Same protein in other form' unspecified 
TargetDB ttk003000001.1 .                            unspecified 
# 
_pdbx_database_status.status_code                     REL 
_pdbx_database_status.entry_id                        2D8D 
_pdbx_database_status.recvd_initial_deposition_date   2005-12-02 
_pdbx_database_status.deposit_site                    PDBJ 
_pdbx_database_status.process_site                    PDBJ 
_pdbx_database_status.status_code_sf                  REL 
_pdbx_database_status.status_code_mr                  ? 
_pdbx_database_status.SG_entry                        Y 
_pdbx_database_status.pdb_format_compatible           Y 
_pdbx_database_status.status_code_cs                  ? 
_pdbx_database_status.status_code_nmr_data            ? 
_pdbx_database_status.methods_development_category    ? 
# 
loop_
_audit_author.name 
_audit_author.pdbx_ordinal 
'Bagautdinov, B.'                                        1 
'Kunishima, N.'                                          2 
'RIKEN Structural Genomics/Proteomics Initiative (RSGI)' 3 
# 
_citation.id                        primary 
_citation.title                     'Structure of Chorismate Mutase  from Thermus Thermophilus HB8' 
_citation.journal_abbrev            'To be Published' 
_citation.journal_volume            ? 
_citation.page_first                ? 
_citation.page_last                 ? 
_citation.year                      ? 
_citation.journal_id_ASTM           ? 
_citation.country                   ? 
_citation.journal_id_ISSN           ? 
_citation.journal_id_CSD            0353 
_citation.book_publisher            ? 
_citation.pdbx_database_id_PubMed   ? 
_citation.pdbx_database_id_DOI      ? 
# 
loop_
_citation_author.citation_id 
_citation_author.name 
_citation_author.ordinal 
_citation_author.identifier_ORCID 
primary 'Bagautdinov, B.' 1 ? 
primary 'Kunishima, N.'   2 ? 
# 
_cell.entry_id           2D8D 
_cell.length_a           43.914 
_cell.length_b           48.728 
_cell.length_c           74.596 
_cell.angle_alpha        90.00 
_cell.angle_beta         90.00 
_cell.angle_gamma        90.00 
_cell.Z_PDB              8 
_cell.pdbx_unique_axis   ? 
_cell.length_a_esd       ? 
_cell.length_b_esd       ? 
_cell.length_c_esd       ? 
_cell.angle_alpha_esd    ? 
_cell.angle_beta_esd     ? 
_cell.angle_gamma_esd    ? 
# 
_symmetry.entry_id                         2D8D 
_symmetry.space_group_name_H-M             'P 21 21 2' 
_symmetry.pdbx_full_space_group_name_H-M   ? 
_symmetry.cell_setting                     ? 
_symmetry.Int_Tables_number                18 
_symmetry.space_group_name_Hall            ? 
# 
loop_
_entity.id 
_entity.type 
_entity.src_method 
_entity.pdbx_description 
_entity.formula_weight 
_entity.pdbx_number_of_molecules 
_entity.pdbx_ec 
_entity.pdbx_mutation 
_entity.pdbx_fragment 
_entity.details 
1 polymer     man 'phospho-2-dehydro-3-deoxyheptonate aldolase/chorismate mutase' 10738.213 2   5.4.99.5 ? ? ? 
2 non-polymer syn 'CHLORIDE ION'                                                  35.453    1   ?        ? ? ? 
3 water       nat water                                                           18.015    329 ?        ? ? ? 
# 
_entity_name_com.entity_id   1 
_entity_name_com.name        AroAG 
# 
_entity_poly.entity_id                      1 
_entity_poly.type                           'polypeptide(L)' 
_entity_poly.nstd_linkage                   no 
_entity_poly.nstd_monomer                   no 
_entity_poly.pdbx_seq_one_letter_code       
;MDERIQALRKEVDRVNREILRLLSERGRLVQEIGRLQTELGLPHYDPKREEEMLAYLTAENPGPFPDETIRKLFKEIFKA
SLDLEERQDQ
;
_entity_poly.pdbx_seq_one_letter_code_can   
;MDERIQALRKEVDRVNREILRLLSERGRLVQEIGRLQTELGLPHYDPKREEEMLAYLTAENPGPFPDETIRKLFKEIFKA
SLDLEERQDQ
;
_entity_poly.pdbx_strand_id                 A,B 
_entity_poly.pdbx_target_identifier         ttk003000001.1 
# 
loop_
_entity_poly_seq.entity_id 
_entity_poly_seq.num 
_entity_poly_seq.mon_id 
_entity_poly_seq.hetero 
1 1  MET n 
1 2  ASP n 
1 3  GLU n 
1 4  ARG n 
1 5  ILE n 
1 6  GLN n 
1 7  ALA n 
1 8  LEU n 
1 9  ARG n 
1 10 LYS n 
1 11 GLU n 
1 12 VAL n 
1 13 ASP n 
1 14 ARG n 
1 15 VAL n 
1 16 ASN n 
1 17 ARG n 
1 18 GLU n 
1 19 ILE n 
1 20 LEU n 
1 21 ARG n 
1 22 LEU n 
1 23 LEU n 
1 24 SER n 
1 25 GLU n 
1 26 ARG n 
1 27 GLY n 
1 28 ARG n 
1 29 LEU n 
1 30 VAL n 
1 31 GLN n 
1 32 GLU n 
1 33 ILE n 
1 34 GLY n 
1 35 ARG n 
1 36 LEU n 
1 37 GLN n 
1 38 THR n 
1 39 GLU n 
1 40 LEU n 
1 41 GLY n 
1 42 LEU n 
1 43 PRO n 
1 44 HIS n 
1 45 TYR n 
1 46 ASP n 
1 47 PRO n 
1 48 LYS n 
1 49 ARG n 
1 50 GLU n 
1 51 GLU n 
1 52 GLU n 
1 53 MET n 
1 54 LEU n 
1 55 ALA n 
1 56 TYR n 
1 57 LEU n 
1 58 THR n 
1 59 ALA n 
1 60 GLU n 
1 61 ASN n 
1 62 PRO n 
1 63 GLY n 
1 64 PRO n 
1 65 PHE n 
1 66 PRO n 
1 67 ASP n 
1 68 GLU n 
1 69 THR n 
1 70 ILE n 
1 71 ARG n 
1 72 LYS n 
1 73 LEU n 
1 74 PHE n 
1 75 LYS n 
1 76 GLU n 
1 77 ILE n 
1 78 PHE n 
1 79 LYS n 
1 80 ALA n 
1 81 SER n 
1 82 LEU n 
1 83 ASP n 
1 84 LEU n 
1 85 GLU n 
1 86 GLU n 
1 87 ARG n 
1 88 GLN n 
1 89 ASP n 
1 90 GLN n 
# 
_entity_src_gen.entity_id                          1 
_entity_src_gen.pdbx_src_id                        1 
_entity_src_gen.pdbx_alt_source_flag               sample 
_entity_src_gen.pdbx_seq_type                      ? 
_entity_src_gen.pdbx_beg_seq_num                   ? 
_entity_src_gen.pdbx_end_seq_num                   ? 
_entity_src_gen.gene_src_common_name               ? 
_entity_src_gen.gene_src_genus                     Thermus 
_entity_src_gen.pdbx_gene_src_gene                 AROAG 
_entity_src_gen.gene_src_species                   'Thermus thermophilus' 
_entity_src_gen.gene_src_strain                    HB8 
_entity_src_gen.gene_src_tissue                    ? 
_entity_src_gen.gene_src_tissue_fraction           ? 
_entity_src_gen.gene_src_details                   ? 
_entity_src_gen.pdbx_gene_src_fragment             ? 
_entity_src_gen.pdbx_gene_src_scientific_name      'Thermus thermophilus' 
_entity_src_gen.pdbx_gene_src_ncbi_taxonomy_id     300852 
_entity_src_gen.pdbx_gene_src_variant              ? 
_entity_src_gen.pdbx_gene_src_cell_line            ? 
_entity_src_gen.pdbx_gene_src_atcc                 ? 
_entity_src_gen.pdbx_gene_src_organ                ? 
_entity_src_gen.pdbx_gene_src_organelle            ? 
_entity_src_gen.pdbx_gene_src_cell                 ? 
_entity_src_gen.pdbx_gene_src_cellular_location    ? 
_entity_src_gen.host_org_common_name               ? 
_entity_src_gen.pdbx_host_org_scientific_name      'Escherichia coli BL21(DE3)' 
_entity_src_gen.pdbx_host_org_ncbi_taxonomy_id     469008 
_entity_src_gen.host_org_genus                     Escherichia 
_entity_src_gen.pdbx_host_org_gene                 ? 
_entity_src_gen.pdbx_host_org_organ                ? 
_entity_src_gen.host_org_species                   'Escherichia coli' 
_entity_src_gen.pdbx_host_org_tissue               ? 
_entity_src_gen.pdbx_host_org_tissue_fraction      ? 
_entity_src_gen.pdbx_host_org_strain               'BL21(DE3)' 
_entity_src_gen.pdbx_host_org_variant              ? 
_entity_src_gen.pdbx_host_org_cell_line            ? 
_entity_src_gen.pdbx_host_org_atcc                 ? 
_entity_src_gen.pdbx_host_org_culture_collection   ? 
_entity_src_gen.pdbx_host_org_cell                 ? 
_entity_src_gen.pdbx_host_org_organelle            ? 
_entity_src_gen.pdbx_host_org_cellular_location    ? 
_entity_src_gen.pdbx_host_org_vector_type          plasmid 
_entity_src_gen.pdbx_host_org_vector               ? 
_entity_src_gen.host_org_details                   ? 
_entity_src_gen.expression_system_id               ? 
_entity_src_gen.plasmid_name                       'pET 11a' 
_entity_src_gen.plasmid_details                    ? 
_entity_src_gen.pdbx_description                   ? 
# 
_struct_ref.id                         1 
_struct_ref.db_name                    UNP 
_struct_ref.db_code                    Q72LN8_THET2 
_struct_ref.pdbx_db_accession          Q72LN8 
_struct_ref.entity_id                  1 
_struct_ref.pdbx_align_begin           1 
_struct_ref.pdbx_db_isoform            ? 
_struct_ref.pdbx_seq_one_letter_code   ? 
# 
loop_
_struct_ref_seq.align_id 
_struct_ref_seq.ref_id 
_struct_ref_seq.pdbx_PDB_id_code 
_struct_ref_seq.pdbx_strand_id 
_struct_ref_seq.seq_align_beg 
_struct_ref_seq.pdbx_seq_align_beg_ins_code 
_struct_ref_seq.seq_align_end 
_struct_ref_seq.pdbx_seq_align_end_ins_code 
_struct_ref_seq.pdbx_db_accession 
_struct_ref_seq.db_align_beg 
_struct_ref_seq.pdbx_db_align_beg_ins_code 
_struct_ref_seq.db_align_end 
_struct_ref_seq.pdbx_db_align_end_ins_code 
_struct_ref_seq.pdbx_auth_seq_align_beg 
_struct_ref_seq.pdbx_auth_seq_align_end 
1 1 2D8D A 1 ? 90 ? Q72LN8 1 ? 90 ? 1 90 
2 1 2D8D B 1 ? 90 ? Q72LN8 1 ? 90 ? 1 90 
# 
loop_
_chem_comp.id 
_chem_comp.type 
_chem_comp.mon_nstd_flag 
_chem_comp.name 
_chem_comp.pdbx_synonyms 
_chem_comp.formula 
_chem_comp.formula_weight 
ALA 'L-peptide linking' y ALANINE         ? 'C3 H7 N O2'     89.093  
ARG 'L-peptide linking' y ARGININE        ? 'C6 H15 N4 O2 1' 175.209 
ASN 'L-peptide linking' y ASPARAGINE      ? 'C4 H8 N2 O3'    132.118 
ASP 'L-peptide linking' y 'ASPARTIC ACID' ? 'C4 H7 N O4'     133.103 
CL  non-polymer         . 'CHLORIDE ION'  ? 'Cl -1'          35.453  
GLN 'L-peptide linking' y GLUTAMINE       ? 'C5 H10 N2 O3'   146.144 
GLU 'L-peptide linking' y 'GLUTAMIC ACID' ? 'C5 H9 N O4'     147.129 
GLY 'peptide linking'   y GLYCINE         ? 'C2 H5 N O2'     75.067  
HIS 'L-peptide linking' y HISTIDINE       ? 'C6 H10 N3 O2 1' 156.162 
HOH non-polymer         . WATER           ? 'H2 O'           18.015  
ILE 'L-peptide linking' y ISOLEUCINE      ? 'C6 H13 N O2'    131.173 
LEU 'L-peptide linking' y LEUCINE         ? 'C6 H13 N O2'    131.173 
LYS 'L-peptide linking' y LYSINE          ? 'C6 H15 N2 O2 1' 147.195 
MET 'L-peptide linking' y METHIONINE      ? 'C5 H11 N O2 S'  149.211 
PHE 'L-peptide linking' y PHENYLALANINE   ? 'C9 H11 N O2'    165.189 
PRO 'L-peptide linking' y PROLINE         ? 'C5 H9 N O2'     115.130 
SER 'L-peptide linking' y SERINE          ? 'C3 H7 N O3'     105.093 
THR 'L-peptide linking' y THREONINE       ? 'C4 H9 N O3'     119.119 
TYR 'L-peptide linking' y TYROSINE        ? 'C9 H11 N O3'    181.189 
VAL 'L-peptide linking' y VALINE          ? 'C5 H11 N O2'    117.146 
# 
_exptl.entry_id          2D8D 
_exptl.method            'X-RAY DIFFRACTION' 
_exptl.crystals_number   1 
# 
_exptl_crystal.id                    1 
_exptl_crystal.density_meas          ? 
_exptl_crystal.density_Matthews      1.86 
_exptl_crystal.density_percent_sol   33.77 
_exptl_crystal.description           ? 
_exptl_crystal.F_000                 ? 
_exptl_crystal.preparation           ? 
# 
_exptl_crystal_grow.crystal_id      1 
_exptl_crystal_grow.method          MICROBATCH 
_exptl_crystal_grow.temp            295 
_exptl_crystal_grow.temp_details    ? 
_exptl_crystal_grow.pH              6.1 
_exptl_crystal_grow.pdbx_details    'PEG 4K, MES 0.1M, NaOH, Mg Chloride 0.05M, pH 6.1, microbatch, temperature 295K' 
_exptl_crystal_grow.pdbx_pH_range   . 
# 
_diffrn.id                     1 
_diffrn.ambient_temp           100 
_diffrn.ambient_temp_details   ? 
_diffrn.crystal_id             1 
# 
_diffrn_detector.diffrn_id              1 
_diffrn_detector.detector               CCD 
_diffrn_detector.type                   MARRESEARCH 
_diffrn_detector.pdbx_collection_date   2005-06-22 
_diffrn_detector.details                mirrors 
# 
_diffrn_radiation.diffrn_id                        1 
_diffrn_radiation.wavelength_id                    1 
_diffrn_radiation.pdbx_monochromatic_or_laue_m_l   M 
_diffrn_radiation.monochromator                    GRAPHITE 
_diffrn_radiation.pdbx_diffrn_protocol             'SINGLE WAVELENGTH' 
_diffrn_radiation.pdbx_scattering_type             x-ray 
# 
_diffrn_radiation_wavelength.id           1 
_diffrn_radiation_wavelength.wavelength   1 
_diffrn_radiation_wavelength.wt           1.0 
# 
_diffrn_source.diffrn_id                   1 
_diffrn_source.source                      SYNCHROTRON 
_diffrn_source.type                        'SPRING-8 BEAMLINE BL26B1' 
_diffrn_source.pdbx_synchrotron_site       SPring-8 
_diffrn_source.pdbx_synchrotron_beamline   BL26B1 
_diffrn_source.pdbx_wavelength             ? 
_diffrn_source.pdbx_wavelength_list        1 
# 
_reflns.entry_id                     2D8D 
_reflns.observed_criterion_sigma_I   0.0 
_reflns.observed_criterion_sigma_F   0.0 
_reflns.d_resolution_low             40.0 
_reflns.d_resolution_high            1.15 
_reflns.number_obs                   56929 
_reflns.number_all                   57615 
_reflns.percent_possible_obs         98.6 
_reflns.pdbx_Rmerge_I_obs            0.067 
_reflns.pdbx_Rsym_value              0.051 
_reflns.pdbx_netI_over_sigmaI        10.2 
_reflns.B_iso_Wilson_estimate        9.648 
_reflns.pdbx_redundancy              6.4 
_reflns.R_free_details               ? 
_reflns.limit_h_max                  ? 
_reflns.limit_h_min                  ? 
_reflns.limit_k_max                  ? 
_reflns.limit_k_min                  ? 
_reflns.limit_l_max                  ? 
_reflns.limit_l_min                  ? 
_reflns.observed_criterion_F_max     ? 
_reflns.observed_criterion_F_min     ? 
_reflns.pdbx_chi_squared             ? 
_reflns.pdbx_scaling_rejects         ? 
_reflns.pdbx_ordinal                 1 
_reflns.pdbx_diffrn_id               1 
# 
_reflns_shell.d_res_high             1.15 
_reflns_shell.d_res_low              1.19 
_reflns_shell.percent_possible_all   94.1 
_reflns_shell.Rmerge_I_obs           0.539 
_reflns_shell.pdbx_Rsym_value        ? 
_reflns_shell.meanI_over_sigI_obs    2.6 
_reflns_shell.pdbx_redundancy        4.1 
_reflns_shell.percent_possible_obs   ? 
_reflns_shell.number_unique_all      5091 
_reflns_shell.number_measured_all    ? 
_reflns_shell.number_measured_obs    ? 
_reflns_shell.number_unique_obs      ? 
_reflns_shell.pdbx_chi_squared       ? 
_reflns_shell.pdbx_ordinal           1 
_reflns_shell.pdbx_diffrn_id         1 
# 
_refine.entry_id                                 2D8D 
_refine.ls_number_reflns_obs                     56929 
_refine.ls_number_reflns_all                     57615 
_refine.pdbx_ls_sigma_I                          0.0 
_refine.pdbx_ls_sigma_F                          0.0 
_refine.pdbx_data_cutoff_high_absF               ? 
_refine.pdbx_data_cutoff_low_absF                ? 
_refine.pdbx_data_cutoff_high_rms_absF           ? 
_refine.ls_d_res_low                             29.62 
_refine.ls_d_res_high                            1.15 
_refine.ls_percent_reflns_obs                    98.8 
_refine.ls_R_factor_obs                          0.213 
_refine.ls_R_factor_all                          ? 
_refine.ls_R_factor_R_work                       0.213 
_refine.ls_R_factor_R_free                       0.219 
_refine.ls_R_factor_R_free_error                 ? 
_refine.ls_R_factor_R_free_error_details         ? 
_refine.ls_percent_reflns_R_free                 ? 
_refine.ls_number_reflns_R_free                  2846 
_refine.ls_number_parameters                     ? 
_refine.ls_number_restraints                     ? 
_refine.occupancy_min                            ? 
_refine.occupancy_max                            ? 
_refine.correlation_coeff_Fo_to_Fc               ? 
_refine.correlation_coeff_Fo_to_Fc_free          ? 
_refine.B_iso_mean                               14.4 
_refine.aniso_B[1][1]                            1.16 
_refine.aniso_B[2][2]                            0.31 
_refine.aniso_B[3][3]                            -1.47 
_refine.aniso_B[1][2]                            0.00 
_refine.aniso_B[1][3]                            0.00 
_refine.aniso_B[2][3]                            0.00 
_refine.solvent_model_details                    ? 
_refine.solvent_model_param_ksol                 ? 
_refine.solvent_model_param_bsol                 ? 
_refine.pdbx_solvent_vdw_probe_radii             ? 
_refine.pdbx_solvent_ion_probe_radii             ? 
_refine.pdbx_solvent_shrinkage_radii             ? 
_refine.pdbx_ls_cross_valid_method               THROUGHOUT 
_refine.details                                  ? 
_refine.pdbx_starting_model                      'PDB ENTRY 1ECM' 
_refine.pdbx_method_to_determine_struct          'MOLECULAR REPLACEMENT' 
_refine.pdbx_isotropic_thermal_model             OVERALL 
_refine.pdbx_stereochemistry_target_values       'Engh & Huber' 
_refine.pdbx_stereochem_target_val_spec_case     ? 
_refine.pdbx_R_Free_selection_details            RANDOM 
_refine.pdbx_overall_ESU_R                       ? 
_refine.pdbx_overall_ESU_R_Free                  ? 
_refine.overall_SU_ML                            ? 
_refine.overall_SU_B                             ? 
_refine.ls_redundancy_reflns_obs                 ? 
_refine.B_iso_min                                ? 
_refine.B_iso_max                                ? 
_refine.overall_SU_R_Cruickshank_DPI             ? 
_refine.overall_SU_R_free                        ? 
_refine.ls_wR_factor_R_free                      ? 
_refine.ls_wR_factor_R_work                      ? 
_refine.overall_FOM_free_R_set                   ? 
_refine.overall_FOM_work_R_set                   ? 
_refine.pdbx_refine_id                           'X-RAY DIFFRACTION' 
_refine.pdbx_diffrn_id                           1 
_refine.pdbx_TLS_residual_ADP_flag               ? 
_refine.pdbx_overall_phase_error                 ? 
_refine.pdbx_overall_SU_R_free_Cruickshank_DPI   ? 
_refine.pdbx_overall_SU_R_Blow_DPI               ? 
_refine.pdbx_overall_SU_R_free_Blow_DPI          ? 
# 
_refine_analyze.entry_id                        2D8D 
_refine_analyze.Luzzati_coordinate_error_obs    0.14 
_refine_analyze.Luzzati_sigma_a_obs             0.10 
_refine_analyze.Luzzati_d_res_low_obs           5.00 
_refine_analyze.Luzzati_coordinate_error_free   0.15 
_refine_analyze.Luzzati_sigma_a_free            0.10 
_refine_analyze.Luzzati_d_res_low_free          ? 
_refine_analyze.number_disordered_residues      ? 
_refine_analyze.occupancy_sum_hydrogen          ? 
_refine_analyze.occupancy_sum_non_hydrogen      ? 
_refine_analyze.pdbx_Luzzati_d_res_high_obs     ? 
_refine_analyze.pdbx_refine_id                  'X-RAY DIFFRACTION' 
# 
_refine_hist.pdbx_refine_id                   'X-RAY DIFFRACTION' 
_refine_hist.cycle_id                         LAST 
_refine_hist.pdbx_number_atoms_protein        1357 
_refine_hist.pdbx_number_atoms_nucleic_acid   0 
_refine_hist.pdbx_number_atoms_ligand         1 
_refine_hist.number_atoms_solvent             329 
_refine_hist.number_atoms_total               1687 
_refine_hist.d_res_high                       1.15 
_refine_hist.d_res_low                        29.62 
# 
loop_
_refine_ls_restr.type 
_refine_ls_restr.dev_ideal 
_refine_ls_restr.dev_ideal_target 
_refine_ls_restr.weight 
_refine_ls_restr.number 
_refine_ls_restr.pdbx_refine_id 
_refine_ls_restr.pdbx_restraint_function 
c_bond_d           0.005 ? ? ? 'X-RAY DIFFRACTION' ? 
c_angle_deg        1.0   ? ? ? 'X-RAY DIFFRACTION' ? 
c_dihedral_angle_d 17.3  ? ? ? 'X-RAY DIFFRACTION' ? 
c_improper_angle_d 0.93  ? ? ? 'X-RAY DIFFRACTION' ? 
# 
_refine_ls_shell.pdbx_total_number_of_bins_used   ? 
_refine_ls_shell.d_res_high                       1.15 
_refine_ls_shell.d_res_low                        1.19 
_refine_ls_shell.number_reflns_R_work             ? 
_refine_ls_shell.R_factor_R_work                  0.319 
_refine_ls_shell.percent_reflns_obs               94.1 
_refine_ls_shell.R_factor_R_free                  0.336 
_refine_ls_shell.R_factor_R_free_error            0.020 
_refine_ls_shell.percent_reflns_R_free            ? 
_refine_ls_shell.number_reflns_R_free             273 
_refine_ls_shell.number_reflns_all                ? 
_refine_ls_shell.R_factor_all                     ? 
_refine_ls_shell.number_reflns_obs                5399 
_refine_ls_shell.redundancy_reflns_obs            ? 
_refine_ls_shell.pdbx_refine_id                   'X-RAY DIFFRACTION' 
# 
_struct.entry_id                  2D8D 
_struct.title                     'Structure of Chorismate Mutase (Form I) from Thermus Thermophilus HB8' 
_struct.pdbx_model_details        ? 
_struct.pdbx_CASP_flag            ? 
_struct.pdbx_model_type_details   ? 
# 
_struct_keywords.entry_id        2D8D 
_struct_keywords.pdbx_keywords   ISOMERASE 
_struct_keywords.text            
;Chorismate, Dimer, Structural Genomics, NPPSFA, National Project on Protein Structural and Functional Analyses, RIKEN Structural Genomics/Proteomics Initiative, RSGI, ISOMERASE
;
# 
loop_
_struct_asym.id 
_struct_asym.pdbx_blank_PDB_chainid_flag 
_struct_asym.pdbx_modified 
_struct_asym.entity_id 
_struct_asym.details 
A N N 1 ? 
B N N 1 ? 
C N N 2 ? 
D N N 3 ? 
E N N 3 ? 
# 
_struct_biol.id                    1 
_struct_biol.details               'The biological assembly is a dimer' 
_struct_biol.pdbx_parent_biol_id   ? 
# 
loop_
_struct_conf.conf_type_id 
_struct_conf.id 
_struct_conf.pdbx_PDB_helix_id 
_struct_conf.beg_label_comp_id 
_struct_conf.beg_label_asym_id 
_struct_conf.beg_label_seq_id 
_struct_conf.pdbx_beg_PDB_ins_code 
_struct_conf.end_label_comp_id 
_struct_conf.end_label_asym_id 
_struct_conf.end_label_seq_id 
_struct_conf.pdbx_end_PDB_ins_code 
_struct_conf.beg_auth_comp_id 
_struct_conf.beg_auth_asym_id 
_struct_conf.beg_auth_seq_id 
_struct_conf.end_auth_comp_id 
_struct_conf.end_auth_asym_id 
_struct_conf.end_auth_seq_id 
_struct_conf.pdbx_PDB_helix_class 
_struct_conf.details 
_struct_conf.pdbx_PDB_helix_length 
HELX_P HELX_P1 1 GLU A 3  ? GLY A 41 ? GLU A 3  GLY A 41 1 ? 39 
HELX_P HELX_P2 2 ASP A 46 ? ASN A 61 ? ASP A 46 ASN A 61 1 ? 16 
HELX_P HELX_P3 3 PRO A 66 ? SER A 81 ? PRO A 66 SER A 81 1 ? 16 
HELX_P HELX_P4 4 GLU B 3  ? GLY B 41 ? GLU B 3  GLY B 41 1 ? 39 
HELX_P HELX_P5 5 ASP B 46 ? ASN B 61 ? ASP B 46 ASN B 61 1 ? 16 
HELX_P HELX_P6 6 PRO B 66 ? GLU B 85 ? PRO B 66 GLU B 85 1 ? 20 
# 
_struct_conf_type.id          HELX_P 
_struct_conf_type.criteria    ? 
_struct_conf_type.reference   ? 
# 
loop_
_struct_mon_prot_cis.pdbx_id 
_struct_mon_prot_cis.label_comp_id 
_struct_mon_prot_cis.label_seq_id 
_struct_mon_prot_cis.label_asym_id 
_struct_mon_prot_cis.label_alt_id 
_struct_mon_prot_cis.pdbx_PDB_ins_code 
_struct_mon_prot_cis.auth_comp_id 
_struct_mon_prot_cis.auth_seq_id 
_struct_mon_prot_cis.auth_asym_id 
_struct_mon_prot_cis.pdbx_label_comp_id_2 
_struct_mon_prot_cis.pdbx_label_seq_id_2 
_struct_mon_prot_cis.pdbx_label_asym_id_2 
_struct_mon_prot_cis.pdbx_PDB_ins_code_2 
_struct_mon_prot_cis.pdbx_auth_comp_id_2 
_struct_mon_prot_cis.pdbx_auth_seq_id_2 
_struct_mon_prot_cis.pdbx_auth_asym_id_2 
_struct_mon_prot_cis.pdbx_PDB_model_num 
_struct_mon_prot_cis.pdbx_omega_angle 
1 GLY 63 A . ? GLY 63 A PRO 64 A ? PRO 64 A 1 -0.16 
2 GLY 63 B . ? GLY 63 B PRO 64 B ? PRO 64 B 1 0.34  
# 
_struct_site.id                   AC1 
_struct_site.pdbx_evidence_code   Software 
_struct_site.pdbx_auth_asym_id    A 
_struct_site.pdbx_auth_comp_id    CL 
_struct_site.pdbx_auth_seq_id     91 
_struct_site.pdbx_auth_ins_code   ? 
_struct_site.pdbx_num_residues    3 
_struct_site.details              'BINDING SITE FOR RESIDUE CL A 91' 
# 
loop_
_struct_site_gen.id 
_struct_site_gen.site_id 
_struct_site_gen.pdbx_num_res 
_struct_site_gen.label_comp_id 
_struct_site_gen.label_asym_id 
_struct_site_gen.label_seq_id 
_struct_site_gen.pdbx_auth_ins_code 
_struct_site_gen.auth_comp_id 
_struct_site_gen.auth_asym_id 
_struct_site_gen.auth_seq_id 
_struct_site_gen.label_atom_id 
_struct_site_gen.label_alt_id 
_struct_site_gen.symmetry 
_struct_site_gen.details 
1 AC1 3 ARG A 49 ? ARG A 49  . ? 1_555 ? 
2 AC1 3 HOH D .  ? HOH A 197 . ? 1_555 ? 
3 AC1 3 HOH E .  ? HOH B 163 . ? 1_555 ? 
# 
_atom_sites.entry_id                    2D8D 
_atom_sites.fract_transf_matrix[1][1]   -0.00462526 
_atom_sites.fract_transf_matrix[1][2]   -0.02219727 
_atom_sites.fract_transf_matrix[1][3]   -0.00211001 
_atom_sites.fract_transf_matrix[2][1]   0.01087538 
_atom_sites.fract_transf_matrix[2][2]   -0.00387882 
_atom_sites.fract_transf_matrix[2][3]   0.01696565 
_atom_sites.fract_transf_matrix[3][1]   -0.01103788 
_atom_sites.fract_transf_matrix[3][2]   0.00159278 
_atom_sites.fract_transf_matrix[3][3]   0.00743970 
_atom_sites.fract_transf_vector[1]      0.194916 
_atom_sites.fract_transf_vector[2]      0.257565 
_atom_sites.fract_transf_vector[3]      0.243526 
# 
loop_
_atom_type.symbol 
C  
CL 
N  
O  
S  
# 
loop_
_atom_site.group_PDB 
_atom_site.id 
_atom_site.type_symbol 
_atom_site.label_atom_id 
_atom_site.label_alt_id 
_atom_site.label_comp_id 
_atom_site.label_asym_id 
_atom_site.label_entity_id 
_atom_site.label_seq_id 
_atom_site.pdbx_PDB_ins_code 
_atom_site.Cartn_x 
_atom_site.Cartn_y 
_atom_site.Cartn_z 
_atom_site.occupancy 
_atom_site.B_iso_or_equiv 
_atom_site.pdbx_formal_charge 
_atom_site.auth_seq_id 
_atom_site.auth_comp_id 
_atom_site.auth_asym_id 
_atom_site.auth_atom_id 
_atom_site.pdbx_PDB_model_num 
ATOM   1    N  N   . GLU A 1 3  ? -21.068 13.004  9.875   1.00 19.47 ? 3   GLU A N   1 
ATOM   2    C  CA  . GLU A 1 3  ? -20.696 13.053  11.318  1.00 14.60 ? 3   GLU A CA  1 
ATOM   3    C  C   . GLU A 1 3  ? -19.190 12.913  11.505  1.00 13.02 ? 3   GLU A C   1 
ATOM   4    O  O   . GLU A 1 3  ? -18.413 13.245  10.610  1.00 13.27 ? 3   GLU A O   1 
ATOM   5    C  CB  . GLU A 1 3  ? -21.421 11.941  12.082  1.00 14.75 ? 3   GLU A CB  1 
ATOM   6    C  CG  . GLU A 1 3  ? -21.207 10.546  11.511  1.00 17.46 ? 3   GLU A CG  1 
ATOM   7    C  CD  . GLU A 1 3  ? -21.999 9.481   12.249  1.00 18.91 ? 3   GLU A CD  1 
ATOM   8    O  OE1 . GLU A 1 3  ? -21.685 9.208   13.427  1.00 21.26 ? 3   GLU A OE1 1 
ATOM   9    O  OE2 . GLU A 1 3  ? -22.939 8.916   11.651  1.00 18.46 ? 3   GLU A OE2 1 
ATOM   10   N  N   . ARG A 1 4  ? -18.784 12.431  12.675  1.00 11.42 ? 4   ARG A N   1 
ATOM   11   C  CA  . ARG A 1 4  ? -17.368 12.245  12.969  1.00 10.52 ? 4   ARG A CA  1 
ATOM   12   C  C   . ARG A 1 4  ? -16.803 11.122  12.110  1.00 10.56 ? 4   ARG A C   1 
ATOM   13   O  O   . ARG A 1 4  ? -15.693 11.230  11.586  1.00 10.46 ? 4   ARG A O   1 
ATOM   14   C  CB  . ARG A 1 4  ? -17.177 11.923  14.451  1.00 11.15 ? 4   ARG A CB  1 
ATOM   15   C  CG  . ARG A 1 4  ? -17.614 13.041  15.384  1.00 11.99 ? 4   ARG A CG  1 
ATOM   16   C  CD  . ARG A 1 4  ? -17.658 12.561  16.820  1.00 13.40 ? 4   ARG A CD  1 
ATOM   17   N  NE  . ARG A 1 4  ? -18.707 11.567  17.015  1.00 13.07 ? 4   ARG A NE  1 
ATOM   18   C  CZ  . ARG A 1 4  ? -18.936 10.936  18.163  1.00 14.19 ? 4   ARG A CZ  1 
ATOM   19   N  NH1 . ARG A 1 4  ? -18.186 11.192  19.224  1.00 15.76 ? 4   ARG A NH1 1 
ATOM   20   N  NH2 . ARG A 1 4  ? -19.918 10.050  18.247  1.00 15.96 ? 4   ARG A NH2 1 
ATOM   21   N  N   . ILE A 1 5  ? -17.560 10.039  11.971  1.00 9.66  ? 5   ILE A N   1 
ATOM   22   C  CA  . ILE A 1 5  ? -17.114 8.927   11.147  1.00 10.30 ? 5   ILE A CA  1 
ATOM   23   C  C   . ILE A 1 5  ? -17.062 9.381   9.691   1.00 10.86 ? 5   ILE A C   1 
ATOM   24   O  O   . ILE A 1 5  ? -16.129 9.040   8.964   1.00 11.30 ? 5   ILE A O   1 
ATOM   25   C  CB  . ILE A 1 5  ? -18.053 7.711   11.289  1.00 10.36 ? 5   ILE A CB  1 
ATOM   26   C  CG1 . ILE A 1 5  ? -17.915 7.122   12.695  1.00 12.49 ? 5   ILE A CG1 1 
ATOM   27   C  CG2 . ILE A 1 5  ? -17.722 6.662   10.232  1.00 12.10 ? 5   ILE A CG2 1 
ATOM   28   C  CD1 . ILE A 1 5  ? -18.804 5.930   12.965  1.00 12.08 ? 5   ILE A CD1 1 
ATOM   29   N  N   . GLN A 1 6  ? -18.055 10.160  9.271   1.00 10.93 ? 6   GLN A N   1 
ATOM   30   C  CA  . GLN A 1 6  ? -18.086 10.660  7.903   1.00 12.39 ? 6   GLN A CA  1 
ATOM   31   C  C   . GLN A 1 6  ? -16.851 11.516  7.641   1.00 11.18 ? 6   GLN A C   1 
ATOM   32   O  O   . GLN A 1 6  ? -16.246 11.437  6.570   1.00 11.29 ? 6   GLN A O   1 
ATOM   33   C  CB  . GLN A 1 6  ? -19.348 11.491  7.662   1.00 14.41 ? 6   GLN A CB  1 
ATOM   34   C  CG  . GLN A 1 6  ? -19.461 12.029  6.242   1.00 20.49 ? 6   GLN A CG  1 
ATOM   35   C  CD  . GLN A 1 6  ? -20.727 12.833  6.014   1.00 22.66 ? 6   GLN A CD  1 
ATOM   36   O  OE1 . GLN A 1 6  ? -21.553 12.977  6.916   1.00 25.99 ? 6   GLN A OE1 1 
ATOM   37   N  NE2 . GLN A 1 6  ? -20.886 13.362  4.806   1.00 25.22 ? 6   GLN A NE2 1 
ATOM   38   N  N   . ALA A 1 7  ? -16.475 12.329  8.625   1.00 11.55 ? 7   ALA A N   1 
ATOM   39   C  CA  . ALA A 1 7  ? -15.306 13.192  8.494   1.00 10.37 ? 7   ALA A CA  1 
ATOM   40   C  C   . ALA A 1 7  ? -14.033 12.359  8.383   1.00 10.52 ? 7   ALA A C   1 
ATOM   41   O  O   . ALA A 1 7  ? -13.171 12.635  7.548   1.00 10.58 ? 7   ALA A O   1 
ATOM   42   C  CB  . ALA A 1 7  ? -15.215 14.135  9.688   1.00 11.55 ? 7   ALA A CB  1 
ATOM   43   N  N   . LEU A 1 8  ? -13.917 11.334  9.221   1.00 9.97  ? 8   LEU A N   1 
ATOM   44   C  CA  . LEU A 1 8  ? -12.745 10.471  9.194   1.00 9.69  ? 8   LEU A CA  1 
ATOM   45   C  C   . LEU A 1 8  ? -12.656 9.704   7.876   1.00 9.13  ? 8   LEU A C   1 
ATOM   46   O  O   . LEU A 1 8  ? -11.561 9.463   7.367   1.00 9.34  ? 8   LEU A O   1 
ATOM   47   C  CB  . LEU A 1 8  ? -12.780 9.498   10.375  1.00 9.70  ? 8   LEU A CB  1 
ATOM   48   C  CG  . LEU A 1 8  ? -12.503 10.130  11.744  1.00 9.48  ? 8   LEU A CG  1 
ATOM   49   C  CD1 . LEU A 1 8  ? -12.895 9.170   12.856  1.00 10.74 ? 8   LEU A CD1 1 
ATOM   50   C  CD2 . LEU A 1 8  ? -11.034 10.510  11.839  1.00 10.70 ? 8   LEU A CD2 1 
ATOM   51   N  N   . ARG A 1 9  ? -13.803 9.324   7.322   1.00 9.65  ? 9   ARG A N   1 
ATOM   52   C  CA  . ARG A 1 9  ? -13.805 8.606   6.055   1.00 9.99  ? 9   ARG A CA  1 
ATOM   53   C  C   . ARG A 1 9  ? -13.250 9.488   4.941   1.00 9.83  ? 9   ARG A C   1 
ATOM   54   O  O   . ARG A 1 9  ? -12.618 8.991   4.008   1.00 9.38  ? 9   ARG A O   1 
ATOM   55   C  CB  . ARG A 1 9  ? -15.215 8.117   5.710   1.00 11.22 ? 9   ARG A CB  1 
ATOM   56   C  CG  . ARG A 1 9  ? -15.634 6.883   6.503   1.00 12.74 ? 9   ARG A CG  1 
ATOM   57   C  CD  . ARG A 1 9  ? -16.952 6.310   6.008   1.00 15.08 ? 9   ARG A CD  1 
ATOM   58   N  NE  . ARG A 1 9  ? -17.247 5.010   6.606   1.00 17.72 ? 9   ARG A NE  1 
ATOM   59   C  CZ  . ARG A 1 9  ? -18.285 4.252   6.266   1.00 17.61 ? 9   ARG A CZ  1 
ATOM   60   N  NH1 . ARG A 1 9  ? -19.130 4.666   5.332   1.00 17.72 ? 9   ARG A NH1 1 
ATOM   61   N  NH2 . ARG A 1 9  ? -18.473 3.077   6.851   1.00 19.25 ? 9   ARG A NH2 1 
ATOM   62   N  N   . LYS A 1 10 ? -13.476 10.795  5.038   1.00 9.71  ? 10  LYS A N   1 
ATOM   63   C  CA  . LYS A 1 10 ? -12.952 11.724  4.040   1.00 10.50 ? 10  LYS A CA  1 
ATOM   64   C  C   . LYS A 1 10 ? -11.430 11.713  4.123   1.00 9.55  ? 10  LYS A C   1 
ATOM   65   O  O   . LYS A 1 10 ? -10.741 11.794  3.107   1.00 9.76  ? 10  LYS A O   1 
ATOM   66   C  CB  . LYS A 1 10 ? -13.469 13.141  4.291   1.00 12.85 ? 10  LYS A CB  1 
ATOM   67   C  CG  . LYS A 1 10 ? -14.787 13.464  3.610   1.00 17.66 ? 10  LYS A CG  1 
ATOM   68   C  CD  . LYS A 1 10 ? -15.206 14.902  3.885   1.00 21.21 ? 10  LYS A CD  1 
ATOM   69   C  CE  . LYS A 1 10 ? -14.171 15.917  3.409   1.00 22.76 ? 10  LYS A CE  1 
ATOM   70   N  NZ  . LYS A 1 10 ? -14.050 15.970  1.926   1.00 25.35 ? 10  LYS A NZ  1 
ATOM   71   N  N   . GLU A 1 11 ? -10.905 11.623  5.339   1.00 9.03  ? 11  GLU A N   1 
ATOM   72   C  CA  . GLU A 1 11 ? -9.465  11.576  5.523   1.00 9.66  ? 11  GLU A CA  1 
ATOM   73   C  C   . GLU A 1 11 ? -8.922  10.266  4.974   1.00 8.70  ? 11  GLU A C   1 
ATOM   74   O  O   . GLU A 1 11 ? -7.837  10.228  4.389   1.00 9.22  ? 11  GLU A O   1 
ATOM   75   C  CB  . GLU A 1 11 ? -9.116  11.719  7.001   1.00 11.00 ? 11  GLU A CB  1 
ATOM   76   C  CG  . GLU A 1 11 ? -9.448  13.092  7.539   1.00 15.12 ? 11  GLU A CG  1 
ATOM   77   C  CD  . GLU A 1 11 ? -8.747  14.194  6.772   1.00 18.87 ? 11  GLU A CD  1 
ATOM   78   O  OE1 . GLU A 1 11 ? -7.500  14.159  6.684   1.00 21.80 ? 11  GLU A OE1 1 
ATOM   79   O  OE2 . GLU A 1 11 ? -9.443  15.093  6.256   1.00 22.68 ? 11  GLU A OE2 1 
ATOM   80   N  N   . VAL A 1 12 ? -9.679  9.190   5.155   1.00 9.07  ? 12  VAL A N   1 
ATOM   81   C  CA  . VAL A 1 12 ? -9.262  7.896   4.638   1.00 7.70  ? 12  VAL A CA  1 
ATOM   82   C  C   . VAL A 1 12 ? -9.230  7.964   3.110   1.00 7.36  ? 12  VAL A C   1 
ATOM   83   O  O   . VAL A 1 12 ? -8.317  7.424   2.487   1.00 7.28  ? 12  VAL A O   1 
ATOM   84   C  CB  . VAL A 1 12 ? -10.205 6.760   5.103   1.00 8.24  ? 12  VAL A CB  1 
ATOM   85   C  CG1 . VAL A 1 12 ? -9.917  5.488   4.318   1.00 8.51  ? 12  VAL A CG1 1 
ATOM   86   C  CG2 . VAL A 1 12 ? -10.007 6.500   6.591   1.00 8.41  ? 12  VAL A CG2 1 
ATOM   87   N  N   . ASP A 1 13 ? -10.209 8.636   2.506   1.00 7.07  ? 13  ASP A N   1 
ATOM   88   C  CA  . ASP A 1 13 ? -10.239 8.773   1.047   1.00 7.54  ? 13  ASP A CA  1 
ATOM   89   C  C   . ASP A 1 13 ? -8.962  9.459   0.563   1.00 7.32  ? 13  ASP A C   1 
ATOM   90   O  O   . ASP A 1 13 ? -8.348  9.044   -0.421  1.00 7.55  ? 13  ASP A O   1 
ATOM   91   C  CB  . ASP A 1 13 ? -11.428 9.623   0.584   1.00 8.45  ? 13  ASP A CB  1 
ATOM   92   C  CG  . ASP A 1 13 ? -12.765 8.933   0.760   1.00 9.41  ? 13  ASP A CG  1 
ATOM   93   O  OD1 . ASP A 1 13 ? -12.811 7.687   0.804   1.00 9.95  ? 13  ASP A OD1 1 
ATOM   94   O  OD2 . ASP A 1 13 ? -13.781 9.657   0.831   1.00 11.46 ? 13  ASP A OD2 1 
ATOM   95   N  N   . ARG A 1 14 ? -8.585  10.528  1.254   1.00 7.41  ? 14  ARG A N   1 
ATOM   96   C  CA  . ARG A 1 14 ? -7.394  11.288  0.907   1.00 8.18  ? 14  ARG A CA  1 
ATOM   97   C  C   . ARG A 1 14 ? -6.150  10.404  0.954   1.00 6.80  ? 14  ARG A C   1 
ATOM   98   O  O   . ARG A 1 14 ? -5.322  10.424  0.038   1.00 7.50  ? 14  ARG A O   1 
ATOM   99   C  CB  . ARG A 1 14 ? -7.243  12.460  1.877   1.00 9.70  ? 14  ARG A CB  1 
ATOM   100  C  CG  . ARG A 1 14 ? -6.109  13.398  1.549   1.00 14.29 ? 14  ARG A CG  1 
ATOM   101  C  CD  . ARG A 1 14 ? -6.361  14.104  0.237   1.00 21.18 ? 14  ARG A CD  1 
ATOM   102  N  NE  . ARG A 1 14 ? -5.210  14.895  -0.189  1.00 24.34 ? 14  ARG A NE  1 
ATOM   103  C  CZ  . ARG A 1 14 ? -3.972  14.419  -0.263  1.00 24.91 ? 14  ARG A CZ  1 
ATOM   104  N  NH1 . ARG A 1 14 ? -3.735  13.159  0.065   1.00 27.63 ? 14  ARG A NH1 1 
ATOM   105  N  NH2 . ARG A 1 14 ? -2.978  15.198  -0.662  1.00 27.47 ? 14  ARG A NH2 1 
ATOM   106  N  N   . VAL A 1 15 ? -6.029  9.624   2.024   1.00 6.81  ? 15  VAL A N   1 
ATOM   107  C  CA  . VAL A 1 15 ? -4.894  8.733   2.196   1.00 7.29  ? 15  VAL A CA  1 
ATOM   108  C  C   . VAL A 1 15 ? -4.919  7.618   1.150   1.00 6.80  ? 15  VAL A C   1 
ATOM   109  O  O   . VAL A 1 15 ? -3.874  7.252   0.615   1.00 6.58  ? 15  VAL A O   1 
ATOM   110  C  CB  . VAL A 1 15 ? -4.869  8.146   3.630   1.00 8.10  ? 15  VAL A CB  1 
ATOM   111  C  CG1 . VAL A 1 15 ? -3.794  7.081   3.744   1.00 9.87  ? 15  VAL A CG1 1 
ATOM   112  C  CG2 . VAL A 1 15 ? -4.601  9.262   4.640   1.00 9.19  ? 15  VAL A CG2 1 
ATOM   113  N  N   . ASN A 1 16 ? -6.103  7.082   0.851   1.00 6.83  ? 16  ASN A N   1 
ATOM   114  C  CA  . ASN A 1 16 ? -6.229  6.034   -0.166  1.00 6.45  ? 16  ASN A CA  1 
ATOM   115  C  C   . ASN A 1 16 ? -5.652  6.540   -1.483  1.00 5.80  ? 16  ASN A C   1 
ATOM   116  O  O   . ASN A 1 16 ? -4.906  5.835   -2.166  1.00 6.05  ? 16  ASN A O   1 
ATOM   117  C  CB  . ASN A 1 16 ? -7.695  5.681   -0.445  1.00 6.29  ? 16  ASN A CB  1 
ATOM   118  C  CG  . ASN A 1 16 ? -8.300  4.732   0.572   1.00 7.73  ? 16  ASN A CG  1 
ATOM   119  O  OD1 . ASN A 1 16 ? -7.596  4.065   1.332   1.00 8.26  ? 16  ASN A OD1 1 
ATOM   120  N  ND2 . ASN A 1 16 ? -9.628  4.647   0.565   1.00 7.78  ? 16  ASN A ND2 1 
ATOM   121  N  N   . ARG A 1 17 ? -6.029  7.758   -1.851  1.00 6.46  ? 17  ARG A N   1 
ATOM   122  C  CA  . ARG A 1 17 ? -5.569  8.331   -3.102  1.00 6.15  ? 17  ARG A CA  1 
ATOM   123  C  C   . ARG A 1 17 ? -4.067  8.570   -3.112  1.00 6.47  ? 17  ARG A C   1 
ATOM   124  O  O   . ARG A 1 17 ? -3.420  8.412   -4.149  1.00 6.90  ? 17  ARG A O   1 
ATOM   125  C  CB  . ARG A 1 17 ? -6.363  9.604   -3.409  1.00 7.51  ? 17  ARG A CB  1 
ATOM   126  C  CG  . ARG A 1 17 ? -7.801  9.284   -3.812  1.00 7.08  ? 17  ARG A CG  1 
ATOM   127  C  CD  . ARG A 1 17 ? -8.647  10.524  -4.048  1.00 8.24  ? 17  ARG A CD  1 
ATOM   128  N  NE  . ARG A 1 17 ? -9.870  10.192  -4.781  1.00 8.51  ? 17  ARG A NE  1 
ATOM   129  C  CZ  . ARG A 1 17 ? -11.102 10.244  -4.282  1.00 8.04  ? 17  ARG A CZ  1 
ATOM   130  N  NH1 . ARG A 1 17 ? -11.314 10.622  -3.031  1.00 8.52  ? 17  ARG A NH1 1 
ATOM   131  N  NH2 . ARG A 1 17 ? -12.129 9.905   -5.047  1.00 8.31  ? 17  ARG A NH2 1 
ATOM   132  N  N   . GLU A 1 18 ? -3.502  8.932   -1.965  1.00 6.67  ? 18  GLU A N   1 
ATOM   133  C  CA  . GLU A 1 18 ? -2.062  9.126   -1.884  1.00 7.01  ? 18  GLU A CA  1 
ATOM   134  C  C   . GLU A 1 18 ? -1.368  7.779   -2.072  1.00 6.52  ? 18  GLU A C   1 
ATOM   135  O  O   . GLU A 1 18 ? -0.341  7.689   -2.739  1.00 7.22  ? 18  GLU A O   1 
ATOM   136  C  CB  . GLU A 1 18 ? -1.667  9.720   -0.531  1.00 8.69  ? 18  GLU A CB  1 
ATOM   137  C  CG  . GLU A 1 18 ? -1.845  11.217  -0.433  1.00 12.99 ? 18  GLU A CG  1 
ATOM   138  C  CD  . GLU A 1 18 ? -1.236  11.794  0.829   1.00 17.60 ? 18  GLU A CD  1 
ATOM   139  O  OE1 . GLU A 1 18 ? -0.050  11.519  1.096   1.00 20.38 ? 18  GLU A OE1 1 
ATOM   140  O  OE2 . GLU A 1 18 ? -1.939  12.529  1.554   1.00 22.28 ? 18  GLU A OE2 1 
ATOM   141  N  N   . ILE A 1 19 ? -1.930  6.731   -1.479  1.00 5.93  ? 19  ILE A N   1 
ATOM   142  C  CA  . ILE A 1 19 ? -1.358  5.398   -1.606  1.00 6.29  ? 19  ILE A CA  1 
ATOM   143  C  C   . ILE A 1 19 ? -1.406  4.957   -3.070  1.00 5.85  ? 19  ILE A C   1 
ATOM   144  O  O   . ILE A 1 19 ? -0.445  4.376   -3.579  1.00 6.30  ? 19  ILE A O   1 
ATOM   145  C  CB  . ILE A 1 19 ? -2.113  4.381   -0.705  1.00 6.24  ? 19  ILE A CB  1 
ATOM   146  C  CG1 . ILE A 1 19 ? -1.855  4.719   0.770   1.00 7.34  ? 19  ILE A CG1 1 
ATOM   147  C  CG2 . ILE A 1 19 ? -1.667  2.956   -1.022  1.00 7.02  ? 19  ILE A CG2 1 
ATOM   148  C  CD1 . ILE A 1 19 ? -2.702  3.930   1.757   1.00 8.33  ? 19  ILE A CD1 1 
ATOM   149  N  N   . LEU A 1 20 ? -2.514  5.243   -3.750  1.00 6.13  ? 20  LEU A N   1 
ATOM   150  C  CA  . LEU A 1 20 ? -2.636  4.881   -5.160  1.00 6.25  ? 20  LEU A CA  1 
ATOM   151  C  C   . LEU A 1 20 ? -1.529  5.564   -5.969  1.00 6.32  ? 20  LEU A C   1 
ATOM   152  O  O   . LEU A 1 20 ? -0.909  4.942   -6.834  1.00 6.66  ? 20  LEU A O   1 
ATOM   153  C  CB  . LEU A 1 20 ? -4.010  5.290   -5.708  1.00 7.01  ? 20  LEU A CB  1 
ATOM   154  C  CG  . LEU A 1 20 ? -4.225  5.078   -7.214  1.00 7.13  ? 20  LEU A CG  1 
ATOM   155  C  CD1 . LEU A 1 20 ? -4.074  3.602   -7.568  1.00 9.50  ? 20  LEU A CD1 1 
ATOM   156  C  CD2 . LEU A 1 20 ? -5.606  5.583   -7.609  1.00 9.26  ? 20  LEU A CD2 1 
ATOM   157  N  N   . ARG A 1 21 ? -1.277  6.836   -5.680  1.00 6.18  ? 21  ARG A N   1 
ATOM   158  C  CA  . ARG A 1 21 ? -0.241  7.581   -6.387  1.00 7.10  ? 21  ARG A CA  1 
ATOM   159  C  C   . ARG A 1 21 ? 1.138   6.976   -6.132  1.00 6.71  ? 21  ARG A C   1 
ATOM   160  O  O   . ARG A 1 21 ? 1.928   6.805   -7.062  1.00 6.77  ? 21  ARG A O   1 
ATOM   161  C  CB  . ARG A 1 21 ? -0.246  9.049   -5.948  1.00 9.00  ? 21  ARG A CB  1 
ATOM   162  C  CG  . ARG A 1 21 ? 0.851   9.886   -6.592  1.00 13.01 ? 21  ARG A CG  1 
ATOM   163  C  CD  . ARG A 1 21 ? 0.779   11.343  -6.167  1.00 16.87 ? 21  ARG A CD  1 
ATOM   164  N  NE  . ARG A 1 21 ? 1.778   12.155  -6.856  1.00 22.23 ? 21  ARG A NE  1 
ATOM   165  C  CZ  . ARG A 1 21 ? 1.912   13.468  -6.698  1.00 22.83 ? 21  ARG A CZ  1 
ATOM   166  N  NH1 . ARG A 1 21 ? 1.109   14.123  -5.871  1.00 25.68 ? 21  ARG A NH1 1 
ATOM   167  N  NH2 . ARG A 1 21 ? 2.849   14.127  -7.367  1.00 25.16 ? 21  ARG A NH2 1 
ATOM   168  N  N   . LEU A 1 22 ? 1.431   6.660   -4.874  1.00 6.70  ? 22  LEU A N   1 
ATOM   169  C  CA  . LEU A 1 22 ? 2.726   6.085   -4.526  1.00 6.51  ? 22  LEU A CA  1 
ATOM   170  C  C   . LEU A 1 22 ? 2.918   4.681   -5.089  1.00 6.38  ? 22  LEU A C   1 
ATOM   171  O  O   . LEU A 1 22 ? 4.014   4.334   -5.526  1.00 6.78  ? 22  LEU A O   1 
ATOM   172  C  CB  . LEU A 1 22 ? 2.924   6.092   -3.008  1.00 8.86  ? 22  LEU A CB  1 
ATOM   173  C  CG  . LEU A 1 22 ? 3.552   7.373   -2.434  1.00 12.25 ? 22  LEU A CG  1 
ATOM   174  C  CD1 . LEU A 1 22 ? 4.999   7.486   -2.902  1.00 13.54 ? 22  LEU A CD1 1 
ATOM   175  C  CD2 . LEU A 1 22 ? 2.754   8.596   -2.860  1.00 15.68 ? 22  LEU A CD2 1 
ATOM   176  N  N   . LEU A 1 23 ? 1.867   3.871   -5.083  1.00 6.47  ? 23  LEU A N   1 
ATOM   177  C  CA  . LEU A 1 23 ? 1.971   2.530   -5.649  1.00 6.82  ? 23  LEU A CA  1 
ATOM   178  C  C   . LEU A 1 23 ? 2.284   2.649   -7.136  1.00 7.48  ? 23  LEU A C   1 
ATOM   179  O  O   . LEU A 1 23 ? 3.121   1.923   -7.668  1.00 7.45  ? 23  LEU A O   1 
ATOM   180  C  CB  . LEU A 1 23 ? 0.659   1.765   -5.474  1.00 7.73  ? 23  LEU A CB  1 
ATOM   181  C  CG  . LEU A 1 23 ? 0.324   1.244   -4.078  1.00 8.30  ? 23  LEU A CG  1 
ATOM   182  C  CD1 . LEU A 1 23 ? -1.089  0.685   -4.082  1.00 9.93  ? 23  LEU A CD1 1 
ATOM   183  C  CD2 . LEU A 1 23 ? 1.319   0.168   -3.668  1.00 10.02 ? 23  LEU A CD2 1 
ATOM   184  N  N   . SER A 1 24 ? 1.611   3.576   -7.806  1.00 7.37  ? 24  SER A N   1 
ATOM   185  C  CA  . SER A 1 24 ? 1.821   3.768   -9.233  1.00 7.56  ? 24  SER A CA  1 
ATOM   186  C  C   . SER A 1 24 ? 3.240   4.255   -9.511  1.00 7.29  ? 24  SER A C   1 
ATOM   187  O  O   . SER A 1 24 ? 3.872   3.819   -10.475 1.00 7.91  ? 24  SER A O   1 
ATOM   188  C  CB  . SER A 1 24 ? 0.783   4.746   -9.782  1.00 8.48  ? 24  SER A CB  1 
ATOM   189  O  OG  . SER A 1 24 ? -0.522  4.206   -9.630  1.00 8.09  ? 24  SER A OG  1 
ATOM   190  N  N   . GLU A 1 25 ? 3.742   5.155   -8.670  1.00 7.73  ? 25  GLU A N   1 
ATOM   191  C  CA  . GLU A 1 25 ? 5.104   5.648   -8.829  1.00 8.18  ? 25  GLU A CA  1 
ATOM   192  C  C   . GLU A 1 25 ? 6.078   4.482   -8.669  1.00 6.94  ? 25  GLU A C   1 
ATOM   193  O  O   . GLU A 1 25 ? 7.040   4.361   -9.427  1.00 7.19  ? 25  GLU A O   1 
ATOM   194  C  CB  . GLU A 1 25 ? 5.408   6.730   -7.789  1.00 9.47  ? 25  GLU A CB  1 
ATOM   195  C  CG  . GLU A 1 25 ? 6.863   7.179   -7.762  1.00 14.00 ? 25  GLU A CG  1 
ATOM   196  C  CD  . GLU A 1 25 ? 7.108   8.313   -6.782  1.00 16.40 ? 25  GLU A CD  1 
ATOM   197  O  OE1 . GLU A 1 25 ? 6.276   8.509   -5.872  1.00 19.34 ? 25  GLU A OE1 1 
ATOM   198  O  OE2 . GLU A 1 25 ? 8.144   8.999   -6.913  1.00 19.01 ? 25  GLU A OE2 1 
ATOM   199  N  N   . ARG A 1 26 ? 5.823   3.620   -7.686  1.00 6.50  ? 26  ARG A N   1 
ATOM   200  C  CA  . ARG A 1 26 ? 6.691   2.474   -7.464  1.00 6.44  ? 26  ARG A CA  1 
ATOM   201  C  C   . ARG A 1 26 ? 6.683   1.582   -8.703  1.00 6.60  ? 26  ARG A C   1 
ATOM   202  O  O   . ARG A 1 26 ? 7.720   1.051   -9.105  1.00 7.59  ? 26  ARG A O   1 
ATOM   203  C  CB  . ARG A 1 26 ? 6.232   1.668   -6.245  1.00 7.23  ? 26  ARG A CB  1 
ATOM   204  C  CG  . ARG A 1 26 ? 7.302   0.709   -5.763  1.00 7.84  ? 26  ARG A CG  1 
ATOM   205  C  CD  . ARG A 1 26 ? 6.838   -0.201  -4.632  1.00 7.55  ? 26  ARG A CD  1 
ATOM   206  N  NE  . ARG A 1 26 ? 7.965   -0.977  -4.120  1.00 8.58  ? 26  ARG A NE  1 
ATOM   207  C  CZ  . ARG A 1 26 ? 8.472   -2.055  -4.711  1.00 8.24  ? 26  ARG A CZ  1 
ATOM   208  N  NH1 . ARG A 1 26 ? 7.943   -2.517  -5.835  1.00 8.45  ? 26  ARG A NH1 1 
ATOM   209  N  NH2 . ARG A 1 26 ? 9.553   -2.637  -4.210  1.00 9.35  ? 26  ARG A NH2 1 
ATOM   210  N  N   . GLY A 1 27 ? 5.509   1.423   -9.307  1.00 7.73  ? 27  GLY A N   1 
ATOM   211  C  CA  . GLY A 1 27 ? 5.392   0.603   -10.501 1.00 8.17  ? 27  GLY A CA  1 
ATOM   212  C  C   . GLY A 1 27 ? 6.241   1.142   -11.639 1.00 8.06  ? 27  GLY A C   1 
ATOM   213  O  O   . GLY A 1 27 ? 6.931   0.380   -12.325 1.00 8.51  ? 27  GLY A O   1 
ATOM   214  N  N   . ARG A 1 28 ? 6.194   2.455   -11.847 1.00 8.43  ? 28  ARG A N   1 
ATOM   215  C  CA  . ARG A 1 28 ? 6.978   3.076   -12.908 1.00 7.99  ? 28  ARG A CA  1 
ATOM   216  C  C   . ARG A 1 28 ? 8.471   2.876   -12.663 1.00 7.45  ? 28  ARG A C   1 
ATOM   217  O  O   . ARG A 1 28 ? 9.226   2.611   -13.597 1.00 7.98  ? 28  ARG A O   1 
ATOM   218  C  CB  . ARG A 1 28 ? 6.673   4.575   -13.008 1.00 9.28  ? 28  ARG A CB  1 
ATOM   219  C  CG  . ARG A 1 28 ? 5.237   4.916   -13.400 1.00 11.66 ? 28  ARG A CG  1 
ATOM   220  C  CD  . ARG A 1 28 ? 5.122   6.372   -13.858 1.00 16.10 ? 28  ARG A CD  1 
ATOM   221  N  NE  . ARG A 1 28 ? 5.505   7.330   -12.821 1.00 17.78 ? 28  ARG A NE  1 
ATOM   222  C  CZ  . ARG A 1 28 ? 4.721   7.711   -11.815 1.00 18.40 ? 28  ARG A CZ  1 
ATOM   223  N  NH1 . ARG A 1 28 ? 3.493   7.221   -11.697 1.00 17.01 ? 28  ARG A NH1 1 
ATOM   224  N  NH2 . ARG A 1 28 ? 5.168   8.583   -10.924 1.00 19.74 ? 28  ARG A NH2 1 
ATOM   225  N  N   . LEU A 1 29 ? 8.896   3.006   -11.409 1.00 7.31  ? 29  LEU A N   1 
ATOM   226  C  CA  . LEU A 1 29 ? 10.302  2.835   -11.062 1.00 6.66  ? 29  LEU A CA  1 
ATOM   227  C  C   . LEU A 1 29 ? 10.774  1.414   -11.348 1.00 6.85  ? 29  LEU A C   1 
ATOM   228  O  O   . LEU A 1 29 ? 11.851  1.216   -11.912 1.00 7.21  ? 29  LEU A O   1 
ATOM   229  C  CB  . LEU A 1 29 ? 10.535  3.169   -9.588  1.00 7.23  ? 29  LEU A CB  1 
ATOM   230  C  CG  . LEU A 1 29 ? 10.370  4.644   -9.212  1.00 7.27  ? 29  LEU A CG  1 
ATOM   231  C  CD1 . LEU A 1 29 ? 10.339  4.780   -7.701  1.00 8.77  ? 29  LEU A CD1 1 
ATOM   232  C  CD2 . LEU A 1 29 ? 11.503  5.471   -9.806  1.00 9.17  ? 29  LEU A CD2 1 
ATOM   233  N  N   . VAL A 1 30 ? 9.973   0.427   -10.958 1.00 6.52  ? 30  VAL A N   1 
ATOM   234  C  CA  . VAL A 1 30 ? 10.328  -0.968  -11.189 1.00 8.41  ? 30  VAL A CA  1 
ATOM   235  C  C   . VAL A 1 30 ? 10.432  -1.247  -12.682 1.00 8.06  ? 30  VAL A C   1 
ATOM   236  O  O   . VAL A 1 30 ? 11.308  -1.986  -13.113 1.00 8.51  ? 30  VAL A O   1 
ATOM   237  C  CB  . VAL A 1 30 ? 9.298   -1.928  -10.546 1.00 11.64 ? 30  VAL A CB  1 
ATOM   238  C  CG1 . VAL A 1 30 ? 9.641   -3.367  -10.894 1.00 15.03 ? 30  VAL A CG1 1 
ATOM   239  C  CG2 . VAL A 1 30 ? 9.303   -1.750  -9.034  1.00 14.50 ? 30  VAL A CG2 1 
ATOM   240  N  N   . GLN A 1 31 ? 9.546   -0.657  -13.475 1.00 8.48  ? 31  GLN A N   1 
ATOM   241  C  CA  . GLN A 1 31 ? 9.599   -0.858  -14.920 1.00 8.81  ? 31  GLN A CA  1 
ATOM   242  C  C   . GLN A 1 31 ? 10.891  -0.301  -15.491 1.00 9.04  ? 31  GLN A C   1 
ATOM   243  O  O   . GLN A 1 31 ? 11.505  -0.911  -16.368 1.00 9.52  ? 31  GLN A O   1 
ATOM   244  C  CB  . GLN A 1 31 ? 8.430   -0.165  -15.605 1.00 10.27 ? 31  GLN A CB  1 
ATOM   245  C  CG  . GLN A 1 31 ? 7.102   -0.806  -15.349 1.00 13.90 ? 31  GLN A CG  1 
ATOM   246  C  CD  . GLN A 1 31 ? 5.975   -0.052  -16.003 1.00 14.87 ? 31  GLN A CD  1 
ATOM   247  O  OE1 . GLN A 1 31 ? 5.787   1.139   -15.764 1.00 18.44 ? 31  GLN A OE1 1 
ATOM   248  N  NE2 . GLN A 1 31 ? 5.217   -0.740  -16.841 1.00 17.29 ? 31  GLN A NE2 1 
ATOM   249  N  N   . GLU A 1 32 ? 11.291  0.871   -15.006 1.00 8.84  ? 32  GLU A N   1 
ATOM   250  C  CA  . GLU A 1 32 ? 12.517  1.487   -15.481 1.00 9.00  ? 32  GLU A CA  1 
ATOM   251  C  C   . GLU A 1 32 ? 13.720  0.632   -15.110 1.00 8.30  ? 32  GLU A C   1 
ATOM   252  O  O   . GLU A 1 32 ? 14.625  0.446   -15.922 1.00 8.75  ? 32  GLU A O   1 
ATOM   253  C  CB  . GLU A 1 32 ? 12.685  2.890   -14.905 1.00 11.87 ? 32  GLU A CB  1 
ATOM   254  C  CG  . GLU A 1 32 ? 13.930  3.583   -15.428 1.00 17.99 ? 32  GLU A CG  1 
ATOM   255  C  CD  . GLU A 1 32 ? 14.045  3.493   -16.939 1.00 20.77 ? 32  GLU A CD  1 
ATOM   256  O  OE1 . GLU A 1 32 ? 13.112  3.949   -17.635 1.00 24.03 ? 32  GLU A OE1 1 
ATOM   257  O  OE2 . GLU A 1 32 ? 15.068  2.966   -17.430 1.00 20.29 ? 32  GLU A OE2 1 
ATOM   258  N  N   . ILE A 1 33 ? 13.735  0.116   -13.885 1.00 7.37  ? 33  ILE A N   1 
ATOM   259  C  CA  . ILE A 1 33 ? 14.827  -0.743  -13.449 1.00 7.05  ? 33  ILE A CA  1 
ATOM   260  C  C   . ILE A 1 33 ? 14.874  -1.961  -14.371 1.00 7.18  ? 33  ILE A C   1 
ATOM   261  O  O   . ILE A 1 33 ? 15.942  -2.368  -14.825 1.00 7.53  ? 33  ILE A O   1 
ATOM   262  C  CB  . ILE A 1 33 ? 14.622  -1.212  -11.983 1.00 7.41  ? 33  ILE A CB  1 
ATOM   263  C  CG1 . ILE A 1 33 ? 14.830  -0.036  -11.028 1.00 7.44  ? 33  ILE A CG1 1 
ATOM   264  C  CG2 . ILE A 1 33 ? 15.579  -2.351  -11.653 1.00 8.47  ? 33  ILE A CG2 1 
ATOM   265  C  CD1 . ILE A 1 33 ? 14.473  -0.340  -9.581  1.00 9.60  ? 33  ILE A CD1 1 
ATOM   266  N  N   . GLY A 1 34 ? 13.704  -2.524  -14.654 1.00 7.26  ? 34  GLY A N   1 
ATOM   267  C  CA  . GLY A 1 34 ? 13.636  -3.691  -15.514 1.00 8.03  ? 34  GLY A CA  1 
ATOM   268  C  C   . GLY A 1 34 ? 14.195  -3.472  -16.906 1.00 7.89  ? 34  GLY A C   1 
ATOM   269  O  O   . GLY A 1 34 ? 14.852  -4.354  -17.453 1.00 8.07  ? 34  GLY A O   1 
ATOM   270  N  N   . ARG A 1 35 ? 13.936  -2.311  -17.497 1.00 7.32  ? 35  ARG A N   1 
ATOM   271  C  CA  . ARG A 1 35 ? 14.454  -2.047  -18.830 1.00 8.75  ? 35  ARG A CA  1 
ATOM   272  C  C   . ARG A 1 35 ? 15.976  -2.006  -18.818 1.00 8.59  ? 35  ARG A C   1 
ATOM   273  O  O   . ARG A 1 35 ? 16.622  -2.458  -19.763 1.00 8.93  ? 35  ARG A O   1 
ATOM   274  C  CB  . ARG A 1 35 ? 13.885  -0.737  -19.382 1.00 10.59 ? 35  ARG A CB  1 
ATOM   275  C  CG  . ARG A 1 35 ? 12.431  -0.845  -19.823 1.00 14.43 ? 35  ARG A CG  1 
ATOM   276  C  CD  . ARG A 1 35 ? 11.980  0.396   -20.578 1.00 16.43 ? 35  ARG A CD  1 
ATOM   277  N  NE  . ARG A 1 35 ? 11.701  1.521   -19.692 1.00 16.74 ? 35  ARG A NE  1 
ATOM   278  C  CZ  . ARG A 1 35 ? 10.607  1.627   -18.944 1.00 17.81 ? 35  ARG A CZ  1 
ATOM   279  N  NH1 . ARG A 1 35 ? 9.684   0.677   -18.976 1.00 19.47 ? 35  ARG A NH1 1 
ATOM   280  N  NH2 . ARG A 1 35 ? 10.434  2.685   -18.164 1.00 19.13 ? 35  ARG A NH2 1 
ATOM   281  N  N   . LEU A 1 36 ? 16.552  -1.469  -17.747 1.00 8.06  ? 36  LEU A N   1 
ATOM   282  C  CA  . LEU A 1 36 ? 18.000  -1.408  -17.643 1.00 8.57  ? 36  LEU A CA  1 
ATOM   283  C  C   . LEU A 1 36 ? 18.563  -2.805  -17.404 1.00 7.80  ? 36  LEU A C   1 
ATOM   284  O  O   . LEU A 1 36 ? 19.569  -3.186  -18.001 1.00 8.81  ? 36  LEU A O   1 
ATOM   285  C  CB  . LEU A 1 36 ? 18.409  -0.466  -16.513 1.00 8.99  ? 36  LEU A CB  1 
ATOM   286  C  CG  . LEU A 1 36 ? 18.073  1.002   -16.791 1.00 9.75  ? 36  LEU A CG  1 
ATOM   287  C  CD1 . LEU A 1 36 ? 18.382  1.841   -15.566 1.00 11.92 ? 36  LEU A CD1 1 
ATOM   288  C  CD2 . LEU A 1 36 ? 18.856  1.495   -17.999 1.00 13.73 ? 36  LEU A CD2 1 
ATOM   289  N  N   . GLN A 1 37 ? 17.914  -3.572  -16.534 1.00 7.43  ? 37  GLN A N   1 
ATOM   290  C  CA  . GLN A 1 37 ? 18.370  -4.926  -16.256 1.00 7.82  ? 37  GLN A CA  1 
ATOM   291  C  C   . GLN A 1 37 ? 18.341  -5.768  -17.526 1.00 7.58  ? 37  GLN A C   1 
ATOM   292  O  O   . GLN A 1 37 ? 19.270  -6.526  -17.785 1.00 8.60  ? 37  GLN A O   1 
ATOM   293  C  CB  . GLN A 1 37 ? 17.508  -5.572  -15.171 1.00 7.77  ? 37  GLN A CB  1 
ATOM   294  C  CG  . GLN A 1 37 ? 17.654  -4.894  -13.818 1.00 8.62  ? 37  GLN A CG  1 
ATOM   295  C  CD  . GLN A 1 37 ? 16.643  -5.383  -12.802 1.00 8.03  ? 37  GLN A CD  1 
ATOM   296  O  OE1 . GLN A 1 37 ? 15.487  -5.620  -13.137 1.00 9.25  ? 37  GLN A OE1 1 
ATOM   297  N  NE2 . GLN A 1 37 ? 17.068  -5.511  -11.548 1.00 10.30 ? 37  GLN A NE2 1 
ATOM   298  N  N   . THR A 1 38 ? 17.283  -5.634  -18.319 1.00 7.50  ? 38  THR A N   1 
ATOM   299  C  CA  . THR A 1 38 ? 17.189  -6.400  -19.559 1.00 8.09  ? 38  THR A CA  1 
ATOM   300  C  C   . THR A 1 38 ? 18.356  -6.065  -20.484 1.00 8.20  ? 38  THR A C   1 
ATOM   301  O  O   . THR A 1 38 ? 19.025  -6.959  -21.006 1.00 8.74  ? 38  THR A O   1 
ATOM   302  C  CB  . THR A 1 38 ? 15.873  -6.110  -20.302 1.00 8.89  ? 38  THR A CB  1 
ATOM   303  O  OG1 . THR A 1 38 ? 14.772  -6.566  -19.510 1.00 9.86  ? 38  THR A OG1 1 
ATOM   304  C  CG2 . THR A 1 38 ? 15.848  -6.823  -21.649 1.00 9.90  ? 38  THR A CG2 1 
ATOM   305  N  N   . GLU A 1 39 ? 18.603  -4.775  -20.677 1.00 8.70  ? 39  GLU A N   1 
ATOM   306  C  CA  . GLU A 1 39 ? 19.683  -4.325  -21.547 1.00 9.21  ? 39  GLU A CA  1 
ATOM   307  C  C   . GLU A 1 39 ? 21.032  -4.863  -21.094 1.00 9.95  ? 39  GLU A C   1 
ATOM   308  O  O   . GLU A 1 39 ? 21.857  -5.270  -21.916 1.00 11.41 ? 39  GLU A O   1 
ATOM   309  C  CB  . GLU A 1 39 ? 19.741  -2.800  -21.564 1.00 9.62  ? 39  GLU A CB  1 
ATOM   310  C  CG  . GLU A 1 39 ? 20.756  -2.233  -22.546 1.00 12.48 ? 39  GLU A CG  1 
ATOM   311  C  CD  . GLU A 1 39 ? 21.082  -0.776  -22.277 1.00 13.31 ? 39  GLU A CD  1 
ATOM   312  O  OE1 . GLU A 1 39 ? 20.172  -0.026  -21.866 1.00 13.15 ? 39  GLU A OE1 1 
ATOM   313  O  OE2 . GLU A 1 39 ? 22.249  -0.380  -22.489 1.00 15.77 ? 39  GLU A OE2 1 
ATOM   314  N  N   . LEU A 1 40 ? 21.248  -4.863  -19.782 1.00 9.83  ? 40  LEU A N   1 
ATOM   315  C  CA  . LEU A 1 40 ? 22.505  -5.316  -19.198 1.00 10.28 ? 40  LEU A CA  1 
ATOM   316  C  C   . LEU A 1 40 ? 22.599  -6.819  -18.931 1.00 10.26 ? 40  LEU A C   1 
ATOM   317  O  O   . LEU A 1 40 ? 23.606  -7.297  -18.401 1.00 11.65 ? 40  LEU A O   1 
ATOM   318  C  CB  . LEU A 1 40 ? 22.764  -4.542  -17.903 1.00 11.91 ? 40  LEU A CB  1 
ATOM   319  C  CG  . LEU A 1 40 ? 22.846  -3.022  -18.074 1.00 13.88 ? 40  LEU A CG  1 
ATOM   320  C  CD1 . LEU A 1 40 ? 22.932  -2.360  -16.711 1.00 16.12 ? 40  LEU A CD1 1 
ATOM   321  C  CD2 . LEU A 1 40 ? 24.052  -2.660  -18.929 1.00 15.70 ? 40  LEU A CD2 1 
ATOM   322  N  N   . GLY A 1 41 ? 21.551  -7.557  -19.291 1.00 10.01 ? 41  GLY A N   1 
ATOM   323  C  CA  . GLY A 1 41 ? 21.544  -8.998  -19.090 1.00 10.83 ? 41  GLY A CA  1 
ATOM   324  C  C   . GLY A 1 41 ? 21.477  -9.427  -17.638 1.00 11.16 ? 41  GLY A C   1 
ATOM   325  O  O   . GLY A 1 41 ? 21.999  -10.479 -17.268 1.00 13.09 ? 41  GLY A O   1 
ATOM   326  N  N   . LEU A 1 42 ? 20.821  -8.619  -16.815 1.00 10.65 ? 42  LEU A N   1 
ATOM   327  C  CA  . LEU A 1 42 ? 20.689  -8.908  -15.392 1.00 10.14 ? 42  LEU A CA  1 
ATOM   328  C  C   . LEU A 1 42 ? 19.306  -9.442  -15.054 1.00 10.46 ? 42  LEU A C   1 
ATOM   329  O  O   . LEU A 1 42 ? 18.332  -9.146  -15.739 1.00 11.04 ? 42  LEU A O   1 
ATOM   330  C  CB  . LEU A 1 42 ? 20.935  -7.638  -14.583 1.00 11.15 ? 42  LEU A CB  1 
ATOM   331  C  CG  . LEU A 1 42 ? 22.239  -6.902  -14.882 1.00 13.25 ? 42  LEU A CG  1 
ATOM   332  C  CD1 . LEU A 1 42 ? 22.257  -5.573  -14.146 1.00 13.49 ? 42  LEU A CD1 1 
ATOM   333  C  CD2 . LEU A 1 42 ? 23.420  -7.766  -14.471 1.00 16.11 ? 42  LEU A CD2 1 
ATOM   334  N  N   . PRO A 1 43 ? 19.199  -10.237 -13.981 1.00 10.47 ? 43  PRO A N   1 
ATOM   335  C  CA  . PRO A 1 43 ? 17.881  -10.762 -13.622 1.00 11.98 ? 43  PRO A CA  1 
ATOM   336  C  C   . PRO A 1 43 ? 16.960  -9.660  -13.104 1.00 10.66 ? 43  PRO A C   1 
ATOM   337  O  O   . PRO A 1 43 ? 17.423  -8.651  -12.566 1.00 13.33 ? 43  PRO A O   1 
ATOM   338  C  CB  . PRO A 1 43 ? 18.202  -11.797 -12.549 1.00 14.31 ? 43  PRO A CB  1 
ATOM   339  C  CG  . PRO A 1 43 ? 19.426  -11.235 -11.896 1.00 15.62 ? 43  PRO A CG  1 
ATOM   340  C  CD  . PRO A 1 43 ? 20.240  -10.761 -13.080 1.00 12.51 ? 43  PRO A CD  1 
ATOM   341  N  N   . HIS A 1 44 ? 15.660  -9.858  -13.287 1.00 10.43 ? 44  HIS A N   1 
ATOM   342  C  CA  . HIS A 1 44 ? 14.651  -8.915  -12.820 1.00 10.96 ? 44  HIS A CA  1 
ATOM   343  C  C   . HIS A 1 44 ? 14.179  -9.356  -11.443 1.00 10.64 ? 44  HIS A C   1 
ATOM   344  O  O   . HIS A 1 44 ? 14.131  -8.565  -10.498 1.00 12.34 ? 44  HIS A O   1 
ATOM   345  C  CB  . HIS A 1 44 ? 13.451  -8.906  -13.766 1.00 12.79 ? 44  HIS A CB  1 
ATOM   346  C  CG  . HIS A 1 44 ? 13.701  -8.190  -15.055 1.00 14.59 ? 44  HIS A CG  1 
ATOM   347  N  ND1 . HIS A 1 44 ? 14.824  -8.402  -15.820 1.00 17.73 ? 44  HIS A ND1 1 
ATOM   348  C  CD2 . HIS A 1 44 ? 12.953  -7.277  -15.720 1.00 17.33 ? 44  HIS A CD2 1 
ATOM   349  C  CE1 . HIS A 1 44 ? 14.760  -7.648  -16.906 1.00 15.03 ? 44  HIS A CE1 1 
ATOM   350  N  NE2 . HIS A 1 44 ? 13.636  -6.958  -16.868 1.00 16.02 ? 44  HIS A NE2 1 
ATOM   351  N  N   . TYR A 1 45 ? 13.816  -10.630 -11.345 1.00 9.62  ? 45  TYR A N   1 
ATOM   352  C  CA  . TYR A 1 45 ? 13.344  -11.192 -10.091 1.00 9.02  ? 45  TYR A CA  1 
ATOM   353  C  C   . TYR A 1 45 ? 14.528  -11.309 -9.147  1.00 9.49  ? 45  TYR A C   1 
ATOM   354  O  O   . TYR A 1 45 ? 15.506  -11.995 -9.443  1.00 9.31  ? 45  TYR A O   1 
ATOM   355  C  CB  . TYR A 1 45 ? 12.716  -12.561 -10.342 1.00 10.43 ? 45  TYR A CB  1 
ATOM   356  C  CG  . TYR A 1 45 ? 12.169  -13.223 -9.102  1.00 10.30 ? 45  TYR A CG  1 
ATOM   357  C  CD1 . TYR A 1 45 ? 11.297  -12.544 -8.251  1.00 13.80 ? 45  TYR A CD1 1 
ATOM   358  C  CD2 . TYR A 1 45 ? 12.506  -14.537 -8.790  1.00 11.44 ? 45  TYR A CD2 1 
ATOM   359  C  CE1 . TYR A 1 45 ? 10.772  -13.162 -7.120  1.00 14.47 ? 45  TYR A CE1 1 
ATOM   360  C  CE2 . TYR A 1 45 ? 11.988  -15.165 -7.665  1.00 12.92 ? 45  TYR A CE2 1 
ATOM   361  C  CZ  . TYR A 1 45 ? 11.121  -14.472 -6.835  1.00 12.17 ? 45  TYR A CZ  1 
ATOM   362  O  OH  . TYR A 1 45 ? 10.596  -15.098 -5.729  1.00 14.94 ? 45  TYR A OH  1 
ATOM   363  N  N   . ASP A 1 46 ? 14.432  -10.628 -8.012  1.00 10.37 ? 46  ASP A N   1 
ATOM   364  C  CA  . ASP A 1 46 ? 15.505  -10.614 -7.026  1.00 9.51  ? 46  ASP A CA  1 
ATOM   365  C  C   . ASP A 1 46 ? 14.916  -10.814 -5.634  1.00 9.09  ? 46  ASP A C   1 
ATOM   366  O  O   . ASP A 1 46 ? 14.669  -9.849  -4.906  1.00 8.26  ? 46  ASP A O   1 
ATOM   367  C  CB  . ASP A 1 46 ? 16.232  -9.266  -7.088  1.00 12.23 ? 46  ASP A CB  1 
ATOM   368  C  CG  . ASP A 1 46 ? 17.561  -9.276  -6.356  1.00 12.22 ? 46  ASP A CG  1 
ATOM   369  O  OD1 . ASP A 1 46 ? 17.707  -10.045 -5.388  1.00 12.93 ? 46  ASP A OD1 1 
ATOM   370  O  OD2 . ASP A 1 46 ? 18.457  -8.497  -6.744  1.00 14.98 ? 46  ASP A OD2 1 
ATOM   371  N  N   . PRO A 1 47 ? 14.676  -12.072 -5.243  1.00 9.64  ? 47  PRO A N   1 
ATOM   372  C  CA  . PRO A 1 47 ? 14.109  -12.350 -3.921  1.00 10.49 ? 47  PRO A CA  1 
ATOM   373  C  C   . PRO A 1 47 ? 14.935  -11.795 -2.763  1.00 9.53  ? 47  PRO A C   1 
ATOM   374  O  O   . PRO A 1 47 ? 14.382  -11.441 -1.721  1.00 10.12 ? 47  PRO A O   1 
ATOM   375  C  CB  . PRO A 1 47 ? 14.000  -13.878 -3.902  1.00 12.51 ? 47  PRO A CB  1 
ATOM   376  C  CG  . PRO A 1 47 ? 15.051  -14.320 -4.887  1.00 13.98 ? 47  PRO A CG  1 
ATOM   377  C  CD  . PRO A 1 47 ? 14.910  -13.318 -5.993  1.00 10.85 ? 47  PRO A CD  1 
ATOM   378  N  N   . LYS A 1 48 ? 16.251  -11.717 -2.939  1.00 9.39  ? 48  LYS A N   1 
ATOM   379  C  CA  . LYS A 1 48 ? 17.119  -11.185 -1.891  1.00 9.88  ? 48  LYS A CA  1 
ATOM   380  C  C   . LYS A 1 48 ? 16.872  -9.689  -1.712  1.00 8.95  ? 48  LYS A C   1 
ATOM   381  O  O   . LYS A 1 48 ? 16.832  -9.192  -0.587  1.00 8.57  ? 48  LYS A O   1 
ATOM   382  C  CB  . LYS A 1 48 ? 18.591  -11.427 -2.231  1.00 11.97 ? 48  LYS A CB  1 
ATOM   383  C  CG  . LYS A 1 48 ? 19.020  -12.888 -2.220  1.00 16.21 ? 48  LYS A CG  1 
ATOM   384  C  CD  . LYS A 1 48 ? 18.766  -13.544 -0.873  1.00 21.85 ? 48  LYS A CD  1 
ATOM   385  C  CE  . LYS A 1 48 ? 19.696  -14.729 -0.655  1.00 22.95 ? 48  LYS A CE  1 
ATOM   386  N  NZ  . LYS A 1 48 ? 19.682  -15.691 -1.792  1.00 24.75 ? 48  LYS A NZ  1 
ATOM   387  N  N   . ARG A 1 49 ? 16.725  -8.969  -2.820  1.00 8.43  ? 49  ARG A N   1 
ATOM   388  C  CA  . ARG A 1 49 ? 16.453  -7.535  -2.754  1.00 7.96  ? 49  ARG A CA  1 
ATOM   389  C  C   . ARG A 1 49 ? 15.093  -7.335  -2.093  1.00 6.92  ? 49  ARG A C   1 
ATOM   390  O  O   . ARG A 1 49 ? 14.904  -6.401  -1.310  1.00 7.51  ? 49  ARG A O   1 
ATOM   391  C  CB  . ARG A 1 49 ? 16.469  -6.928  -4.164  1.00 8.97  ? 49  ARG A CB  1 
ATOM   392  C  CG  . ARG A 1 49 ? 15.860  -5.529  -4.303  1.00 9.29  ? 49  ARG A CG  1 
ATOM   393  C  CD  . ARG A 1 49 ? 16.523  -4.442  -3.457  1.00 9.82  ? 49  ARG A CD  1 
ATOM   394  N  NE  . ARG A 1 49 ? 15.928  -3.148  -3.798  1.00 9.99  ? 49  ARG A NE  1 
ATOM   395  C  CZ  . ARG A 1 49 ? 16.010  -2.041  -3.065  1.00 10.13 ? 49  ARG A CZ  1 
ATOM   396  N  NH1 . ARG A 1 49 ? 16.674  -2.036  -1.918  1.00 11.81 ? 49  ARG A NH1 1 
ATOM   397  N  NH2 . ARG A 1 49 ? 15.404  -0.937  -3.482  1.00 11.38 ? 49  ARG A NH2 1 
ATOM   398  N  N   . GLU A 1 50 ? 14.147  -8.221  -2.389  1.00 7.30  ? 50  GLU A N   1 
ATOM   399  C  CA  . GLU A 1 50 ? 12.827  -8.109  -1.787  1.00 7.68  ? 50  GLU A CA  1 
ATOM   400  C  C   . GLU A 1 50 ? 12.926  -8.307  -0.275  1.00 7.62  ? 50  GLU A C   1 
ATOM   401  O  O   . GLU A 1 50 ? 12.316  -7.562  0.491   1.00 7.41  ? 50  GLU A O   1 
ATOM   402  C  CB  . GLU A 1 50 ? 11.863  -9.110  -2.429  1.00 8.38  ? 50  GLU A CB  1 
ATOM   403  C  CG  . GLU A 1 50 ? 11.456  -8.685  -3.837  1.00 10.21 ? 50  GLU A CG  1 
ATOM   404  C  CD  . GLU A 1 50 ? 10.456  -9.614  -4.491  1.00 12.04 ? 50  GLU A CD  1 
ATOM   405  O  OE1 . GLU A 1 50 ? 9.798   -10.390 -3.773  1.00 14.00 ? 50  GLU A OE1 1 
ATOM   406  O  OE2 . GLU A 1 50 ? 10.313  -9.554  -5.730  1.00 12.10 ? 50  GLU A OE2 1 
ATOM   407  N  N   . GLU A 1 51 ? 13.714  -9.287  0.157   1.00 7.36  ? 51  GLU A N   1 
ATOM   408  C  CA  . GLU A 1 51 ? 13.888  -9.521  1.586   1.00 7.85  ? 51  GLU A CA  1 
ATOM   409  C  C   . GLU A 1 51 ? 14.589  -8.329  2.246   1.00 7.58  ? 51  GLU A C   1 
ATOM   410  O  O   . GLU A 1 51 ? 14.317  -8.005  3.401   1.00 7.79  ? 51  GLU A O   1 
ATOM   411  C  CB  . GLU A 1 51 ? 14.683  -10.804 1.827   1.00 9.82  ? 51  GLU A CB  1 
ATOM   412  C  CG  . GLU A 1 51 ? 13.871  -12.085 1.666   1.00 13.86 ? 51  GLU A CG  1 
ATOM   413  C  CD  . GLU A 1 51 ? 12.727  -12.186 2.662   1.00 15.01 ? 51  GLU A CD  1 
ATOM   414  O  OE1 . GLU A 1 51 ? 12.954  -11.926 3.863   1.00 17.67 ? 51  GLU A OE1 1 
ATOM   415  O  OE2 . GLU A 1 51 ? 11.601  -12.539 2.249   1.00 19.31 ? 51  GLU A OE2 1 
ATOM   416  N  N   . GLU A 1 52 ? 15.488  -7.682  1.510   1.00 7.42  ? 52  GLU A N   1 
ATOM   417  C  CA  . GLU A 1 52 ? 16.206  -6.515  2.018   1.00 8.78  ? 52  GLU A CA  1 
ATOM   418  C  C   . GLU A 1 52 ? 15.216  -5.378  2.277   1.00 7.08  ? 52  GLU A C   1 
ATOM   419  O  O   . GLU A 1 52 ? 15.284  -4.695  3.308   1.00 7.63  ? 52  GLU A O   1 
ATOM   420  C  CB  . GLU A 1 52 ? 17.250  -6.062  0.997   1.00 9.73  ? 52  GLU A CB  1 
ATOM   421  C  CG  . GLU A 1 52 ? 18.424  -7.012  0.831   1.00 18.47 ? 52  GLU A CG  1 
ATOM   422  C  CD  . GLU A 1 52 ? 19.182  -6.789  -0.466  1.00 19.97 ? 52  GLU A CD  1 
ATOM   423  O  OE1 . GLU A 1 52 ? 18.994  -5.732  -1.100  1.00 23.13 ? 52  GLU A OE1 1 
ATOM   424  O  OE2 . GLU A 1 52 ? 19.972  -7.676  -0.851  1.00 24.42 ? 52  GLU A OE2 1 
ATOM   425  N  N   . MET A 1 53 ? 14.300  -5.166  1.335   1.00 7.00  ? 53  MET A N   1 
ATOM   426  C  CA  . MET A 1 53 ? 13.304  -4.115  1.493   1.00 6.27  ? 53  MET A CA  1 
ATOM   427  C  C   . MET A 1 53 ? 12.372  -4.443  2.654   1.00 6.77  ? 53  MET A C   1 
ATOM   428  O  O   . MET A 1 53 ? 12.065  -3.575  3.476   1.00 6.38  ? 53  MET A O   1 
ATOM   429  C  CB  . MET A 1 53 ? 12.521  -3.923  0.193   1.00 7.05  ? 53  MET A CB  1 
ATOM   430  C  CG  . MET A 1 53 ? 13.402  -3.405  -0.937  1.00 7.53  ? 53  MET A CG  1 
ATOM   431  S  SD  . MET A 1 53 ? 12.564  -3.020  -2.479  1.00 7.67  ? 53  MET A SD  1 
ATOM   432  C  CE  . MET A 1 53 ? 12.127  -4.668  -3.043  1.00 9.20  ? 53  MET A CE  1 
ATOM   433  N  N   . LEU A 1 54 ? 11.925  -5.691  2.734   1.00 6.87  ? 54  LEU A N   1 
ATOM   434  C  CA  . LEU A 1 54 ? 11.059  -6.094  3.833   1.00 7.22  ? 54  LEU A CA  1 
ATOM   435  C  C   . LEU A 1 54 ? 11.777  -5.893  5.162   1.00 7.76  ? 54  LEU A C   1 
ATOM   436  O  O   . LEU A 1 54 ? 11.157  -5.543  6.167   1.00 7.48  ? 54  LEU A O   1 
ATOM   437  C  CB  . LEU A 1 54 ? 10.663  -7.565  3.705   1.00 8.35  ? 54  LEU A CB  1 
ATOM   438  C  CG  . LEU A 1 54 ? 9.753   -7.942  2.538   1.00 7.30  ? 54  LEU A CG  1 
ATOM   439  C  CD1 . LEU A 1 54 ? 9.573   -9.448  2.494   1.00 9.78  ? 54  LEU A CD1 1 
ATOM   440  C  CD2 . LEU A 1 54 ? 8.408   -7.256  2.689   1.00 9.36  ? 54  LEU A CD2 1 
ATOM   441  N  N   . ALA A 1 55 ? 13.087  -6.113  5.166   1.00 7.08  ? 55  ALA A N   1 
ATOM   442  C  CA  . ALA A 1 55 ? 13.874  -5.976  6.384   1.00 7.61  ? 55  ALA A CA  1 
ATOM   443  C  C   . ALA A 1 55 ? 13.840  -4.571  6.979   1.00 6.97  ? 55  ALA A C   1 
ATOM   444  O  O   . ALA A 1 55 ? 13.557  -4.417  8.169   1.00 7.16  ? 55  ALA A O   1 
ATOM   445  C  CB  . ALA A 1 55 ? 15.317  -6.405  6.129   1.00 8.13  ? 55  ALA A CB  1 
ATOM   446  N  N   . TYR A 1 56 ? 14.127  -3.538  6.189   1.00 7.60  ? 56  TYR A N   1 
ATOM   447  C  CA  . TYR A 1 56 ? 14.091  -2.209  6.790   1.00 7.28  ? 56  TYR A CA  1 
ATOM   448  C  C   . TYR A 1 56 ? 12.670  -1.734  7.052   1.00 7.34  ? 56  TYR A C   1 
ATOM   449  O  O   . TYR A 1 56 ? 12.443  -0.963  7.982   1.00 7.52  ? 56  TYR A O   1 
ATOM   450  C  CB  . TYR A 1 56 ? 14.887  -1.153  5.984   1.00 7.70  ? 56  TYR A CB  1 
ATOM   451  C  CG  . TYR A 1 56 ? 14.441  -0.854  4.568   1.00 6.63  ? 56  TYR A CG  1 
ATOM   452  C  CD1 . TYR A 1 56 ? 15.182  -1.313  3.479   1.00 7.50  ? 56  TYR A CD1 1 
ATOM   453  C  CD2 . TYR A 1 56 ? 13.302  -0.084  4.312   1.00 7.41  ? 56  TYR A CD2 1 
ATOM   454  C  CE1 . TYR A 1 56 ? 14.805  -1.010  2.173   1.00 7.86  ? 56  TYR A CE1 1 
ATOM   455  C  CE2 . TYR A 1 56 ? 12.915  0.220   3.008   1.00 7.21  ? 56  TYR A CE2 1 
ATOM   456  C  CZ  . TYR A 1 56 ? 13.672  -0.249  1.945   1.00 6.81  ? 56  TYR A CZ  1 
ATOM   457  O  OH  . TYR A 1 56 ? 13.278  0.016   0.653   1.00 8.19  ? 56  TYR A OH  1 
ATOM   458  N  N   . LEU A 1 57 ? 11.705  -2.206  6.269   1.00 7.05  ? 57  LEU A N   1 
ATOM   459  C  CA  . LEU A 1 57 ? 10.322  -1.800  6.493   1.00 7.19  ? 57  LEU A CA  1 
ATOM   460  C  C   . LEU A 1 57 ? 9.825   -2.405  7.804   1.00 7.53  ? 57  LEU A C   1 
ATOM   461  O  O   . LEU A 1 57 ? 9.042   -1.788  8.528   1.00 8.50  ? 57  LEU A O   1 
ATOM   462  C  CB  . LEU A 1 57 ? 9.446   -2.231  5.315   1.00 7.31  ? 57  LEU A CB  1 
ATOM   463  C  CG  . LEU A 1 57 ? 9.763   -1.473  4.018   1.00 6.52  ? 57  LEU A CG  1 
ATOM   464  C  CD1 . LEU A 1 57 ? 9.084   -2.152  2.843   1.00 7.05  ? 57  LEU A CD1 1 
ATOM   465  C  CD2 . LEU A 1 57 ? 9.319   -0.015  4.137   1.00 8.00  ? 57  LEU A CD2 1 
ATOM   466  N  N   . THR A 1 58 ? 10.303  -3.607  8.107   1.00 8.08  ? 58  THR A N   1 
ATOM   467  C  CA  . THR A 1 58 ? 9.946   -4.297  9.343   1.00 8.93  ? 58  THR A CA  1 
ATOM   468  C  C   . THR A 1 58 ? 10.583  -3.565  10.524  1.00 8.72  ? 58  THR A C   1 
ATOM   469  O  O   . THR A 1 58 ? 9.927   -3.280  11.523  1.00 9.57  ? 58  THR A O   1 
ATOM   470  C  CB  . THR A 1 58 ? 10.458  -5.757  9.327   1.00 8.48  ? 58  THR A CB  1 
ATOM   471  O  OG1 . THR A 1 58 ? 9.814   -6.474  8.269   1.00 10.52 ? 58  THR A OG1 1 
ATOM   472  C  CG2 . THR A 1 58 ? 10.167  -6.446  10.656  1.00 11.67 ? 58  THR A CG2 1 
ATOM   473  N  N   . ALA A 1 59 ? 11.868  -3.255  10.397  1.00 9.47  ? 59  ALA A N   1 
ATOM   474  C  CA  . ALA A 1 59 ? 12.590  -2.560  11.457  1.00 8.99  ? 59  ALA A CA  1 
ATOM   475  C  C   . ALA A 1 59 ? 12.020  -1.171  11.725  1.00 8.66  ? 59  ALA A C   1 
ATOM   476  O  O   . ALA A 1 59 ? 11.945  -0.729  12.873  1.00 9.12  ? 59  ALA A O   1 
ATOM   477  C  CB  . ALA A 1 59 ? 14.063  -2.447  11.089  1.00 10.81 ? 59  ALA A CB  1 
ATOM   478  N  N   . GLU A 1 60 ? 11.611  -0.490  10.661  1.00 8.86  ? 60  GLU A N   1 
ATOM   479  C  CA  . GLU A 1 60 ? 11.086  0.862   10.773  1.00 8.48  ? 60  GLU A CA  1 
ATOM   480  C  C   . GLU A 1 60 ? 9.585   0.964   11.045  1.00 9.03  ? 60  GLU A C   1 
ATOM   481  O  O   . GLU A 1 60 ? 9.078   2.056   11.301  1.00 10.05 ? 60  GLU A O   1 
ATOM   482  C  CB  . GLU A 1 60 ? 11.445  1.641   9.505   1.00 7.91  ? 60  GLU A CB  1 
ATOM   483  C  CG  . GLU A 1 60 ? 12.942  1.887   9.358   1.00 8.59  ? 60  GLU A CG  1 
ATOM   484  C  CD  . GLU A 1 60 ? 13.353  2.315   7.961   1.00 8.83  ? 60  GLU A CD  1 
ATOM   485  O  OE1 . GLU A 1 60 ? 12.505  2.859   7.220   1.00 9.72  ? 60  GLU A OE1 1 
ATOM   486  O  OE2 . GLU A 1 60 ? 14.536  2.121   7.606   1.00 8.09  ? 60  GLU A OE2 1 
ATOM   487  N  N   . ASN A 1 61 ? 8.884   -0.166  11.011  1.00 8.82  ? 61  ASN A N   1 
ATOM   488  C  CA  . ASN A 1 61 ? 7.437   -0.188  11.242  1.00 9.16  ? 61  ASN A CA  1 
ATOM   489  C  C   . ASN A 1 61 ? 7.067   0.566   12.518  1.00 11.04 ? 61  ASN A C   1 
ATOM   490  O  O   . ASN A 1 61 ? 7.435   0.160   13.618  1.00 11.42 ? 61  ASN A O   1 
ATOM   491  C  CB  . ASN A 1 61 ? 6.944   -1.632  11.348  1.00 9.46  ? 61  ASN A CB  1 
ATOM   492  C  CG  . ASN A 1 61 ? 5.451   -1.722  11.585  1.00 8.69  ? 61  ASN A CG  1 
ATOM   493  O  OD1 . ASN A 1 61 ? 4.721   -0.767  11.328  1.00 9.15  ? 61  ASN A OD1 1 
ATOM   494  N  ND2 . ASN A 1 61 ? 4.993   -2.864  12.085  1.00 9.98  ? 61  ASN A ND2 1 
ATOM   495  N  N   . PRO A 1 62 ? 6.322   1.672   12.387  1.00 11.55 ? 62  PRO A N   1 
ATOM   496  C  CA  . PRO A 1 62 ? 5.928   2.456   13.560  1.00 13.60 ? 62  PRO A CA  1 
ATOM   497  C  C   . PRO A 1 62 ? 4.578   2.053   14.145  1.00 13.43 ? 62  PRO A C   1 
ATOM   498  O  O   . PRO A 1 62 ? 4.141   2.610   15.153  1.00 15.58 ? 62  PRO A O   1 
ATOM   499  C  CB  . PRO A 1 62 ? 5.890   3.868   13.007  1.00 15.02 ? 62  PRO A CB  1 
ATOM   500  C  CG  . PRO A 1 62 ? 5.269   3.640   11.659  1.00 14.99 ? 62  PRO A CG  1 
ATOM   501  C  CD  . PRO A 1 62 ? 6.001   2.399   11.144  1.00 12.87 ? 62  PRO A CD  1 
ATOM   502  N  N   . GLY A 1 63 ? 3.925   1.082   13.518  1.00 12.29 ? 63  GLY A N   1 
ATOM   503  C  CA  . GLY A 1 63 ? 2.615   0.672   13.981  1.00 10.96 ? 63  GLY A CA  1 
ATOM   504  C  C   . GLY A 1 63 ? 1.595   1.590   13.329  1.00 11.06 ? 63  GLY A C   1 
ATOM   505  O  O   . GLY A 1 63 ? 1.983   2.540   12.652  1.00 11.31 ? 63  GLY A O   1 
ATOM   506  N  N   . PRO A 1 64 ? 0.290   1.398   13.577  1.00 10.66 ? 64  PRO A N   1 
ATOM   507  C  CA  . PRO A 1 64 ? -0.284  0.359   14.435  1.00 10.49 ? 64  PRO A CA  1 
ATOM   508  C  C   . PRO A 1 64 ? -0.338  -1.068  13.899  1.00 10.76 ? 64  PRO A C   1 
ATOM   509  O  O   . PRO A 1 64 ? -0.671  -1.989  14.639  1.00 12.43 ? 64  PRO A O   1 
ATOM   510  C  CB  . PRO A 1 64 ? -1.672  0.911   14.741  1.00 10.86 ? 64  PRO A CB  1 
ATOM   511  C  CG  . PRO A 1 64 ? -2.035  1.573   13.464  1.00 12.69 ? 64  PRO A CG  1 
ATOM   512  C  CD  . PRO A 1 64 ? -0.763  2.296   13.068  1.00 11.94 ? 64  PRO A CD  1 
ATOM   513  N  N   . PHE A 1 65 ? -0.028  -1.262  12.623  1.00 10.82 ? 65  PHE A N   1 
ATOM   514  C  CA  . PHE A 1 65 ? -0.055  -2.607  12.067  1.00 10.38 ? 65  PHE A CA  1 
ATOM   515  C  C   . PHE A 1 65 ? 1.104   -3.432  12.609  1.00 10.43 ? 65  PHE A C   1 
ATOM   516  O  O   . PHE A 1 65 ? 2.199   -2.907  12.830  1.00 9.94  ? 65  PHE A O   1 
ATOM   517  C  CB  . PHE A 1 65 ? 0.043   -2.568  10.542  1.00 9.86  ? 65  PHE A CB  1 
ATOM   518  C  CG  . PHE A 1 65 ? -1.176  -2.015  9.868   1.00 10.06 ? 65  PHE A CG  1 
ATOM   519  C  CD1 . PHE A 1 65 ? -1.094  -0.860  9.100   1.00 11.22 ? 65  PHE A CD1 1 
ATOM   520  C  CD2 . PHE A 1 65 ? -2.406  -2.657  9.985   1.00 9.97  ? 65  PHE A CD2 1 
ATOM   521  C  CE1 . PHE A 1 65 ? -2.219  -0.350  8.454   1.00 10.87 ? 65  PHE A CE1 1 
ATOM   522  C  CE2 . PHE A 1 65 ? -3.537  -2.155  9.344   1.00 10.53 ? 65  PHE A CE2 1 
ATOM   523  C  CZ  . PHE A 1 65 ? -3.443  -0.999  8.576   1.00 11.45 ? 65  PHE A CZ  1 
ATOM   524  N  N   . PRO A 1 66 ? 0.874   -4.732  12.848  1.00 11.33 ? 66  PRO A N   1 
ATOM   525  C  CA  . PRO A 1 66 ? 1.934   -5.606  13.358  1.00 11.52 ? 66  PRO A CA  1 
ATOM   526  C  C   . PRO A 1 66 ? 2.954   -5.822  12.237  1.00 10.51 ? 66  PRO A C   1 
ATOM   527  O  O   . PRO A 1 66 ? 2.618   -5.679  11.059  1.00 9.54  ? 66  PRO A O   1 
ATOM   528  C  CB  . PRO A 1 66 ? 1.187   -6.895  13.700  1.00 14.04 ? 66  PRO A CB  1 
ATOM   529  C  CG  . PRO A 1 66 ? -0.211  -6.428  13.980  1.00 15.83 ? 66  PRO A CG  1 
ATOM   530  C  CD  . PRO A 1 66 ? -0.429  -5.415  12.890  1.00 11.90 ? 66  PRO A CD  1 
ATOM   531  N  N   . ASP A 1 67 ? 4.186   -6.168  12.599  1.00 10.16 ? 67  ASP A N   1 
ATOM   532  C  CA  . ASP A 1 67 ? 5.225   -6.404  11.599  1.00 10.49 ? 67  ASP A CA  1 
ATOM   533  C  C   . ASP A 1 67 ? 4.780   -7.416  10.549  1.00 10.51 ? 67  ASP A C   1 
ATOM   534  O  O   . ASP A 1 67 ? 5.034   -7.241  9.357   1.00 10.07 ? 67  ASP A O   1 
ATOM   535  C  CB  . ASP A 1 67 ? 6.502   -6.926  12.255  1.00 11.69 ? 67  ASP A CB  1 
ATOM   536  C  CG  . ASP A 1 67 ? 7.220   -5.875  13.071  1.00 12.18 ? 67  ASP A CG  1 
ATOM   537  O  OD1 . ASP A 1 67 ? 6.831   -4.690  13.020  1.00 12.15 ? 67  ASP A OD1 1 
ATOM   538  O  OD2 . ASP A 1 67 ? 8.192   -6.245  13.760  1.00 12.89 ? 67  ASP A OD2 1 
ATOM   539  N  N   . GLU A 1 68 ? 4.128   -8.483  10.996  1.00 11.34 ? 68  GLU A N   1 
ATOM   540  C  CA  . GLU A 1 68 ? 3.666   -9.524  10.089  1.00 12.72 ? 68  GLU A CA  1 
ATOM   541  C  C   . GLU A 1 68 ? 2.729   -8.973  9.022   1.00 11.58 ? 68  GLU A C   1 
ATOM   542  O  O   . GLU A 1 68 ? 2.781   -9.392  7.867   1.00 11.57 ? 68  GLU A O   1 
ATOM   543  C  CB  . GLU A 1 68 ? 2.965   -10.634 10.875  1.00 15.97 ? 68  GLU A CB  1 
ATOM   544  C  CG  . GLU A 1 68 ? 2.620   -11.861 10.045  1.00 21.79 ? 68  GLU A CG  1 
ATOM   545  C  CD  . GLU A 1 68 ? 3.839   -12.480 9.386   1.00 24.00 ? 68  GLU A CD  1 
ATOM   546  O  OE1 . GLU A 1 68 ? 4.407   -11.850 8.467   1.00 27.13 ? 68  GLU A OE1 1 
ATOM   547  O  OE2 . GLU A 1 68 ? 4.235   -13.594 9.790   1.00 26.89 ? 68  GLU A OE2 1 
ATOM   548  N  N   . THR A 1 69 ? 1.875   -8.035  9.412   1.00 10.26 ? 69  THR A N   1 
ATOM   549  C  CA  . THR A 1 69 ? 0.935   -7.431  8.479   1.00 9.95  ? 69  THR A CA  1 
ATOM   550  C  C   . THR A 1 69 ? 1.670   -6.541  7.481   1.00 8.86  ? 69  THR A C   1 
ATOM   551  O  O   . THR A 1 69 ? 1.363   -6.550  6.289   1.00 8.91  ? 69  THR A O   1 
ATOM   552  C  CB  . THR A 1 69 ? -0.123  -6.598  9.224   1.00 10.13 ? 69  THR A CB  1 
ATOM   553  O  OG1 . THR A 1 69 ? -0.930  -7.470  10.023  1.00 14.42 ? 69  THR A OG1 1 
ATOM   554  C  CG2 . THR A 1 69 ? -1.012  -5.850  8.243   1.00 12.98 ? 69  THR A CG2 1 
ATOM   555  N  N   . ILE A 1 70 ? 2.635   -5.767  7.968   1.00 8.42  ? 70  ILE A N   1 
ATOM   556  C  CA  . ILE A 1 70 ? 3.400   -4.903  7.083   1.00 8.23  ? 70  ILE A CA  1 
ATOM   557  C  C   . ILE A 1 70 ? 4.150   -5.768  6.071   1.00 8.08  ? 70  ILE A C   1 
ATOM   558  O  O   . ILE A 1 70 ? 4.187   -5.449  4.883   1.00 7.53  ? 70  ILE A O   1 
ATOM   559  C  CB  . ILE A 1 70 ? 4.396   -4.023  7.882   1.00 8.75  ? 70  ILE A CB  1 
ATOM   560  C  CG1 . ILE A 1 70 ? 3.628   -2.954  8.671   1.00 9.59  ? 70  ILE A CG1 1 
ATOM   561  C  CG2 . ILE A 1 70 ? 5.410   -3.382  6.943   1.00 8.60  ? 70  ILE A CG2 1 
ATOM   562  C  CD1 . ILE A 1 70 ? 2.750   -2.053  7.823   1.00 11.07 ? 70  ILE A CD1 1 
ATOM   563  N  N   . ARG A 1 71 ? 4.733   -6.872  6.530   1.00 7.61  ? 71  ARG A N   1 
ATOM   564  C  CA  . ARG A 1 71 ? 5.458   -7.750  5.621   1.00 8.59  ? 71  ARG A CA  1 
ATOM   565  C  C   . ARG A 1 71 ? 4.518   -8.362  4.586   1.00 8.21  ? 71  ARG A C   1 
ATOM   566  O  O   . ARG A 1 71 ? 4.857   -8.444  3.407   1.00 8.52  ? 71  ARG A O   1 
ATOM   567  C  CB  . ARG A 1 71 ? 6.190   -8.852  6.399   1.00 9.26  ? 71  ARG A CB  1 
ATOM   568  C  CG  . ARG A 1 71 ? 7.358   -8.338  7.241   1.00 10.73 ? 71  ARG A CG  1 
ATOM   569  C  CD  . ARG A 1 71 ? 8.077   -9.468  7.972   1.00 12.29 ? 71  ARG A CD  1 
ATOM   570  N  NE  . ARG A 1 71 ? 8.871   -10.306 7.075   1.00 12.16 ? 71  ARG A NE  1 
ATOM   571  C  CZ  . ARG A 1 71 ? 10.123  -10.044 6.708   1.00 10.95 ? 71  ARG A CZ  1 
ATOM   572  N  NH1 . ARG A 1 71 ? 10.744  -8.961  7.161   1.00 12.40 ? 71  ARG A NH1 1 
ATOM   573  N  NH2 . ARG A 1 71 ? 10.755  -10.866 5.881   1.00 12.34 ? 71  ARG A NH2 1 
ATOM   574  N  N   . LYS A 1 72 ? 3.330   -8.777  5.015   1.00 8.01  ? 72  LYS A N   1 
ATOM   575  C  CA  . LYS A 1 72 ? 2.382   -9.365  4.082   1.00 9.65  ? 72  LYS A CA  1 
ATOM   576  C  C   . LYS A 1 72 ? 1.923   -8.367  3.023   1.00 8.15  ? 72  LYS A C   1 
ATOM   577  O  O   . LYS A 1 72 ? 1.854   -8.700  1.841   1.00 8.95  ? 72  LYS A O   1 
ATOM   578  C  CB  . LYS A 1 72 ? 1.181   -9.937  4.835   1.00 11.97 ? 72  LYS A CB  1 
ATOM   579  C  CG  . LYS A 1 72 ? 1.553   -11.123 5.706   1.00 18.22 ? 72  LYS A CG  1 
ATOM   580  C  CD  . LYS A 1 72 ? 0.345   -11.918 6.152   1.00 21.51 ? 72  LYS A CD  1 
ATOM   581  C  CE  . LYS A 1 72 ? 0.784   -13.175 6.882   1.00 23.03 ? 72  LYS A CE  1 
ATOM   582  N  NZ  . LYS A 1 72 ? 1.724   -13.984 6.052   1.00 26.76 ? 72  LYS A NZ  1 
ATOM   583  N  N   . LEU A 1 73 ? 1.619   -7.142  3.440   1.00 8.16  ? 73  LEU A N   1 
ATOM   584  C  CA  . LEU A 1 73 ? 1.179   -6.127  2.490   1.00 7.48  ? 73  LEU A CA  1 
ATOM   585  C  C   . LEU A 1 73 ? 2.267   -5.817  1.471   1.00 6.76  ? 73  LEU A C   1 
ATOM   586  O  O   . LEU A 1 73 ? 1.999   -5.737  0.273   1.00 7.74  ? 73  LEU A O   1 
ATOM   587  C  CB  . LEU A 1 73 ? 0.771   -4.845  3.221   1.00 8.41  ? 73  LEU A CB  1 
ATOM   588  C  CG  . LEU A 1 73 ? -0.508  -4.935  4.058   1.00 8.63  ? 73  LEU A CG  1 
ATOM   589  C  CD1 . LEU A 1 73 ? -0.697  -3.650  4.848   1.00 11.18 ? 73  LEU A CD1 1 
ATOM   590  C  CD2 . LEU A 1 73 ? -1.698  -5.193  3.148   1.00 10.95 ? 73  LEU A CD2 1 
ATOM   591  N  N   . PHE A 1 74 ? 3.500   -5.645  1.934   1.00 6.78  ? 74  PHE A N   1 
ATOM   592  C  CA  . PHE A 1 74 ? 4.566   -5.354  0.994   1.00 6.43  ? 74  PHE A CA  1 
ATOM   593  C  C   . PHE A 1 74 ? 4.890   -6.552  0.111   1.00 6.16  ? 74  PHE A C   1 
ATOM   594  O  O   . PHE A 1 74 ? 5.257   -6.373  -1.045  1.00 6.51  ? 74  PHE A O   1 
ATOM   595  C  CB  . PHE A 1 74 ? 5.796   -4.823  1.729   1.00 6.44  ? 74  PHE A CB  1 
ATOM   596  C  CG  . PHE A 1 74 ? 5.741   -3.339  1.968   1.00 6.30  ? 74  PHE A CG  1 
ATOM   597  C  CD1 . PHE A 1 74 ? 6.035   -2.446  0.939   1.00 6.72  ? 74  PHE A CD1 1 
ATOM   598  C  CD2 . PHE A 1 74 ? 5.353   -2.830  3.203   1.00 6.70  ? 74  PHE A CD2 1 
ATOM   599  C  CE1 . PHE A 1 74 ? 5.943   -1.068  1.136   1.00 7.31  ? 74  PHE A CE1 1 
ATOM   600  C  CE2 . PHE A 1 74 ? 5.257   -1.451  3.409   1.00 7.88  ? 74  PHE A CE2 1 
ATOM   601  C  CZ  . PHE A 1 74 ? 5.554   -0.572  2.372   1.00 7.92  ? 74  PHE A CZ  1 
ATOM   602  N  N   . LYS A 1 75 ? 4.743   -7.771  0.627   1.00 6.93  ? 75  LYS A N   1 
ATOM   603  C  CA  . LYS A 1 75 ? 4.990   -8.939  -0.217  1.00 7.41  ? 75  LYS A CA  1 
ATOM   604  C  C   . LYS A 1 75 ? 3.989   -8.919  -1.373  1.00 7.14  ? 75  LYS A C   1 
ATOM   605  O  O   . LYS A 1 75 ? 4.328   -9.278  -2.502  1.00 8.02  ? 75  LYS A O   1 
ATOM   606  C  CB  . LYS A 1 75 ? 4.856   -10.240 0.579   1.00 8.42  ? 75  LYS A CB  1 
ATOM   607  C  CG  . LYS A 1 75 ? 6.095   -10.565 1.394   1.00 8.84  ? 75  LYS A CG  1 
ATOM   608  C  CD  . LYS A 1 75 ? 5.922   -11.841 2.200   1.00 10.99 ? 75  LYS A CD  1 
ATOM   609  C  CE  . LYS A 1 75 ? 7.178   -12.160 2.992   1.00 12.88 ? 75  LYS A CE  1 
ATOM   610  N  NZ  . LYS A 1 75 ? 7.019   -13.401 3.797   1.00 15.74 ? 75  LYS A NZ  1 
ATOM   611  N  N   . GLU A 1 76 ? 2.759   -8.491  -1.096  1.00 7.90  ? 76  GLU A N   1 
ATOM   612  C  CA  . GLU A 1 76 ? 1.746   -8.416  -2.142  1.00 8.58  ? 76  GLU A CA  1 
ATOM   613  C  C   . GLU A 1 76 ? 2.100   -7.317  -3.139  1.00 7.51  ? 76  GLU A C   1 
ATOM   614  O  O   . GLU A 1 76 ? 1.933   -7.483  -4.344  1.00 8.24  ? 76  GLU A O   1 
ATOM   615  C  CB  . GLU A 1 76 ? 0.363   -8.163  -1.536  1.00 10.03 ? 76  GLU A CB  1 
ATOM   616  C  CG  . GLU A 1 76 ? -0.196  -9.360  -0.776  1.00 13.70 ? 76  GLU A CG  1 
ATOM   617  C  CD  . GLU A 1 76 ? -0.232  -10.618 -1.629  1.00 17.51 ? 76  GLU A CD  1 
ATOM   618  O  OE1 . GLU A 1 76 ? -0.767  -10.560 -2.756  1.00 19.88 ? 76  GLU A OE1 1 
ATOM   619  O  OE2 . GLU A 1 76 ? 0.272   -11.666 -1.171  1.00 20.04 ? 76  GLU A OE2 1 
ATOM   620  N  N   . ILE A 1 77 ? 2.593   -6.190  -2.637  1.00 7.81  ? 77  ILE A N   1 
ATOM   621  C  CA  . ILE A 1 77 ? 2.990   -5.089  -3.505  1.00 7.69  ? 77  ILE A CA  1 
ATOM   622  C  C   . ILE A 1 77 ? 4.147   -5.540  -4.401  1.00 7.61  ? 77  ILE A C   1 
ATOM   623  O  O   . ILE A 1 77 ? 4.164   -5.254  -5.597  1.00 7.84  ? 77  ILE A O   1 
ATOM   624  C  CB  . ILE A 1 77 ? 3.413   -3.856  -2.670  1.00 7.87  ? 77  ILE A CB  1 
ATOM   625  C  CG1 . ILE A 1 77 ? 2.186   -3.262  -1.975  1.00 7.97  ? 77  ILE A CG1 1 
ATOM   626  C  CG2 . ILE A 1 77 ? 4.086   -2.813  -3.556  1.00 7.96  ? 77  ILE A CG2 1 
ATOM   627  C  CD1 . ILE A 1 77 ? 2.520   -2.187  -0.962  1.00 8.23  ? 77  ILE A CD1 1 
ATOM   628  N  N   . PHE A 1 78 ? 5.106   -6.258  -3.823  1.00 7.04  ? 78  PHE A N   1 
ATOM   629  C  CA  . PHE A 1 78 ? 6.250   -6.731  -4.594  1.00 8.02  ? 78  PHE A CA  1 
ATOM   630  C  C   . PHE A 1 78 ? 5.841   -7.778  -5.632  1.00 7.26  ? 78  PHE A C   1 
ATOM   631  O  O   . PHE A 1 78 ? 6.306   -7.740  -6.770  1.00 8.57  ? 78  PHE A O   1 
ATOM   632  C  CB  . PHE A 1 78 ? 7.332   -7.307  -3.666  1.00 8.89  ? 78  PHE A CB  1 
ATOM   633  C  CG  . PHE A 1 78 ? 7.887   -6.310  -2.670  1.00 8.25  ? 78  PHE A CG  1 
ATOM   634  C  CD1 . PHE A 1 78 ? 7.644   -4.944  -2.803  1.00 8.19  ? 78  PHE A CD1 1 
ATOM   635  C  CD2 . PHE A 1 78 ? 8.663   -6.744  -1.599  1.00 9.94  ? 78  PHE A CD2 1 
ATOM   636  C  CE1 . PHE A 1 78 ? 8.167   -4.033  -1.885  1.00 8.44  ? 78  PHE A CE1 1 
ATOM   637  C  CE2 . PHE A 1 78 ? 9.190   -5.837  -0.677  1.00 10.21 ? 78  PHE A CE2 1 
ATOM   638  C  CZ  . PHE A 1 78 ? 8.938   -4.480  -0.821  1.00 9.61  ? 78  PHE A CZ  1 
ATOM   639  N  N   . LYS A 1 79 ? 4.967   -8.705  -5.252  1.00 8.55  ? 79  LYS A N   1 
ATOM   640  C  CA  . LYS A 1 79 ? 4.526   -9.735  -6.186  1.00 11.25 ? 79  LYS A CA  1 
ATOM   641  C  C   . LYS A 1 79 ? 3.762   -9.132  -7.357  1.00 11.64 ? 79  LYS A C   1 
ATOM   642  O  O   . LYS A 1 79 ? 3.881   -9.592  -8.491  1.00 12.32 ? 79  LYS A O   1 
ATOM   643  C  CB  . LYS A 1 79 ? 3.651   -10.773 -5.478  1.00 15.02 ? 79  LYS A CB  1 
ATOM   644  C  CG  . LYS A 1 79 ? 4.433   -11.760 -4.628  1.00 19.02 ? 79  LYS A CG  1 
ATOM   645  C  CD  . LYS A 1 79 ? 3.556   -12.893 -4.112  1.00 22.01 ? 79  LYS A CD  1 
ATOM   646  C  CE  . LYS A 1 79 ? 2.471   -12.391 -3.176  1.00 23.46 ? 79  LYS A CE  1 
ATOM   647  N  NZ  . LYS A 1 79 ? 1.637   -13.513 -2.665  1.00 23.42 ? 79  LYS A NZ  1 
ATOM   648  N  N   . ALA A 1 80 ? 2.979   -8.097  -7.080  1.00 11.75 ? 80  ALA A N   1 
ATOM   649  C  CA  . ALA A 1 80 ? 2.199   -7.429  -8.113  1.00 12.23 ? 80  ALA A CA  1 
ATOM   650  C  C   . ALA A 1 80 ? 3.113   -6.689  -9.085  1.00 11.91 ? 80  ALA A C   1 
ATOM   651  O  O   . ALA A 1 80 ? 2.724   -6.375  -10.210 1.00 12.95 ? 80  ALA A O   1 
ATOM   652  C  CB  . ALA A 1 80 ? 1.220   -6.453  -7.470  1.00 13.59 ? 80  ALA A CB  1 
ATOM   653  N  N   . SER A 1 81 ? 4.336   -6.421  -8.645  1.00 12.59 ? 81  SER A N   1 
ATOM   654  C  CA  . SER A 1 81 ? 5.302   -5.703  -9.463  1.00 13.12 ? 81  SER A CA  1 
ATOM   655  C  C   . SER A 1 81 ? 6.124   -6.612  -10.370 1.00 14.04 ? 81  SER A C   1 
ATOM   656  O  O   . SER A 1 81 ? 6.939   -6.134  -11.155 1.00 17.01 ? 81  SER A O   1 
ATOM   657  C  CB  . SER A 1 81 ? 6.240   -4.901  -8.559  1.00 13.44 ? 81  SER A CB  1 
ATOM   658  O  OG  . SER A 1 81 ? 5.507   -4.039  -7.706  1.00 13.65 ? 81  SER A OG  1 
ATOM   659  N  N   . LEU A 1 82 ? 5.913   -7.920  -10.263 1.00 13.88 ? 82  LEU A N   1 
ATOM   660  C  CA  . LEU A 1 82 ? 6.653   -8.877  -11.080 1.00 16.83 ? 82  LEU A CA  1 
ATOM   661  C  C   . LEU A 1 82 ? 6.062   -9.006  -12.479 1.00 20.75 ? 82  LEU A C   1 
ATOM   662  O  O   . LEU A 1 82 ? 6.777   -9.293  -13.438 1.00 24.33 ? 82  LEU A O   1 
ATOM   663  C  CB  . LEU A 1 82 ? 6.672   -10.250 -10.398 1.00 12.79 ? 82  LEU A CB  1 
ATOM   664  C  CG  . LEU A 1 82 ? 7.335   -10.327 -9.021  1.00 9.99  ? 82  LEU A CG  1 
ATOM   665  C  CD1 . LEU A 1 82 ? 7.163   -11.729 -8.461  1.00 11.20 ? 82  LEU A CD1 1 
ATOM   666  C  CD2 . LEU A 1 82 ? 8.807   -9.972  -9.122  1.00 12.18 ? 82  LEU A CD2 1 
ATOM   667  N  N   . GLU B 1 3  ? 25.153  3.601   -10.079 1.00 18.53 ? 3   GLU B N   1 
ATOM   668  C  CA  . GLU B 1 3  ? 24.707  3.835   -11.481 1.00 11.62 ? 3   GLU B CA  1 
ATOM   669  C  C   . GLU B 1 3  ? 23.227  4.188   -11.533 1.00 10.02 ? 3   GLU B C   1 
ATOM   670  O  O   . GLU B 1 3  ? 22.665  4.659   -10.548 1.00 9.22  ? 3   GLU B O   1 
ATOM   671  C  CB  . GLU B 1 3  ? 24.974  2.591   -12.330 1.00 11.93 ? 3   GLU B CB  1 
ATOM   672  C  CG  . GLU B 1 3  ? 24.330  1.322   -11.799 1.00 16.31 ? 3   GLU B CG  1 
ATOM   673  C  CD  . GLU B 1 3  ? 24.634  0.102   -12.656 1.00 18.15 ? 3   GLU B CD  1 
ATOM   674  O  OE1 . GLU B 1 3  ? 24.144  0.034   -13.803 1.00 20.00 ? 3   GLU B OE1 1 
ATOM   675  O  OE2 . GLU B 1 3  ? 25.363  -0.792  -12.177 1.00 18.69 ? 3   GLU B OE2 1 
ATOM   676  N  N   . ARG B 1 4  ? 22.602  3.967   -12.683 1.00 8.91  ? 4   ARG B N   1 
ATOM   677  C  CA  . ARG B 1 4  ? 21.187  4.269   -12.845 1.00 8.85  ? 4   ARG B CA  1 
ATOM   678  C  C   . ARG B 1 4  ? 20.323  3.299   -12.048 1.00 8.35  ? 4   ARG B C   1 
ATOM   679  O  O   . ARG B 1 4  ? 19.340  3.707   -11.431 1.00 7.84  ? 4   ARG B O   1 
ATOM   680  C  CB  . ARG B 1 4  ? 20.804  4.226   -14.322 1.00 9.05  ? 4   ARG B CB  1 
ATOM   681  C  CG  . ARG B 1 4  ? 21.460  5.322   -15.148 1.00 10.50 ? 4   ARG B CG  1 
ATOM   682  C  CD  . ARG B 1 4  ? 21.351  5.022   -16.630 1.00 13.33 ? 4   ARG B CD  1 
ATOM   683  N  NE  . ARG B 1 4  ? 22.070  3.796   -16.962 1.00 13.36 ? 4   ARG B NE  1 
ATOM   684  C  CZ  . ARG B 1 4  ? 22.101  3.247   -18.172 1.00 14.56 ? 4   ARG B CZ  1 
ATOM   685  N  NH1 . ARG B 1 4  ? 21.448  3.815   -19.176 1.00 14.76 ? 4   ARG B NH1 1 
ATOM   686  N  NH2 . ARG B 1 4  ? 22.781  2.126   -18.373 1.00 16.39 ? 4   ARG B NH2 1 
ATOM   687  N  N   . ILE B 1 5  ? 20.678  2.018   -12.058 1.00 8.10  ? 5   ILE B N   1 
ATOM   688  C  CA  . ILE B 1 5  ? 19.908  1.043   -11.300 1.00 8.06  ? 5   ILE B CA  1 
ATOM   689  C  C   . ILE B 1 5  ? 20.047  1.359   -9.813  1.00 8.64  ? 5   ILE B C   1 
ATOM   690  O  O   . ILE B 1 5  ? 19.071  1.288   -9.063  1.00 8.77  ? 5   ILE B O   1 
ATOM   691  C  CB  . ILE B 1 5  ? 20.379  -0.396  -11.593 1.00 9.41  ? 5   ILE B CB  1 
ATOM   692  C  CG1 . ILE B 1 5  ? 20.025  -0.758  -13.040 1.00 9.19  ? 5   ILE B CG1 1 
ATOM   693  C  CG2 . ILE B 1 5  ? 19.737  -1.370  -10.611 1.00 10.56 ? 5   ILE B CG2 1 
ATOM   694  C  CD1 . ILE B 1 5  ? 20.468  -2.145  -13.466 1.00 10.97 ? 5   ILE B CD1 1 
ATOM   695  N  N   . GLN B 1 6  ? 21.254  1.721   -9.387  1.00 8.29  ? 6   GLN B N   1 
ATOM   696  C  CA  . GLN B 1 6  ? 21.475  2.069   -7.985  1.00 9.79  ? 6   GLN B CA  1 
ATOM   697  C  C   . GLN B 1 6  ? 20.606  3.265   -7.594  1.00 8.81  ? 6   GLN B C   1 
ATOM   698  O  O   . GLN B 1 6  ? 19.989  3.276   -6.525  1.00 8.73  ? 6   GLN B O   1 
ATOM   699  C  CB  . GLN B 1 6  ? 22.941  2.423   -7.728  1.00 12.60 ? 6   GLN B CB  1 
ATOM   700  C  CG  . GLN B 1 6  ? 23.933  1.300   -7.952  1.00 19.78 ? 6   GLN B CG  1 
ATOM   701  C  CD  . GLN B 1 6  ? 25.266  1.579   -7.282  1.00 22.34 ? 6   GLN B CD  1 
ATOM   702  O  OE1 . GLN B 1 6  ? 26.266  1.843   -7.951  1.00 25.81 ? 6   GLN B OE1 1 
ATOM   703  N  NE2 . GLN B 1 6  ? 25.291  1.506   -5.956  1.00 24.84 ? 6   GLN B NE2 1 
ATOM   704  N  N   . ALA B 1 7  ? 20.570  4.274   -8.460  1.00 7.64  ? 7   ALA B N   1 
ATOM   705  C  CA  . ALA B 1 7  ? 19.773  5.468   -8.196  1.00 7.64  ? 7   ALA B CA  1 
ATOM   706  C  C   . ALA B 1 7  ? 18.291  5.123   -8.120  1.00 7.43  ? 7   ALA B C   1 
ATOM   707  O  O   . ALA B 1 7  ? 17.570  5.621   -7.253  1.00 7.04  ? 7   ALA B O   1 
ATOM   708  C  CB  . ALA B 1 7  ? 20.010  6.514   -9.280  1.00 8.86  ? 7   ALA B CB  1 
ATOM   709  N  N   . LEU B 1 8  ? 17.838  4.267   -9.029  1.00 6.76  ? 8   LEU B N   1 
ATOM   710  C  CA  . LEU B 1 8  ? 16.437  3.867   -9.043  1.00 6.37  ? 8   LEU B CA  1 
ATOM   711  C  C   . LEU B 1 8  ? 16.084  3.076   -7.788  1.00 6.58  ? 8   LEU B C   1 
ATOM   712  O  O   . LEU B 1 8  ? 14.982  3.212   -7.252  1.00 6.76  ? 8   LEU B O   1 
ATOM   713  C  CB  . LEU B 1 8  ? 16.136  3.051   -10.301 1.00 7.19  ? 8   LEU B CB  1 
ATOM   714  C  CG  . LEU B 1 8  ? 16.010  3.902   -11.571 1.00 7.77  ? 8   LEU B CG  1 
ATOM   715  C  CD1 . LEU B 1 8  ? 16.193  3.043   -12.807 1.00 8.23  ? 8   LEU B CD1 1 
ATOM   716  C  CD2 . LEU B 1 8  ? 14.652  4.594   -11.580 1.00 8.49  ? 8   LEU B CD2 1 
ATOM   717  N  N   . ARG B 1 9  ? 17.018  2.254   -7.313  1.00 6.73  ? 9   ARG B N   1 
ATOM   718  C  CA  . ARG B 1 9  ? 16.776  1.478   -6.101  1.00 7.35  ? 9   ARG B CA  1 
ATOM   719  C  C   . ARG B 1 9  ? 16.576  2.418   -4.916  1.00 6.94  ? 9   ARG B C   1 
ATOM   720  O  O   . ARG B 1 9  ? 15.761  2.157   -4.033  1.00 6.97  ? 9   ARG B O   1 
ATOM   721  C  CB  . ARG B 1 9  ? 17.939  0.517   -5.837  1.00 8.94  ? 9   ARG B CB  1 
ATOM   722  C  CG  . ARG B 1 9  ? 17.900  -0.739  -6.701  1.00 13.10 ? 9   ARG B CG  1 
ATOM   723  C  CD  . ARG B 1 9  ? 19.230  -1.479  -6.695  1.00 16.90 ? 9   ARG B CD  1 
ATOM   724  N  NE  . ARG B 1 9  ? 19.631  -1.917  -5.360  1.00 20.59 ? 9   ARG B NE  1 
ATOM   725  C  CZ  . ARG B 1 9  ? 19.762  -3.189  -4.994  1.00 20.75 ? 9   ARG B CZ  1 
ATOM   726  N  NH1 . ARG B 1 9  ? 19.520  -4.162  -5.862  1.00 20.45 ? 9   ARG B NH1 1 
ATOM   727  N  NH2 . ARG B 1 9  ? 20.145  -3.489  -3.762  1.00 23.37 ? 9   ARG B NH2 1 
ATOM   728  N  N   . LYS B 1 10 ? 17.317  3.520   -4.895  1.00 7.05  ? 10  LYS B N   1 
ATOM   729  C  CA  . LYS B 1 10 ? 17.166  4.493   -3.823  1.00 7.41  ? 10  LYS B CA  1 
ATOM   730  C  C   . LYS B 1 10 ? 15.794  5.161   -3.920  1.00 6.35  ? 10  LYS B C   1 
ATOM   731  O  O   . LYS B 1 10 ? 15.181  5.475   -2.900  1.00 6.74  ? 10  LYS B O   1 
ATOM   732  C  CB  . LYS B 1 10 ? 18.286  5.533   -3.882  1.00 9.36  ? 10  LYS B CB  1 
ATOM   733  C  CG  . LYS B 1 10 ? 19.611  5.012   -3.334  1.00 14.41 ? 10  LYS B CG  1 
ATOM   734  C  CD  . LYS B 1 10 ? 19.496  4.676   -1.848  1.00 20.17 ? 10  LYS B CD  1 
ATOM   735  C  CE  . LYS B 1 10 ? 19.706  3.192   -1.571  1.00 22.18 ? 10  LYS B CE  1 
ATOM   736  N  NZ  . LYS B 1 10 ? 21.121  2.765   -1.760  1.00 24.23 ? 10  LYS B NZ  1 
ATOM   737  N  N   . GLU B 1 11 ? 15.309  5.378   -5.139  1.00 6.23  ? 11  GLU B N   1 
ATOM   738  C  CA  . GLU B 1 11 ? 13.987  5.967   -5.302  1.00 6.17  ? 11  GLU B CA  1 
ATOM   739  C  C   . GLU B 1 11 ? 12.946  4.973   -4.781  1.00 5.62  ? 11  GLU B C   1 
ATOM   740  O  O   . GLU B 1 11 ? 11.975  5.361   -4.133  1.00 6.12  ? 11  GLU B O   1 
ATOM   741  C  CB  . GLU B 1 11 ? 13.701  6.280   -6.771  1.00 7.16  ? 11  GLU B CB  1 
ATOM   742  C  CG  . GLU B 1 11 ? 14.598  7.346   -7.399  1.00 7.14  ? 11  GLU B CG  1 
ATOM   743  C  CD  . GLU B 1 11 ? 14.598  8.666   -6.644  1.00 9.20  ? 11  GLU B CD  1 
ATOM   744  O  OE1 . GLU B 1 11 ? 13.602  8.983   -5.958  1.00 12.17 ? 11  GLU B OE1 1 
ATOM   745  O  OE2 . GLU B 1 11 ? 15.599  9.404   -6.751  1.00 9.48  ? 11  GLU B OE2 1 
ATOM   746  N  N   . VAL B 1 12 ? 13.140  3.689   -5.069  1.00 5.44  ? 12  VAL B N   1 
ATOM   747  C  CA  . VAL B 1 12 ? 12.210  2.670   -4.594  1.00 5.94  ? 12  VAL B CA  1 
ATOM   748  C  C   . VAL B 1 12 ? 12.209  2.644   -3.058  1.00 5.49  ? 12  VAL B C   1 
ATOM   749  O  O   . VAL B 1 12 ? 11.149  2.497   -2.442  1.00 5.82  ? 12  VAL B O   1 
ATOM   750  C  CB  . VAL B 1 12 ? 12.562  1.271   -5.163  1.00 5.65  ? 12  VAL B CB  1 
ATOM   751  C  CG1 . VAL B 1 12 ? 11.738  0.194   -4.467  1.00 7.32  ? 12  VAL B CG1 1 
ATOM   752  C  CG2 . VAL B 1 12 ? 12.297  1.244   -6.666  1.00 7.00  ? 12  VAL B CG2 1 
ATOM   753  N  N   . ASP B 1 13 ? 13.380  2.801   -2.438  1.00 5.83  ? 13  ASP B N   1 
ATOM   754  C  CA  . ASP B 1 13 ? 13.450  2.821   -0.974  1.00 6.67  ? 13  ASP B CA  1 
ATOM   755  C  C   . ASP B 1 13 ? 12.624  3.994   -0.441  1.00 5.76  ? 13  ASP B C   1 
ATOM   756  O  O   . ASP B 1 13 ? 11.882  3.849   0.526   1.00 6.21  ? 13  ASP B O   1 
ATOM   757  C  CB  . ASP B 1 13 ? 14.891  2.985   -0.474  1.00 7.33  ? 13  ASP B CB  1 
ATOM   758  C  CG  . ASP B 1 13 ? 15.770  1.777   -0.752  1.00 7.45  ? 13  ASP B CG  1 
ATOM   759  O  OD1 . ASP B 1 13 ? 15.255  0.656   -0.955  1.00 7.89  ? 13  ASP B OD1 1 
ATOM   760  O  OD2 . ASP B 1 13 ? 17.006  1.955   -0.748  1.00 9.84  ? 13  ASP B OD2 1 
ATOM   761  N  N   . ARG B 1 14 ? 12.778  5.160   -1.063  1.00 5.43  ? 14  ARG B N   1 
ATOM   762  C  CA  . ARG B 1 14 ? 12.033  6.344   -0.654  1.00 6.12  ? 14  ARG B CA  1 
ATOM   763  C  C   . ARG B 1 14 ? 10.532  6.105   -0.763  1.00 5.64  ? 14  ARG B C   1 
ATOM   764  O  O   . ARG B 1 14 ? 9.771   6.421   0.153   1.00 5.60  ? 14  ARG B O   1 
ATOM   765  C  CB  . ARG B 1 14 ? 12.420  7.546   -1.522  1.00 6.81  ? 14  ARG B CB  1 
ATOM   766  C  CG  . ARG B 1 14 ? 11.519  8.767   -1.332  1.00 9.30  ? 14  ARG B CG  1 
ATOM   767  C  CD  . ARG B 1 14 ? 11.902  9.907   -2.265  1.00 10.26 ? 14  ARG B CD  1 
ATOM   768  N  NE  . ARG B 1 14 ? 11.792  9.537   -3.675  1.00 10.04 ? 14  ARG B NE  1 
ATOM   769  C  CZ  . ARG B 1 14 ? 10.653  9.444   -4.356  1.00 9.90  ? 14  ARG B CZ  1 
ATOM   770  N  NH1 . ARG B 1 14 ? 9.489   9.695   -3.771  1.00 12.46 ? 14  ARG B NH1 1 
ATOM   771  N  NH2 . ARG B 1 14 ? 10.684  9.100   -5.635  1.00 10.88 ? 14  ARG B NH2 1 
ATOM   772  N  N   . VAL B 1 15 ? 10.110  5.552   -1.894  1.00 4.90  ? 15  VAL B N   1 
ATOM   773  C  CA  . VAL B 1 15 ? 8.704   5.280   -2.118  1.00 6.32  ? 15  VAL B CA  1 
ATOM   774  C  C   . VAL B 1 15 ? 8.187   4.228   -1.136  1.00 5.22  ? 15  VAL B C   1 
ATOM   775  O  O   . VAL B 1 15 ? 7.085   4.366   -0.604  1.00 5.52  ? 15  VAL B O   1 
ATOM   776  C  CB  . VAL B 1 15 ? 8.466   4.854   -3.584  1.00 6.54  ? 15  VAL B CB  1 
ATOM   777  C  CG1 . VAL B 1 15 ? 7.039   4.374   -3.771  1.00 9.49  ? 15  VAL B CG1 1 
ATOM   778  C  CG2 . VAL B 1 15 ? 8.738   6.042   -4.508  1.00 7.69  ? 15  VAL B CG2 1 
ATOM   779  N  N   . ASN B 1 16 ? 8.975   3.184   -0.885  1.00 4.94  ? 16  ASN B N   1 
ATOM   780  C  CA  . ASN B 1 16 ? 8.576   2.154   0.075   1.00 5.20  ? 16  ASN B CA  1 
ATOM   781  C  C   . ASN B 1 16 ? 8.318   2.790   1.439   1.00 4.70  ? 16  ASN B C   1 
ATOM   782  O  O   . ASN B 1 16 ? 7.329   2.480   2.105   1.00 5.56  ? 16  ASN B O   1 
ATOM   783  C  CB  . ASN B 1 16 ? 9.671   1.102   0.272   1.00 5.84  ? 16  ASN B CB  1 
ATOM   784  C  CG  . ASN B 1 16 ? 9.742   0.081   -0.849  1.00 6.03  ? 16  ASN B CG  1 
ATOM   785  O  OD1 . ASN B 1 16 ? 8.815   -0.075  -1.642  1.00 6.72  ? 16  ASN B OD1 1 
ATOM   786  N  ND2 . ASN B 1 16 ? 10.851  -0.643  -0.895  1.00 6.95  ? 16  ASN B ND2 1 
ATOM   787  N  N   . ARG B 1 17 ? 9.230   3.658   1.869   1.00 5.06  ? 17  ARG B N   1 
ATOM   788  C  CA  . ARG B 1 17 ? 9.087   4.306   3.164   1.00 5.01  ? 17  ARG B CA  1 
ATOM   789  C  C   . ARG B 1 17 ? 7.855   5.198   3.209   1.00 5.46  ? 17  ARG B C   1 
ATOM   790  O  O   . ARG B 1 17 ? 7.173   5.261   4.230   1.00 5.84  ? 17  ARG B O   1 
ATOM   791  C  CB  . ARG B 1 17 ? 10.365  5.081   3.505   1.00 5.87  ? 17  ARG B CB  1 
ATOM   792  C  CG  . ARG B 1 17 ? 11.504  4.150   3.917   1.00 5.69  ? 17  ARG B CG  1 
ATOM   793  C  CD  . ARG B 1 17 ? 12.775  4.895   4.308   1.00 8.19  ? 17  ARG B CD  1 
ATOM   794  N  NE  . ARG B 1 17 ? 13.729  3.990   4.947   1.00 7.89  ? 17  ARG B NE  1 
ATOM   795  C  CZ  . ARG B 1 17 ? 14.885  3.597   4.420   1.00 8.19  ? 17  ARG B CZ  1 
ATOM   796  N  NH1 . ARG B 1 17 ? 15.264  4.032   3.226   1.00 8.77  ? 17  ARG B NH1 1 
ATOM   797  N  NH2 . ARG B 1 17 ? 15.657  2.749   5.086   1.00 8.59  ? 17  ARG B NH2 1 
ATOM   798  N  N   . GLU B 1 18 ? 7.558   5.872   2.105   1.00 5.55  ? 18  GLU B N   1 
ATOM   799  C  CA  . GLU B 1 18 ? 6.372   6.717   2.056   1.00 6.62  ? 18  GLU B CA  1 
ATOM   800  C  C   . GLU B 1 18 ? 5.114   5.852   2.142   1.00 5.72  ? 18  GLU B C   1 
ATOM   801  O  O   . GLU B 1 18 ? 4.146   6.216   2.808   1.00 5.96  ? 18  GLU B O   1 
ATOM   802  C  CB  . GLU B 1 18 ? 6.349   7.542   0.770   1.00 7.43  ? 18  GLU B CB  1 
ATOM   803  C  CG  . GLU B 1 18 ? 7.374   8.664   0.721   1.00 14.72 ? 18  GLU B CG  1 
ATOM   804  C  CD  . GLU B 1 18 ? 7.245   9.524   -0.522  1.00 19.38 ? 18  GLU B CD  1 
ATOM   805  O  OE1 . GLU B 1 18 ? 6.110   9.931   -0.845  1.00 20.62 ? 18  GLU B OE1 1 
ATOM   806  O  OE2 . GLU B 1 18 ? 8.277   9.802   -1.169  1.00 23.02 ? 18  GLU B OE2 1 
ATOM   807  N  N   . ILE B 1 19 ? 5.121   4.709   1.463   1.00 5.59  ? 19  ILE B N   1 
ATOM   808  C  CA  . ILE B 1 19 ? 3.970   3.812   1.513   1.00 6.00  ? 19  ILE B CA  1 
ATOM   809  C  C   . ILE B 1 19 ? 3.780   3.310   2.947   1.00 5.23  ? 19  ILE B C   1 
ATOM   810  O  O   . ILE B 1 19 ? 2.651   3.231   3.435   1.00 6.01  ? 19  ILE B O   1 
ATOM   811  C  CB  . ILE B 1 19 ? 4.143   2.624   0.528   1.00 5.88  ? 19  ILE B CB  1 
ATOM   812  C  CG1 . ILE B 1 19 ? 4.069   3.144   -0.913  1.00 6.61  ? 19  ILE B CG1 1 
ATOM   813  C  CG2 . ILE B 1 19 ? 3.065   1.575   0.764   1.00 6.32  ? 19  ILE B CG2 1 
ATOM   814  C  CD1 . ILE B 1 19 ? 4.454   2.123   -1.962  1.00 7.63  ? 19  ILE B CD1 1 
ATOM   815  N  N   . LEU B 1 20 ? 4.876   2.984   3.629   1.00 5.45  ? 20  LEU B N   1 
ATOM   816  C  CA  . LEU B 1 20 ? 4.775   2.524   5.013   1.00 5.31  ? 20  LEU B CA  1 
ATOM   817  C  C   . LEU B 1 20 ? 4.155   3.617   5.885   1.00 5.53  ? 20  LEU B C   1 
ATOM   818  O  O   . LEU B 1 20 ? 3.302   3.345   6.733   1.00 6.09  ? 20  LEU B O   1 
ATOM   819  C  CB  . LEU B 1 20 ? 6.157   2.148   5.557   1.00 6.87  ? 20  LEU B CB  1 
ATOM   820  C  CG  . LEU B 1 20 ? 6.233   1.789   7.048   1.00 7.22  ? 20  LEU B CG  1 
ATOM   821  C  CD1 . LEU B 1 20 ? 5.359   0.578   7.366   1.00 7.88  ? 20  LEU B CD1 1 
ATOM   822  C  CD2 . LEU B 1 20 ? 7.687   1.513   7.412   1.00 7.99  ? 20  LEU B CD2 1 
ATOM   823  N  N   . ARG B 1 21 ? 4.581   4.857   5.673   1.00 6.15  ? 21  ARG B N   1 
ATOM   824  C  CA  . ARG B 1 21 ? 4.050   5.975   6.439   1.00 6.50  ? 21  ARG B CA  1 
ATOM   825  C  C   . ARG B 1 21 ? 2.558   6.162   6.166   1.00 5.95  ? 21  ARG B C   1 
ATOM   826  O  O   . ARG B 1 21 ? 1.775   6.365   7.094   1.00 7.03  ? 21  ARG B O   1 
ATOM   827  C  CB  . ARG B 1 21 ? 4.798   7.264   6.090   1.00 7.74  ? 21  ARG B CB  1 
ATOM   828  C  CG  . ARG B 1 21 ? 4.406   8.450   6.962   1.00 8.96  ? 21  ARG B CG  1 
ATOM   829  C  CD  . ARG B 1 21 ? 5.147   9.719   6.566   1.00 12.54 ? 21  ARG B CD  1 
ATOM   830  N  NE  . ARG B 1 21 ? 4.693   10.251  5.282   1.00 17.98 ? 21  ARG B NE  1 
ATOM   831  C  CZ  . ARG B 1 21 ? 3.479   10.750  5.069   1.00 19.19 ? 21  ARG B CZ  1 
ATOM   832  N  NH1 . ARG B 1 21 ? 2.592   10.789  6.054   1.00 22.86 ? 21  ARG B NH1 1 
ATOM   833  N  NH2 . ARG B 1 21 ? 3.151   11.209  3.869   1.00 22.18 ? 21  ARG B NH2 1 
ATOM   834  N  N   . LEU B 1 22 ? 2.172   6.095   4.895   1.00 6.37  ? 22  LEU B N   1 
ATOM   835  C  CA  . LEU B 1 22 ? 0.771   6.266   4.518   1.00 6.33  ? 22  LEU B CA  1 
ATOM   836  C  C   . LEU B 1 22 ? -0.105  5.127   5.016   1.00 6.22  ? 22  LEU B C   1 
ATOM   837  O  O   . LEU B 1 22 ? -1.231  5.354   5.458   1.00 6.53  ? 22  LEU B O   1 
ATOM   838  C  CB  . LEU B 1 22 ? 0.642   6.416   3.001   1.00 7.96  ? 22  LEU B CB  1 
ATOM   839  C  CG  . LEU B 1 22 ? 0.870   7.837   2.467   1.00 13.02 ? 22  LEU B CG  1 
ATOM   840  C  CD1 . LEU B 1 22 ? -0.271  8.735   2.918   1.00 16.00 ? 22  LEU B CD1 1 
ATOM   841  C  CD2 . LEU B 1 22 ? 2.202   8.385   2.957   1.00 17.44 ? 22  LEU B CD2 1 
ATOM   842  N  N   . LEU B 1 23 ? 0.400   3.901   4.938   1.00 6.66  ? 23  LEU B N   1 
ATOM   843  C  CA  . LEU B 1 23 ? -0.354  2.758   5.429   1.00 7.21  ? 23  LEU B CA  1 
ATOM   844  C  C   . LEU B 1 23 ? -0.573  2.916   6.929   1.00 7.51  ? 23  LEU B C   1 
ATOM   845  O  O   . LEU B 1 23 ? -1.662  2.642   7.439   1.00 7.83  ? 23  LEU B O   1 
ATOM   846  C  CB  . LEU B 1 23 ? 0.403   1.458   5.164   1.00 7.68  ? 23  LEU B CB  1 
ATOM   847  C  CG  . LEU B 1 23 ? 0.413   0.924   3.734   1.00 7.22  ? 23  LEU B CG  1 
ATOM   848  C  CD1 . LEU B 1 23 ? 1.342   -0.273  3.656   1.00 8.52  ? 23  LEU B CD1 1 
ATOM   849  C  CD2 . LEU B 1 23 ? -0.999  0.535   3.308   1.00 9.03  ? 23  LEU B CD2 1 
ATOM   850  N  N   . SER B 1 24 ? 0.463   3.360   7.636   1.00 7.40  ? 24  SER B N   1 
ATOM   851  C  CA  . SER B 1 24 ? 0.364   3.535   9.079   1.00 7.65  ? 24  SER B CA  1 
ATOM   852  C  C   . SER B 1 24 ? -0.624  4.645   9.423   1.00 8.45  ? 24  SER B C   1 
ATOM   853  O  O   . SER B 1 24 ? -1.383  4.531   10.384  1.00 8.81  ? 24  SER B O   1 
ATOM   854  C  CB  . SER B 1 24 ? 1.746   3.822   9.675   1.00 8.65  ? 24  SER B CB  1 
ATOM   855  O  OG  . SER B 1 24 ? 2.612   2.708   9.493   1.00 8.61  ? 24  SER B OG  1 
ATOM   856  N  N   . GLU B 1 25 ? -0.617  5.713   8.633   1.00 8.01  ? 25  GLU B N   1 
ATOM   857  C  CA  . GLU B 1 25 ? -1.543  6.813   8.854   1.00 9.02  ? 25  GLU B CA  1 
ATOM   858  C  C   . GLU B 1 25 ? -2.969  6.302   8.646   1.00 8.80  ? 25  GLU B C   1 
ATOM   859  O  O   . GLU B 1 25 ? -3.874  6.622   9.425   1.00 9.40  ? 25  GLU B O   1 
ATOM   860  C  CB  . GLU B 1 25 ? -1.262  7.951   7.878   1.00 10.40 ? 25  GLU B CB  1 
ATOM   861  C  CG  . GLU B 1 25 ? -2.072  9.201   8.161   1.00 13.09 ? 25  GLU B CG  1 
ATOM   862  C  CD  . GLU B 1 25 ? -1.786  10.321  7.186   1.00 15.26 ? 25  GLU B CD  1 
ATOM   863  O  OE1 . GLU B 1 25 ? -0.735  10.274  6.515   1.00 16.76 ? 25  GLU B OE1 1 
ATOM   864  O  OE2 . GLU B 1 25 ? -2.608  11.257  7.101   1.00 16.82 ? 25  GLU B OE2 1 
ATOM   865  N  N   . ARG B 1 26 ? -3.165  5.512   7.593   1.00 8.39  ? 26  ARG B N   1 
ATOM   866  C  CA  . ARG B 1 26 ? -4.480  4.953   7.302   1.00 8.24  ? 26  ARG B CA  1 
ATOM   867  C  C   . ARG B 1 26 ? -4.898  4.071   8.473   1.00 8.48  ? 26  ARG B C   1 
ATOM   868  O  O   . ARG B 1 26 ? -6.065  4.053   8.870   1.00 8.89  ? 26  ARG B O   1 
ATOM   869  C  CB  . ARG B 1 26 ? -4.448  4.112   6.021   1.00 8.04  ? 26  ARG B CB  1 
ATOM   870  C  CG  . ARG B 1 26 ? -5.828  3.746   5.508   1.00 9.07  ? 26  ARG B CG  1 
ATOM   871  C  CD  . ARG B 1 26 ? -5.769  2.828   4.299   1.00 9.84  ? 26  ARG B CD  1 
ATOM   872  N  NE  . ARG B 1 26 ? -7.078  2.724   3.667   1.00 9.93  ? 26  ARG B NE  1 
ATOM   873  C  CZ  . ARG B 1 26 ? -8.096  2.017   4.146   1.00 10.09 ? 26  ARG B CZ  1 
ATOM   874  N  NH1 . ARG B 1 26 ? -7.967  1.323   5.270   1.00 11.05 ? 26  ARG B NH1 1 
ATOM   875  N  NH2 . ARG B 1 26 ? -9.261  2.027   3.513   1.00 13.43 ? 26  ARG B NH2 1 
ATOM   876  N  N   . GLY B 1 27 ? -3.937  3.336   9.015   1.00 8.62  ? 27  GLY B N   1 
ATOM   877  C  CA  . GLY B 1 27 ? -4.222  2.466   10.136  1.00 9.31  ? 27  GLY B CA  1 
ATOM   878  C  C   . GLY B 1 27 ? -4.727  3.232   11.343  1.00 9.06  ? 27  GLY B C   1 
ATOM   879  O  O   . GLY B 1 27 ? -5.682  2.810   12.002  1.00 9.55  ? 27  GLY B O   1 
ATOM   880  N  N   . ARG B 1 28 ? -4.097  4.362   11.646  1.00 8.51  ? 28  ARG B N   1 
ATOM   881  C  CA  . ARG B 1 28 ? -4.530  5.150   12.791  1.00 8.42  ? 28  ARG B CA  1 
ATOM   882  C  C   . ARG B 1 28 ? -5.927  5.721   12.561  1.00 7.80  ? 28  ARG B C   1 
ATOM   883  O  O   . ARG B 1 28 ? -6.725  5.805   13.496  1.00 8.91  ? 28  ARG B O   1 
ATOM   884  C  CB  . ARG B 1 28 ? -3.535  6.277   13.080  1.00 9.63  ? 28  ARG B CB  1 
ATOM   885  C  CG  . ARG B 1 28 ? -2.149  5.794   13.496  1.00 12.19 ? 28  ARG B CG  1 
ATOM   886  C  CD  . ARG B 1 28 ? -1.349  6.919   14.133  1.00 14.14 ? 28  ARG B CD  1 
ATOM   887  N  NE  . ARG B 1 28 ? -1.247  8.082   13.254  1.00 16.20 ? 28  ARG B NE  1 
ATOM   888  C  CZ  . ARG B 1 28 ? -0.404  8.178   12.230  1.00 16.25 ? 28  ARG B CZ  1 
ATOM   889  N  NH1 . ARG B 1 28 ? 0.428   7.181   11.951  1.00 15.97 ? 28  ARG B NH1 1 
ATOM   890  N  NH2 . ARG B 1 28 ? -0.401  9.269   11.479  1.00 16.99 ? 28  ARG B NH2 1 
ATOM   891  N  N   . LEU B 1 29 ? -6.233  6.101   11.325  1.00 7.98  ? 29  LEU B N   1 
ATOM   892  C  CA  . LEU B 1 29 ? -7.549  6.642   11.011  1.00 8.01  ? 29  LEU B CA  1 
ATOM   893  C  C   . LEU B 1 29 ? -8.637  5.592   11.195  1.00 7.99  ? 29  LEU B C   1 
ATOM   894  O  O   . LEU B 1 29 ? -9.682  5.862   11.792  1.00 8.28  ? 29  LEU B O   1 
ATOM   895  C  CB  . LEU B 1 29 ? -7.581  7.164   9.574   1.00 8.85  ? 29  LEU B CB  1 
ATOM   896  C  CG  . LEU B 1 29 ? -6.843  8.476   9.315   1.00 8.95  ? 29  LEU B CG  1 
ATOM   897  C  CD1 . LEU B 1 29 ? -6.743  8.716   7.819   1.00 10.66 ? 29  LEU B CD1 1 
ATOM   898  C  CD2 . LEU B 1 29 ? -7.576  9.624   9.999   1.00 12.10 ? 29  LEU B CD2 1 
ATOM   899  N  N   . VAL B 1 30 ? -8.400  4.392   10.682  1.00 8.55  ? 30  VAL B N   1 
ATOM   900  C  CA  . VAL B 1 30 ? -9.387  3.332   10.813  1.00 9.57  ? 30  VAL B CA  1 
ATOM   901  C  C   . VAL B 1 30 ? -9.520  2.910   12.273  1.00 10.06 ? 30  VAL B C   1 
ATOM   902  O  O   . VAL B 1 30 ? -10.593 2.490   12.700  1.00 9.98  ? 30  VAL B O   1 
ATOM   903  C  CB  . VAL B 1 30 ? -9.031  2.128   9.922   1.00 12.26 ? 30  VAL B CB  1 
ATOM   904  C  CG1 . VAL B 1 30 ? -9.280  2.478   8.463   1.00 14.82 ? 30  VAL B CG1 1 
ATOM   905  C  CG2 . VAL B 1 30 ? -7.587  1.759   10.113  1.00 16.95 ? 30  VAL B CG2 1 
ATOM   906  N  N   . GLN B 1 31 ? -8.443  3.029   13.046  1.00 9.49  ? 31  GLN B N   1 
ATOM   907  C  CA  . GLN B 1 31 ? -8.514  2.698   14.466  1.00 9.73  ? 31  GLN B CA  1 
ATOM   908  C  C   . GLN B 1 31 ? -9.483  3.669   15.136  1.00 8.83  ? 31  GLN B C   1 
ATOM   909  O  O   . GLN B 1 31 ? -10.292 3.283   15.981  1.00 9.18  ? 31  GLN B O   1 
ATOM   910  C  CB  . GLN B 1 31 ? -7.146  2.842   15.130  1.00 12.19 ? 31  GLN B CB  1 
ATOM   911  C  CG  . GLN B 1 31 ? -6.150  1.753   14.799  1.00 15.19 ? 31  GLN B CG  1 
ATOM   912  C  CD  . GLN B 1 31 ? -4.856  1.925   15.568  1.00 14.16 ? 31  GLN B CD  1 
ATOM   913  O  OE1 . GLN B 1 31 ? -4.179  2.944   15.440  1.00 17.63 ? 31  GLN B OE1 1 
ATOM   914  N  NE2 . GLN B 1 31 ? -4.512  0.932   16.380  1.00 15.61 ? 31  GLN B NE2 1 
ATOM   915  N  N   . GLU B 1 32 ? -9.389  4.937   14.753  1.00 8.12  ? 32  GLU B N   1 
ATOM   916  C  CA  . GLU B 1 32 ? -10.252 5.963   15.317  1.00 8.63  ? 32  GLU B CA  1 
ATOM   917  C  C   . GLU B 1 32 ? -11.703 5.707   14.924  1.00 8.00  ? 32  GLU B C   1 
ATOM   918  O  O   . GLU B 1 32 ? -12.612 5.851   15.744  1.00 8.51  ? 32  GLU B O   1 
ATOM   919  C  CB  . GLU B 1 32 ? -9.812  7.344   14.833  1.00 10.90 ? 32  GLU B CB  1 
ATOM   920  C  CG  . GLU B 1 32 ? -10.179 8.468   15.779  1.00 15.36 ? 32  GLU B CG  1 
ATOM   921  C  CD  . GLU B 1 32 ? -9.641  9.805   15.321  1.00 15.79 ? 32  GLU B CD  1 
ATOM   922  O  OE1 . GLU B 1 32 ? -8.509  9.836   14.794  1.00 17.68 ? 32  GLU B OE1 1 
ATOM   923  O  OE2 . GLU B 1 32 ? -10.343 10.819  15.498  1.00 18.74 ? 32  GLU B OE2 1 
ATOM   924  N  N   . ILE B 1 33 ? -11.922 5.335   13.667  1.00 7.35  ? 33  ILE B N   1 
ATOM   925  C  CA  . ILE B 1 33 ? -13.270 5.042   13.197  1.00 7.69  ? 33  ILE B CA  1 
ATOM   926  C  C   . ILE B 1 33 ? -13.812 3.842   13.974  1.00 7.17  ? 33  ILE B C   1 
ATOM   927  O  O   . ILE B 1 33 ? -14.959 3.846   14.423  1.00 7.71  ? 33  ILE B O   1 
ATOM   928  C  CB  . ILE B 1 33 ? -13.275 4.716   11.684  1.00 7.83  ? 33  ILE B CB  1 
ATOM   929  C  CG1 . ILE B 1 33 ? -12.972 5.984   10.877  1.00 8.10  ? 33  ILE B CG1 1 
ATOM   930  C  CG2 . ILE B 1 33 ? -14.616 4.114   11.284  1.00 9.06  ? 33  ILE B CG2 1 
ATOM   931  C  CD1 . ILE B 1 33 ? -12.710 5.732   9.402   1.00 9.07  ? 33  ILE B CD1 1 
ATOM   932  N  N   . GLY B 1 34 ? -12.973 2.826   14.144  1.00 7.54  ? 34  GLY B N   1 
ATOM   933  C  CA  . GLY B 1 34 ? -13.381 1.629   14.860  1.00 8.92  ? 34  GLY B CA  1 
ATOM   934  C  C   . GLY B 1 34 ? -13.811 1.885   16.290  1.00 9.06  ? 34  GLY B C   1 
ATOM   935  O  O   . GLY B 1 34 ? -14.776 1.285   16.765  1.00 9.42  ? 34  GLY B O   1 
ATOM   936  N  N   . ARG B 1 35 ? -13.096 2.769   16.980  1.00 8.47  ? 35  ARG B N   1 
ATOM   937  C  CA  . ARG B 1 35 ? -13.419 3.101   18.361  1.00 9.46  ? 35  ARG B CA  1 
ATOM   938  C  C   . ARG B 1 35 ? -14.783 3.779   18.416  1.00 9.53  ? 35  ARG B C   1 
ATOM   939  O  O   . ARG B 1 35 ? -15.585 3.510   19.313  1.00 10.23 ? 35  ARG B O   1 
ATOM   940  C  CB  . ARG B 1 35 ? -12.342 4.018   18.948  1.00 11.39 ? 35  ARG B CB  1 
ATOM   941  C  CG  . ARG B 1 35 ? -10.992 3.345   19.151  1.00 16.45 ? 35  ARG B CG  1 
ATOM   942  C  CD  . ARG B 1 35 ? -10.961 2.522   20.430  1.00 19.33 ? 35  ARG B CD  1 
ATOM   943  N  NE  . ARG B 1 35 ? -10.864 3.366   21.621  1.00 20.76 ? 35  ARG B NE  1 
ATOM   944  C  CZ  . ARG B 1 35 ? -9.776  4.045   21.973  1.00 20.94 ? 35  ARG B CZ  1 
ATOM   945  N  NH1 . ARG B 1 35 ? -8.680  3.981   21.231  1.00 22.80 ? 35  ARG B NH1 1 
ATOM   946  N  NH2 . ARG B 1 35 ? -9.781  4.789   23.071  1.00 20.15 ? 35  ARG B NH2 1 
ATOM   947  N  N   . LEU B 1 36 ? -15.052 4.655   17.454  1.00 9.30  ? 36  LEU B N   1 
ATOM   948  C  CA  . LEU B 1 36 ? -16.336 5.342   17.406  1.00 9.47  ? 36  LEU B CA  1 
ATOM   949  C  C   . LEU B 1 36 ? -17.460 4.362   17.105  1.00 9.50  ? 36  LEU B C   1 
ATOM   950  O  O   . LEU B 1 36 ? -18.534 4.439   17.702  1.00 10.59 ? 36  LEU B O   1 
ATOM   951  C  CB  . LEU B 1 36 ? -16.316 6.448   16.350  1.00 9.81  ? 36  LEU B CB  1 
ATOM   952  C  CG  . LEU B 1 36 ? -15.493 7.685   16.717  1.00 11.71 ? 36  LEU B CG  1 
ATOM   953  C  CD1 . LEU B 1 36 ? -15.427 8.631   15.531  1.00 13.12 ? 36  LEU B CD1 1 
ATOM   954  C  CD2 . LEU B 1 36 ? -16.109 8.377   17.924  1.00 16.10 ? 36  LEU B CD2 1 
ATOM   955  N  N   . GLN B 1 37 ? -17.218 3.439   16.180  1.00 8.12  ? 37  GLN B N   1 
ATOM   956  C  CA  . GLN B 1 37 ? -18.236 2.459   15.834  1.00 8.95  ? 37  GLN B CA  1 
ATOM   957  C  C   . GLN B 1 37 ? -18.563 1.582   17.035  1.00 9.04  ? 37  GLN B C   1 
ATOM   958  O  O   . GLN B 1 37 ? -19.726 1.279   17.286  1.00 10.46 ? 37  GLN B O   1 
ATOM   959  C  CB  . GLN B 1 37 ? -17.767 1.614   14.650  1.00 9.08  ? 37  GLN B CB  1 
ATOM   960  C  CG  . GLN B 1 37 ? -17.639 2.435   13.372  1.00 10.60 ? 37  GLN B CG  1 
ATOM   961  C  CD  . GLN B 1 37 ? -17.032 1.663   12.227  1.00 10.44 ? 37  GLN B CD  1 
ATOM   962  O  OE1 . GLN B 1 37 ? -16.076 0.918   12.412  1.00 11.08 ? 37  GLN B OE1 1 
ATOM   963  N  NE2 . GLN B 1 37 ? -17.573 1.854   11.029  1.00 12.72 ? 37  GLN B NE2 1 
ATOM   964  N  N   . THR B 1 38 ? -17.542 1.189   17.787  1.00 9.28  ? 38  THR B N   1 
ATOM   965  C  CA  . THR B 1 38 ? -17.760 0.361   18.965  1.00 10.52 ? 38  THR B CA  1 
ATOM   966  C  C   . THR B 1 38 ? -18.622 1.079   19.995  1.00 11.92 ? 38  THR B C   1 
ATOM   967  O  O   . THR B 1 38 ? -19.567 0.502   20.532  1.00 11.95 ? 38  THR B O   1 
ATOM   968  C  CB  . THR B 1 38 ? -16.424 -0.045  19.620  1.00 10.29 ? 38  THR B CB  1 
ATOM   969  O  OG1 . THR B 1 38 ? -15.750 -0.983  18.774  1.00 11.49 ? 38  THR B OG1 1 
ATOM   970  C  CG2 . THR B 1 38 ? -16.664 -0.675  20.989  1.00 12.81 ? 38  THR B CG2 1 
ATOM   971  N  N   . GLU B 1 39 ? -18.312 2.342   20.269  1.00 11.37 ? 39  GLU B N   1 
ATOM   972  C  CA  . GLU B 1 39 ? -19.076 3.095   21.255  1.00 15.20 ? 39  GLU B CA  1 
ATOM   973  C  C   . GLU B 1 39 ? -20.493 3.402   20.782  1.00 15.49 ? 39  GLU B C   1 
ATOM   974  O  O   . GLU B 1 39 ? -21.409 3.526   21.595  1.00 17.57 ? 39  GLU B O   1 
ATOM   975  C  CB  . GLU B 1 39 ? -18.357 4.398   21.612  1.00 17.16 ? 39  GLU B CB  1 
ATOM   976  C  CG  . GLU B 1 39 ? -18.873 5.032   22.899  1.00 22.30 ? 39  GLU B CG  1 
ATOM   977  C  CD  . GLU B 1 39 ? -18.097 6.269   23.305  1.00 24.34 ? 39  GLU B CD  1 
ATOM   978  O  OE1 . GLU B 1 39 ? -16.852 6.197   23.384  1.00 25.64 ? 39  GLU B OE1 1 
ATOM   979  O  OE2 . GLU B 1 39 ? -18.736 7.314   23.554  1.00 27.71 ? 39  GLU B OE2 1 
ATOM   980  N  N   . LEU B 1 40 ? -20.676 3.511   19.470  1.00 13.65 ? 40  LEU B N   1 
ATOM   981  C  CA  . LEU B 1 40 ? -21.989 3.810   18.909  1.00 14.05 ? 40  LEU B CA  1 
ATOM   982  C  C   . LEU B 1 40 ? -22.795 2.551   18.601  1.00 14.27 ? 40  LEU B C   1 
ATOM   983  O  O   . LEU B 1 40 ? -23.947 2.635   18.173  1.00 15.12 ? 40  LEU B O   1 
ATOM   984  C  CB  . LEU B 1 40 ? -21.838 4.646   17.636  1.00 13.97 ? 40  LEU B CB  1 
ATOM   985  C  CG  . LEU B 1 40 ? -21.235 6.044   17.802  1.00 14.51 ? 40  LEU B CG  1 
ATOM   986  C  CD1 . LEU B 1 40 ? -20.964 6.639   16.432  1.00 15.43 ? 40  LEU B CD1 1 
ATOM   987  C  CD2 . LEU B 1 40 ? -22.182 6.932   18.600  1.00 15.33 ? 40  LEU B CD2 1 
ATOM   988  N  N   . GLY B 1 41 ? -22.191 1.387   18.819  1.00 14.33 ? 41  GLY B N   1 
ATOM   989  C  CA  . GLY B 1 41 ? -22.877 0.134   18.553  1.00 14.77 ? 41  GLY B CA  1 
ATOM   990  C  C   . GLY B 1 41 ? -23.080 -0.114  17.071  1.00 15.26 ? 41  GLY B C   1 
ATOM   991  O  O   . GLY B 1 41 ? -24.101 -0.668  16.661  1.00 17.00 ? 41  GLY B O   1 
ATOM   992  N  N   . LEU B 1 42 ? -22.104 0.291   16.266  1.00 14.66 ? 42  LEU B N   1 
ATOM   993  C  CA  . LEU B 1 42 ? -22.171 0.120   14.819  1.00 14.97 ? 42  LEU B CA  1 
ATOM   994  C  C   . LEU B 1 42 ? -21.204 -0.965  14.361  1.00 14.03 ? 42  LEU B C   1 
ATOM   995  O  O   . LEU B 1 42 ? -20.217 -1.254  15.037  1.00 14.16 ? 42  LEU B O   1 
ATOM   996  C  CB  . LEU B 1 42 ? -21.821 1.436   14.119  1.00 16.00 ? 42  LEU B CB  1 
ATOM   997  C  CG  . LEU B 1 42 ? -22.660 2.666   14.471  1.00 16.63 ? 42  LEU B CG  1 
ATOM   998  C  CD1 . LEU B 1 42 ? -22.074 3.893   13.790  1.00 18.34 ? 42  LEU B CD1 1 
ATOM   999  C  CD2 . LEU B 1 42 ? -24.102 2.448   14.043  1.00 18.39 ? 42  LEU B CD2 1 
ATOM   1000 N  N   . PRO B 1 43 ? -21.476 -1.584  13.204  1.00 14.77 ? 43  PRO B N   1 
ATOM   1001 C  CA  . PRO B 1 43 ? -20.594 -2.634  12.690  1.00 14.49 ? 43  PRO B CA  1 
ATOM   1002 C  C   . PRO B 1 43 ? -19.283 -2.059  12.149  1.00 13.66 ? 43  PRO B C   1 
ATOM   1003 O  O   . PRO B 1 43 ? -19.224 -0.892  11.766  1.00 15.21 ? 43  PRO B O   1 
ATOM   1004 C  CB  . PRO B 1 43 ? -21.441 -3.282  11.599  1.00 15.77 ? 43  PRO B CB  1 
ATOM   1005 C  CG  . PRO B 1 43 ? -22.229 -2.125  11.071  1.00 17.20 ? 43  PRO B CG  1 
ATOM   1006 C  CD  . PRO B 1 43 ? -22.658 -1.421  12.339  1.00 16.29 ? 43  PRO B CD  1 
ATOM   1007 N  N   . HIS B 1 44 ? -18.238 -2.880  12.134  1.00 12.04 ? 44  HIS B N   1 
ATOM   1008 C  CA  . HIS B 1 44 ? -16.926 -2.471  11.633  1.00 12.01 ? 44  HIS B CA  1 
ATOM   1009 C  C   . HIS B 1 44 ? -16.784 -2.807  10.152  1.00 11.86 ? 44  HIS B C   1 
ATOM   1010 O  O   . HIS B 1 44 ? -16.181 -2.054  9.386   1.00 13.66 ? 44  HIS B O   1 
ATOM   1011 C  CB  . HIS B 1 44 ? -15.819 -3.182  12.417  1.00 13.58 ? 44  HIS B CB  1 
ATOM   1012 C  CG  . HIS B 1 44 ? -15.633 -2.667  13.808  1.00 15.39 ? 44  HIS B CG  1 
ATOM   1013 N  ND1 . HIS B 1 44 ? -15.272 -3.483  14.861  1.00 17.25 ? 44  HIS B ND1 1 
ATOM   1014 C  CD2 . HIS B 1 44 ? -15.714 -1.416  14.317  1.00 15.65 ? 44  HIS B CD2 1 
ATOM   1015 C  CE1 . HIS B 1 44 ? -15.142 -2.757  15.953  1.00 16.56 ? 44  HIS B CE1 1 
ATOM   1016 N  NE2 . HIS B 1 44 ? -15.404 -1.497  15.652  1.00 15.48 ? 44  HIS B NE2 1 
ATOM   1017 N  N   . TYR B 1 45 ? -17.335 -3.950  9.761   1.00 10.50 ? 45  TYR B N   1 
ATOM   1018 C  CA  . TYR B 1 45 ? -17.282 -4.401  8.375   1.00 10.47 ? 45  TYR B CA  1 
ATOM   1019 C  C   . TYR B 1 45 ? -18.375 -3.707  7.571   1.00 9.75  ? 45  TYR B C   1 
ATOM   1020 O  O   . TYR B 1 45 ? -19.555 -3.799  7.905   1.00 10.78 ? 45  TYR B O   1 
ATOM   1021 C  CB  . TYR B 1 45 ? -17.459 -5.923  8.331   1.00 11.26 ? 45  TYR B CB  1 
ATOM   1022 C  CG  . TYR B 1 45 ? -17.644 -6.512  6.950   1.00 11.39 ? 45  TYR B CG  1 
ATOM   1023 C  CD1 . TYR B 1 45 ? -16.744 -6.241  5.920   1.00 11.87 ? 45  TYR B CD1 1 
ATOM   1024 C  CD2 . TYR B 1 45 ? -18.714 -7.362  6.680   1.00 12.57 ? 45  TYR B CD2 1 
ATOM   1025 C  CE1 . TYR B 1 45 ? -16.906 -6.804  4.654   1.00 12.39 ? 45  TYR B CE1 1 
ATOM   1026 C  CE2 . TYR B 1 45 ? -18.886 -7.930  5.423   1.00 13.77 ? 45  TYR B CE2 1 
ATOM   1027 C  CZ  . TYR B 1 45 ? -17.980 -7.648  4.417   1.00 12.33 ? 45  TYR B CZ  1 
ATOM   1028 O  OH  . TYR B 1 45 ? -18.145 -8.213  3.174   1.00 13.06 ? 45  TYR B OH  1 
ATOM   1029 N  N   . ASP B 1 46 ? -17.971 -3.008  6.514   1.00 9.75  ? 46  ASP B N   1 
ATOM   1030 C  CA  . ASP B 1 46 ? -18.904 -2.286  5.657   1.00 10.21 ? 46  ASP B CA  1 
ATOM   1031 C  C   . ASP B 1 46 ? -18.540 -2.552  4.198   1.00 10.06 ? 46  ASP B C   1 
ATOM   1032 O  O   . ASP B 1 46 ? -17.742 -1.826  3.603   1.00 9.23  ? 46  ASP B O   1 
ATOM   1033 C  CB  . ASP B 1 46 ? -18.822 -0.783  5.947   1.00 12.20 ? 46  ASP B CB  1 
ATOM   1034 C  CG  . ASP B 1 46 ? -19.929 0.006   5.273   1.00 12.68 ? 46  ASP B CG  1 
ATOM   1035 O  OD1 . ASP B 1 46 ? -20.417 -0.429  4.212   1.00 13.65 ? 46  ASP B OD1 1 
ATOM   1036 O  OD2 . ASP B 1 46 ? -20.303 1.075   5.800   1.00 16.15 ? 46  ASP B OD2 1 
ATOM   1037 N  N   . PRO B 1 47 ? -19.116 -3.609  3.602   1.00 10.34 ? 47  PRO B N   1 
ATOM   1038 C  CA  . PRO B 1 47 ? -18.806 -3.922  2.204   1.00 10.75 ? 47  PRO B CA  1 
ATOM   1039 C  C   . PRO B 1 47 ? -19.227 -2.849  1.203   1.00 9.58  ? 47  PRO B C   1 
ATOM   1040 O  O   . PRO B 1 47 ? -18.616 -2.718  0.144   1.00 9.85  ? 47  PRO B O   1 
ATOM   1041 C  CB  . PRO B 1 47 ? -19.517 -5.257  1.981   1.00 11.77 ? 47  PRO B CB  1 
ATOM   1042 C  CG  . PRO B 1 47 ? -20.672 -5.192  2.934   1.00 12.28 ? 47  PRO B CG  1 
ATOM   1043 C  CD  . PRO B 1 47 ? -20.047 -4.597  4.172   1.00 11.34 ? 47  PRO B CD  1 
ATOM   1044 N  N   . LYS B 1 48 ? -20.265 -2.086  1.522   1.00 9.01  ? 48  LYS B N   1 
ATOM   1045 C  CA  . LYS B 1 48 ? -20.698 -1.028  0.616   1.00 9.40  ? 48  LYS B CA  1 
ATOM   1046 C  C   . LYS B 1 48 ? -19.581 0.006   0.523   1.00 9.34  ? 48  LYS B C   1 
ATOM   1047 O  O   . LYS B 1 48 ? -19.209 0.442   -0.568  1.00 9.11  ? 48  LYS B O   1 
ATOM   1048 C  CB  . LYS B 1 48 ? -21.975 -0.360  1.126   1.00 12.03 ? 48  LYS B CB  1 
ATOM   1049 C  CG  . LYS B 1 48 ? -22.394 0.855   0.302   1.00 11.46 ? 48  LYS B CG  1 
ATOM   1050 C  CD  . LYS B 1 48 ? -23.674 1.459   0.831   1.00 14.67 ? 48  LYS B CD  1 
ATOM   1051 C  CE  . LYS B 1 48 ? -24.161 2.641   0.004   1.00 16.42 ? 48  LYS B CE  1 
ATOM   1052 N  NZ  . LYS B 1 48 ? -23.301 3.845   0.173   1.00 18.70 ? 48  LYS B NZ  1 
ATOM   1053 N  N   . ARG B 1 49 ? -19.049 0.390   1.679   1.00 9.15  ? 49  ARG B N   1 
ATOM   1054 C  CA  . ARG B 1 49 ? -17.965 1.364   1.753   1.00 8.14  ? 49  ARG B CA  1 
ATOM   1055 C  C   . ARG B 1 49 ? -16.717 0.834   1.049   1.00 8.46  ? 49  ARG B C   1 
ATOM   1056 O  O   . ARG B 1 49 ? -16.057 1.559   0.303   1.00 8.63  ? 49  ARG B O   1 
ATOM   1057 C  CB  . ARG B 1 49 ? -17.672 1.675   3.225   1.00 10.07 ? 49  ARG B CB  1 
ATOM   1058 C  CG  . ARG B 1 49 ? -16.373 2.408   3.508   1.00 10.34 ? 49  ARG B CG  1 
ATOM   1059 C  CD  . ARG B 1 49 ? -16.292 3.783   2.864   1.00 10.66 ? 49  ARG B CD  1 
ATOM   1060 N  NE  . ARG B 1 49 ? -15.106 4.478   3.355   1.00 10.63 ? 49  ARG B NE  1 
ATOM   1061 C  CZ  . ARG B 1 49 ? -14.563 5.555   2.801   1.00 10.40 ? 49  ARG B CZ  1 
ATOM   1062 N  NH1 . ARG B 1 49 ? -15.091 6.094   1.711   1.00 10.91 ? 49  ARG B NH1 1 
ATOM   1063 N  NH2 . ARG B 1 49 ? -13.473 6.087   3.338   1.00 11.11 ? 49  ARG B NH2 1 
ATOM   1064 N  N   . GLU B 1 50 ? -16.399 -0.436  1.274   1.00 8.24  ? 50  GLU B N   1 
ATOM   1065 C  CA  . GLU B 1 50 ? -15.230 -1.025  0.639   1.00 9.08  ? 50  GLU B CA  1 
ATOM   1066 C  C   . GLU B 1 50 ? -15.354 -0.991  -0.881  1.00 8.37  ? 50  GLU B C   1 
ATOM   1067 O  O   . GLU B 1 50 ? -14.403 -0.638  -1.581  1.00 8.20  ? 50  GLU B O   1 
ATOM   1068 C  CB  . GLU B 1 50 ? -15.029 -2.460  1.134   1.00 10.33 ? 50  GLU B CB  1 
ATOM   1069 C  CG  . GLU B 1 50 ? -14.380 -2.534  2.515   1.00 16.37 ? 50  GLU B CG  1 
ATOM   1070 C  CD  . GLU B 1 50 ? -14.201 -3.954  3.018   1.00 18.44 ? 50  GLU B CD  1 
ATOM   1071 O  OE1 . GLU B 1 50 ? -14.096 -4.876  2.183   1.00 22.50 ? 50  GLU B OE1 1 
ATOM   1072 O  OE2 . GLU B 1 50 ? -14.149 -4.145  4.250   1.00 22.71 ? 50  GLU B OE2 1 
ATOM   1073 N  N   . GLU B 1 51 ? -16.527 -1.347  -1.392  1.00 8.45  ? 51  GLU B N   1 
ATOM   1074 C  CA  . GLU B 1 51 ? -16.747 -1.338  -2.830  1.00 8.83  ? 51  GLU B CA  1 
ATOM   1075 C  C   . GLU B 1 51 ? -16.685 0.079   -3.403  1.00 7.78  ? 51  GLU B C   1 
ATOM   1076 O  O   . GLU B 1 51 ? -16.231 0.284   -4.529  1.00 7.89  ? 51  GLU B O   1 
ATOM   1077 C  CB  . GLU B 1 51 ? -18.093 -1.989  -3.148  1.00 10.68 ? 51  GLU B CB  1 
ATOM   1078 C  CG  . GLU B 1 51 ? -18.067 -3.506  -3.033  1.00 15.99 ? 51  GLU B CG  1 
ATOM   1079 C  CD  . GLU B 1 51 ? -19.447 -4.130  -3.059  1.00 18.25 ? 51  GLU B CD  1 
ATOM   1080 O  OE1 . GLU B 1 51 ? -20.328 -3.611  -3.773  1.00 22.66 ? 51  GLU B OE1 1 
ATOM   1081 O  OE2 . GLU B 1 51 ? -19.647 -5.155  -2.374  1.00 21.98 ? 51  GLU B OE2 1 
ATOM   1082 N  N   . GLU B 1 52 ? -17.137 1.060   -2.632  1.00 7.70  ? 52  GLU B N   1 
ATOM   1083 C  CA  . GLU B 1 52 ? -17.089 2.439   -3.096  1.00 8.66  ? 52  GLU B CA  1 
ATOM   1084 C  C   . GLU B 1 52 ? -15.640 2.902   -3.205  1.00 7.21  ? 52  GLU B C   1 
ATOM   1085 O  O   . GLU B 1 52 ? -15.280 3.592   -4.157  1.00 7.45  ? 52  GLU B O   1 
ATOM   1086 C  CB  . GLU B 1 52 ? -17.888 3.339   -2.156  1.00 9.43  ? 52  GLU B CB  1 
ATOM   1087 C  CG  . GLU B 1 52 ? -19.353 2.944   -2.128  1.00 14.05 ? 52  GLU B CG  1 
ATOM   1088 C  CD  . GLU B 1 52 ? -20.180 3.757   -1.164  1.00 14.19 ? 52  GLU B CD  1 
ATOM   1089 O  OE1 . GLU B 1 52 ? -19.659 4.123   -0.091  1.00 14.36 ? 52  GLU B OE1 1 
ATOM   1090 O  OE2 . GLU B 1 52 ? -21.363 4.010   -1.476  1.00 15.75 ? 52  GLU B OE2 1 
ATOM   1091 N  N   . MET B 1 53 ? -14.801 2.516   -2.250  1.00 7.26  ? 53  MET B N   1 
ATOM   1092 C  CA  . MET B 1 53 ? -13.394 2.902   -2.305  1.00 7.37  ? 53  MET B CA  1 
ATOM   1093 C  C   . MET B 1 53 ? -12.720 2.222   -3.498  1.00 7.27  ? 53  MET B C   1 
ATOM   1094 O  O   . MET B 1 53 ? -11.959 2.852   -4.236  1.00 7.50  ? 53  MET B O   1 
ATOM   1095 C  CB  . MET B 1 53 ? -12.681 2.530   -0.998  1.00 7.54  ? 53  MET B CB  1 
ATOM   1096 C  CG  . MET B 1 53 ? -13.193 3.324   0.201   1.00 7.97  ? 53  MET B CG  1 
ATOM   1097 S  SD  . MET B 1 53 ? -12.278 3.061   1.733   1.00 8.64  ? 53  MET B SD  1 
ATOM   1098 C  CE  . MET B 1 53 ? -12.803 1.418   2.162   1.00 9.77  ? 53  MET B CE  1 
ATOM   1099 N  N   . LEU B 1 54 ? -13.011 0.942   -3.699  1.00 7.27  ? 54  LEU B N   1 
ATOM   1100 C  CA  . LEU B 1 54 ? -12.422 0.214   -4.817  1.00 8.20  ? 54  LEU B CA  1 
ATOM   1101 C  C   . LEU B 1 54 ? -12.855 0.829   -6.145  1.00 7.60  ? 54  LEU B C   1 
ATOM   1102 O  O   . LEU B 1 54 ? -12.085 0.854   -7.108  1.00 8.92  ? 54  LEU B O   1 
ATOM   1103 C  CB  . LEU B 1 54 ? -12.829 -1.260  -4.772  1.00 9.11  ? 54  LEU B CB  1 
ATOM   1104 C  CG  . LEU B 1 54 ? -12.271 -2.081  -3.607  1.00 9.69  ? 54  LEU B CG  1 
ATOM   1105 C  CD1 . LEU B 1 54 ? -12.864 -3.476  -3.650  1.00 11.70 ? 54  LEU B CD1 1 
ATOM   1106 C  CD2 . LEU B 1 54 ? -10.751 -2.143  -3.683  1.00 10.39 ? 54  LEU B CD2 1 
ATOM   1107 N  N   . ALA B 1 55 ? -14.085 1.335   -6.188  1.00 8.41  ? 55  ALA B N   1 
ATOM   1108 C  CA  . ALA B 1 55 ? -14.613 1.941   -7.402  1.00 7.89  ? 55  ALA B CA  1 
ATOM   1109 C  C   . ALA B 1 55 ? -13.872 3.213   -7.801  1.00 7.83  ? 55  ALA B C   1 
ATOM   1110 O  O   . ALA B 1 55 ? -13.479 3.358   -8.958  1.00 8.41  ? 55  ALA B O   1 
ATOM   1111 C  CB  . ALA B 1 55 ? -16.105 2.227   -7.246  1.00 9.74  ? 55  ALA B CB  1 
ATOM   1112 N  N   . TYR B 1 56 ? -13.670 4.147   -6.874  1.00 7.80  ? 56  TYR B N   1 
ATOM   1113 C  CA  . TYR B 1 56 ? -12.970 5.354   -7.285  1.00 7.72  ? 56  TYR B CA  1 
ATOM   1114 C  C   . TYR B 1 56 ? -11.477 5.123   -7.485  1.00 7.28  ? 56  TYR B C   1 
ATOM   1115 O  O   . TYR B 1 56 ? -10.859 5.787   -8.314  1.00 7.98  ? 56  TYR B O   1 
ATOM   1116 C  CB  . TYR B 1 56 ? -13.240 6.549   -6.337  1.00 8.85  ? 56  TYR B CB  1 
ATOM   1117 C  CG  . TYR B 1 56 ? -12.729 6.476   -4.910  1.00 7.47  ? 56  TYR B CG  1 
ATOM   1118 C  CD1 . TYR B 1 56 ? -13.623 6.415   -3.838  1.00 7.37  ? 56  TYR B CD1 1 
ATOM   1119 C  CD2 . TYR B 1 56 ? -11.365 6.536   -4.625  1.00 7.76  ? 56  TYR B CD2 1 
ATOM   1120 C  CE1 . TYR B 1 56 ? -13.173 6.419   -2.521  1.00 8.78  ? 56  TYR B CE1 1 
ATOM   1121 C  CE2 . TYR B 1 56 ? -10.906 6.537   -3.308  1.00 8.44  ? 56  TYR B CE2 1 
ATOM   1122 C  CZ  . TYR B 1 56 ? -11.815 6.476   -2.263  1.00 7.72  ? 56  TYR B CZ  1 
ATOM   1123 O  OH  . TYR B 1 56 ? -11.365 6.444   -0.963  1.00 8.50  ? 56  TYR B OH  1 
ATOM   1124 N  N   . LEU B 1 57 ? -10.896 4.170   -6.763  1.00 6.72  ? 57  LEU B N   1 
ATOM   1125 C  CA  . LEU B 1 57 ? -9.474  3.894   -6.924  1.00 7.34  ? 57  LEU B CA  1 
ATOM   1126 C  C   . LEU B 1 57 ? -9.209  3.264   -8.287  1.00 7.72  ? 57  LEU B C   1 
ATOM   1127 O  O   . LEU B 1 57 ? -8.211  3.582   -8.937  1.00 9.35  ? 57  LEU B O   1 
ATOM   1128 C  CB  . LEU B 1 57 ? -8.977  2.985   -5.797  1.00 7.64  ? 57  LEU B CB  1 
ATOM   1129 C  CG  . LEU B 1 57 ? -8.957  3.676   -4.427  1.00 6.91  ? 57  LEU B CG  1 
ATOM   1130 C  CD1 . LEU B 1 57 ? -8.739  2.649   -3.327  1.00 8.29  ? 57  LEU B CD1 1 
ATOM   1131 C  CD2 . LEU B 1 57 ? -7.871  4.747   -4.404  1.00 8.49  ? 57  LEU B CD2 1 
ATOM   1132 N  N   . THR B 1 58 ? -10.094 2.382   -8.735  1.00 8.79  ? 58  THR B N   1 
ATOM   1133 C  CA  . THR B 1 58 ? -9.890  1.779   -10.045 1.00 10.57 ? 58  THR B CA  1 
ATOM   1134 C  C   . THR B 1 58 ? -10.174 2.815   -11.132 1.00 9.43  ? 58  THR B C   1 
ATOM   1135 O  O   . THR B 1 58 ? -9.492  2.853   -12.151 1.00 9.78  ? 58  THR B O   1 
ATOM   1136 C  CB  . THR B 1 58 ? -10.780 0.539   -10.254 1.00 14.60 ? 58  THR B CB  1 
ATOM   1137 O  OG1 . THR B 1 58 ? -12.147 0.882   -10.018 1.00 15.53 ? 58  THR B OG1 1 
ATOM   1138 C  CG2 . THR B 1 58 ? -10.368 -0.577  -9.307  1.00 17.06 ? 58  THR B CG2 1 
ATOM   1139 N  N   . ALA B 1 59 ? -11.167 3.671   -10.909 1.00 9.38  ? 59  ALA B N   1 
ATOM   1140 C  CA  . ALA B 1 59 ? -11.501 4.705   -11.880 1.00 9.20  ? 59  ALA B CA  1 
ATOM   1141 C  C   . ALA B 1 59 ? -10.342 5.683   -12.057 1.00 9.26  ? 59  ALA B C   1 
ATOM   1142 O  O   . ALA B 1 59 ? -10.046 6.112   -13.170 1.00 10.05 ? 59  ALA B O   1 
ATOM   1143 C  CB  . ALA B 1 59 ? -12.748 5.461   -11.431 1.00 11.03 ? 59  ALA B CB  1 
ATOM   1144 N  N   . GLU B 1 60 ? -9.676  6.010   -10.954 1.00 8.20  ? 60  GLU B N   1 
ATOM   1145 C  CA  . GLU B 1 60 ? -8.572  6.965   -10.959 1.00 8.01  ? 60  GLU B CA  1 
ATOM   1146 C  C   . GLU B 1 60 ? -7.191  6.360   -11.199 1.00 8.20  ? 60  GLU B C   1 
ATOM   1147 O  O   . GLU B 1 60 ? -6.198  7.085   -11.294 1.00 9.50  ? 60  GLU B O   1 
ATOM   1148 C  CB  . GLU B 1 60 ? -8.580  7.730   -9.634  1.00 8.70  ? 60  GLU B CB  1 
ATOM   1149 C  CG  . GLU B 1 60 ? -9.823  8.592   -9.456  1.00 9.18  ? 60  GLU B CG  1 
ATOM   1150 C  CD  . GLU B 1 60 ? -10.133 8.914   -8.008  1.00 8.86  ? 60  GLU B CD  1 
ATOM   1151 O  OE1 . GLU B 1 60 ? -9.189  9.044   -7.200  1.00 9.58  ? 60  GLU B OE1 1 
ATOM   1152 O  OE2 . GLU B 1 60 ? -11.330 9.051   -7.680  1.00 8.35  ? 60  GLU B OE2 1 
ATOM   1153 N  N   . ASN B 1 61 ? -7.131  5.037   -11.308 1.00 8.32  ? 61  ASN B N   1 
ATOM   1154 C  CA  . ASN B 1 61 ? -5.870  4.337   -11.517 1.00 8.32  ? 61  ASN B CA  1 
ATOM   1155 C  C   . ASN B 1 61 ? -5.106  4.904   -12.711 1.00 8.82  ? 61  ASN B C   1 
ATOM   1156 O  O   . ASN B 1 61 ? -5.569  4.828   -13.847 1.00 10.39 ? 61  ASN B O   1 
ATOM   1157 C  CB  . ASN B 1 61 ? -6.141  2.847   -11.718 1.00 9.90  ? 61  ASN B CB  1 
ATOM   1158 C  CG  . ASN B 1 61 ? -4.886  2.064   -12.019 1.00 9.04  ? 61  ASN B CG  1 
ATOM   1159 O  OD1 . ASN B 1 61 ? -3.782  2.477   -11.667 1.00 9.17  ? 61  ASN B OD1 1 
ATOM   1160 N  ND2 . ASN B 1 61 ? -5.051  0.915   -12.664 1.00 10.60 ? 61  ASN B ND2 1 
ATOM   1161 N  N   . PRO B 1 62 ? -3.915  5.478   -12.468 1.00 9.48  ? 62  PRO B N   1 
ATOM   1162 C  CA  . PRO B 1 62 ? -3.115  6.056   -13.550 1.00 11.08 ? 62  PRO B CA  1 
ATOM   1163 C  C   . PRO B 1 62 ? -2.170  5.058   -14.208 1.00 11.53 ? 62  PRO B C   1 
ATOM   1164 O  O   . PRO B 1 62 ? -1.465  5.397   -15.162 1.00 13.69 ? 62  PRO B O   1 
ATOM   1165 C  CB  . PRO B 1 62 ? -2.352  7.159   -12.839 1.00 13.06 ? 62  PRO B CB  1 
ATOM   1166 C  CG  . PRO B 1 62 ? -2.010  6.492   -11.541 1.00 12.13 ? 62  PRO B CG  1 
ATOM   1167 C  CD  . PRO B 1 62 ? -3.314  5.794   -11.157 1.00 10.84 ? 62  PRO B CD  1 
ATOM   1168 N  N   . GLY B 1 63 ? -2.162  3.829   -13.708 1.00 11.20 ? 63  GLY B N   1 
ATOM   1169 C  CA  . GLY B 1 63 ? -1.257  2.832   -14.247 1.00 10.81 ? 63  GLY B CA  1 
ATOM   1170 C  C   . GLY B 1 63 ? 0.088   3.005   -13.563 1.00 10.86 ? 63  GLY B C   1 
ATOM   1171 O  O   . GLY B 1 63 ? 0.275   3.966   -12.816 1.00 11.75 ? 63  GLY B O   1 
ATOM   1172 N  N   . PRO B 1 64 ? 1.070   2.136   -13.838 1.00 10.70 ? 64  PRO B N   1 
ATOM   1173 C  CA  . PRO B 1 64 ? 1.022   0.993   -14.757 1.00 11.12 ? 64  PRO B CA  1 
ATOM   1174 C  C   . PRO B 1 64 ? 0.312   -0.277  -14.291 1.00 12.12 ? 64  PRO B C   1 
ATOM   1175 O  O   . PRO B 1 64 ? 0.144   -1.207  -15.078 1.00 12.94 ? 64  PRO B O   1 
ATOM   1176 C  CB  . PRO B 1 64 ? 2.494   0.743   -15.045 1.00 11.94 ? 64  PRO B CB  1 
ATOM   1177 C  CG  . PRO B 1 64 ? 3.114   1.024   -13.709 1.00 12.57 ? 64  PRO B CG  1 
ATOM   1178 C  CD  . PRO B 1 64 ? 2.428   2.306   -13.292 1.00 11.82 ? 64  PRO B CD  1 
ATOM   1179 N  N   . PHE B 1 65 ? -0.095  -0.343  -13.029 1.00 11.66 ? 65  PHE B N   1 
ATOM   1180 C  CA  . PHE B 1 65 ? -0.777  -1.540  -12.548 1.00 12.34 ? 65  PHE B CA  1 
ATOM   1181 C  C   . PHE B 1 65 ? -2.168  -1.675  -13.148 1.00 13.25 ? 65  PHE B C   1 
ATOM   1182 O  O   . PHE B 1 65 ? -2.875  -0.683  -13.328 1.00 13.06 ? 65  PHE B O   1 
ATOM   1183 C  CB  . PHE B 1 65 ? -0.913  -1.527  -11.025 1.00 13.23 ? 65  PHE B CB  1 
ATOM   1184 C  CG  . PHE B 1 65 ? 0.387   -1.665  -10.299 1.00 13.20 ? 65  PHE B CG  1 
ATOM   1185 C  CD1 . PHE B 1 65 ? 0.905   -0.601  -9.572  1.00 13.59 ? 65  PHE B CD1 1 
ATOM   1186 C  CD2 . PHE B 1 65 ? 1.098   -2.861  -10.341 1.00 14.57 ? 65  PHE B CD2 1 
ATOM   1187 C  CE1 . PHE B 1 65 ? 2.115   -0.723  -8.893  1.00 14.29 ? 65  PHE B CE1 1 
ATOM   1188 C  CE2 . PHE B 1 65 ? 2.309   -2.994  -9.667  1.00 16.37 ? 65  PHE B CE2 1 
ATOM   1189 C  CZ  . PHE B 1 65 ? 2.818   -1.923  -8.941  1.00 15.49 ? 65  PHE B CZ  1 
ATOM   1190 N  N   . PRO B 1 66 ? -2.573  -2.909  -13.487 1.00 13.43 ? 66  PRO B N   1 
ATOM   1191 C  CA  . PRO B 1 66 ? -3.909  -3.094  -14.057 1.00 14.12 ? 66  PRO B CA  1 
ATOM   1192 C  C   . PRO B 1 66 ? -4.934  -2.825  -12.956 1.00 13.38 ? 66  PRO B C   1 
ATOM   1193 O  O   . PRO B 1 66 ? -4.623  -2.953  -11.770 1.00 11.59 ? 66  PRO B O   1 
ATOM   1194 C  CB  . PRO B 1 66 ? -3.904  -4.558  -14.486 1.00 15.31 ? 66  PRO B CB  1 
ATOM   1195 C  CG  . PRO B 1 66 ? -2.461  -4.826  -14.784 1.00 16.18 ? 66  PRO B CG  1 
ATOM   1196 C  CD  . PRO B 1 66 ? -1.766  -4.131  -13.639 1.00 13.47 ? 66  PRO B CD  1 
ATOM   1197 N  N   . ASP B 1 67 ? -6.148  -2.452  -13.344 1.00 12.53 ? 67  ASP B N   1 
ATOM   1198 C  CA  . ASP B 1 67 ? -7.199  -2.175  -12.371 1.00 12.37 ? 67  ASP B CA  1 
ATOM   1199 C  C   . ASP B 1 67 ? -7.386  -3.326  -11.385 1.00 12.43 ? 67  ASP B C   1 
ATOM   1200 O  O   . ASP B 1 67 ? -7.581  -3.100  -10.194 1.00 11.31 ? 67  ASP B O   1 
ATOM   1201 C  CB  . ASP B 1 67 ? -8.531  -1.906  -13.075 1.00 13.38 ? 67  ASP B CB  1 
ATOM   1202 C  CG  . ASP B 1 67 ? -8.543  -0.592  -13.831 1.00 13.64 ? 67  ASP B CG  1 
ATOM   1203 O  OD1 . ASP B 1 67 ? -7.574  0.185   -13.712 1.00 14.16 ? 67  ASP B OD1 1 
ATOM   1204 O  OD2 . ASP B 1 67 ? -9.538  -0.330  -14.542 1.00 14.68 ? 67  ASP B OD2 1 
ATOM   1205 N  N   . GLU B 1 68 ? -7.330  -4.556  -11.890 1.00 13.05 ? 68  GLU B N   1 
ATOM   1206 C  CA  . GLU B 1 68 ? -7.508  -5.744  -11.058 1.00 14.32 ? 68  GLU B CA  1 
ATOM   1207 C  C   . GLU B 1 68 ? -6.442  -5.826  -9.970  1.00 12.85 ? 68  GLU B C   1 
ATOM   1208 O  O   . GLU B 1 68 ? -6.720  -6.260  -8.852  1.00 13.54 ? 68  GLU B O   1 
ATOM   1209 C  CB  . GLU B 1 68 ? -7.468  -7.005  -11.931 1.00 17.48 ? 68  GLU B CB  1 
ATOM   1210 C  CG  . GLU B 1 68 ? -7.923  -8.292  -11.241 1.00 23.07 ? 68  GLU B CG  1 
ATOM   1211 C  CD  . GLU B 1 68 ? -6.949  -8.788  -10.189 1.00 25.84 ? 68  GLU B CD  1 
ATOM   1212 O  OE1 . GLU B 1 68 ? -5.745  -8.912  -10.503 1.00 28.69 ? 68  GLU B OE1 1 
ATOM   1213 O  OE2 . GLU B 1 68 ? -7.385  -9.063  -9.050  1.00 28.29 ? 68  GLU B OE2 1 
ATOM   1214 N  N   . THR B 1 69 ? -5.222  -5.415  -10.307 1.00 12.51 ? 69  THR B N   1 
ATOM   1215 C  CA  . THR B 1 69 ? -4.119  -5.435  -9.351  1.00 13.16 ? 69  THR B CA  1 
ATOM   1216 C  C   . THR B 1 69 ? -4.356  -4.381  -8.270  1.00 10.69 ? 69  THR B C   1 
ATOM   1217 O  O   . THR B 1 69 ? -4.157  -4.645  -7.083  1.00 10.05 ? 69  THR B O   1 
ATOM   1218 C  CB  . THR B 1 69 ? -2.770  -5.158  -10.046 1.00 15.10 ? 69  THR B CB  1 
ATOM   1219 O  OG1 . THR B 1 69 ? -2.485  -6.213  -10.975 1.00 18.33 ? 69  THR B OG1 1 
ATOM   1220 C  CG2 . THR B 1 69 ? -1.645  -5.080  -9.021  1.00 17.45 ? 69  THR B CG2 1 
ATOM   1221 N  N   . ILE B 1 70 ? -4.776  -3.190  -8.686  1.00 9.62  ? 70  ILE B N   1 
ATOM   1222 C  CA  . ILE B 1 70 ? -5.060  -2.125  -7.733  1.00 10.15 ? 70  ILE B CA  1 
ATOM   1223 C  C   . ILE B 1 70 ? -6.165  -2.604  -6.792  1.00 10.08 ? 70  ILE B C   1 
ATOM   1224 O  O   . ILE B 1 70 ? -6.092  -2.416  -5.578  1.00 9.72  ? 70  ILE B O   1 
ATOM   1225 C  CB  . ILE B 1 70 ? -5.505  -0.830  -8.462  1.00 10.33 ? 70  ILE B CB  1 
ATOM   1226 C  CG1 . ILE B 1 70 ? -4.314  -0.227  -9.216  1.00 10.63 ? 70  ILE B CG1 1 
ATOM   1227 C  CG2 . ILE B 1 70 ? -6.089  0.168   -7.469  1.00 10.72 ? 70  ILE B CG2 1 
ATOM   1228 C  CD1 . ILE B 1 70 ? -3.091  0.043   -8.351  1.00 11.86 ? 70  ILE B CD1 1 
ATOM   1229 N  N   . ARG B 1 71 ? -7.185  -3.242  -7.357  1.00 10.33 ? 71  ARG B N   1 
ATOM   1230 C  CA  . ARG B 1 71 ? -8.293  -3.757  -6.562  1.00 11.18 ? 71  ARG B CA  1 
ATOM   1231 C  C   . ARG B 1 71 ? -7.787  -4.789  -5.553  1.00 10.91 ? 71  ARG B C   1 
ATOM   1232 O  O   . ARG B 1 71 ? -8.150  -4.753  -4.380  1.00 11.07 ? 71  ARG B O   1 
ATOM   1233 C  CB  . ARG B 1 71 ? -9.337  -4.391  -7.485  1.00 13.44 ? 71  ARG B CB  1 
ATOM   1234 C  CG  . ARG B 1 71 ? -10.572 -4.926  -6.782  1.00 18.11 ? 71  ARG B CG  1 
ATOM   1235 C  CD  . ARG B 1 71 ? -11.526 -5.557  -7.787  1.00 19.99 ? 71  ARG B CD  1 
ATOM   1236 N  NE  . ARG B 1 71 ? -12.002 -4.584  -8.766  1.00 21.90 ? 71  ARG B NE  1 
ATOM   1237 C  CZ  . ARG B 1 71 ? -12.904 -3.642  -8.509  1.00 22.43 ? 71  ARG B CZ  1 
ATOM   1238 N  NH1 . ARG B 1 71 ? -13.438 -3.541  -7.300  1.00 24.47 ? 71  ARG B NH1 1 
ATOM   1239 N  NH2 . ARG B 1 71 ? -13.267 -2.796  -9.462  1.00 24.70 ? 71  ARG B NH2 1 
ATOM   1240 N  N   . LYS B 1 72 ? -6.941  -5.703  -6.020  1.00 11.57 ? 72  LYS B N   1 
ATOM   1241 C  CA  . LYS B 1 72 ? -6.377  -6.748  -5.170  1.00 12.36 ? 72  LYS B CA  1 
ATOM   1242 C  C   . LYS B 1 72 ? -5.580  -6.169  -4.005  1.00 10.52 ? 72  LYS B C   1 
ATOM   1243 O  O   . LYS B 1 72 ? -5.754  -6.571  -2.855  1.00 11.54 ? 72  LYS B O   1 
ATOM   1244 C  CB  . LYS B 1 72 ? -5.463  -7.652  -6.002  1.00 15.57 ? 72  LYS B CB  1 
ATOM   1245 C  CG  . LYS B 1 72 ? -4.799  -8.773  -5.216  1.00 18.76 ? 72  LYS B CG  1 
ATOM   1246 C  CD  . LYS B 1 72 ? -3.681  -9.431  -6.012  1.00 23.03 ? 72  LYS B CD  1 
ATOM   1247 C  CE  . LYS B 1 72 ? -4.181  -9.982  -7.338  1.00 24.17 ? 72  LYS B CE  1 
ATOM   1248 N  NZ  . LYS B 1 72 ? -5.253  -10.996 -7.153  1.00 26.61 ? 72  LYS B NZ  1 
ATOM   1249 N  N   . LEU B 1 73 ? -4.697  -5.227  -4.314  1.00 10.56 ? 73  LEU B N   1 
ATOM   1250 C  CA  . LEU B 1 73 ? -3.864  -4.611  -3.291  1.00 10.16 ? 73  LEU B CA  1 
ATOM   1251 C  C   . LEU B 1 73 ? -4.690  -3.874  -2.246  1.00 8.37  ? 73  LEU B C   1 
ATOM   1252 O  O   . LEU B 1 73 ? -4.456  -4.023  -1.047  1.00 8.88  ? 73  LEU B O   1 
ATOM   1253 C  CB  . LEU B 1 73 ? -2.852  -3.665  -3.939  1.00 9.97  ? 73  LEU B CB  1 
ATOM   1254 C  CG  . LEU B 1 73 ? -1.792  -4.355  -4.805  1.00 10.19 ? 73  LEU B CG  1 
ATOM   1255 C  CD1 . LEU B 1 73 ? -0.937  -3.312  -5.495  1.00 12.94 ? 73  LEU B CD1 1 
ATOM   1256 C  CD2 . LEU B 1 73 ? -0.927  -5.271  -3.945  1.00 11.33 ? 73  LEU B CD2 1 
ATOM   1257 N  N   . PHE B 1 74 ? -5.665  -3.087  -2.683  1.00 8.62  ? 74  PHE B N   1 
ATOM   1258 C  CA  . PHE B 1 74 ? -6.475  -2.373  -1.713  1.00 8.15  ? 74  PHE B CA  1 
ATOM   1259 C  C   . PHE B 1 74 ? -7.355  -3.309  -0.893  1.00 8.45  ? 74  PHE B C   1 
ATOM   1260 O  O   . PHE B 1 74 ? -7.615  -3.039  0.275   1.00 8.76  ? 74  PHE B O   1 
ATOM   1261 C  CB  . PHE B 1 74 ? -7.274  -1.264  -2.397  1.00 8.33  ? 74  PHE B CB  1 
ATOM   1262 C  CG  . PHE B 1 74 ? -6.496  0.018   -2.532  1.00 9.01  ? 74  PHE B CG  1 
ATOM   1263 C  CD1 . PHE B 1 74 ? -6.359  0.878   -1.444  1.00 8.95  ? 74  PHE B CD1 1 
ATOM   1264 C  CD2 . PHE B 1 74 ? -5.844  0.334   -3.719  1.00 9.83  ? 74  PHE B CD2 1 
ATOM   1265 C  CE1 . PHE B 1 74 ? -5.579  2.033   -1.534  1.00 9.06  ? 74  PHE B CE1 1 
ATOM   1266 C  CE2 . PHE B 1 74 ? -5.062  1.488   -3.818  1.00 9.24  ? 74  PHE B CE2 1 
ATOM   1267 C  CZ  . PHE B 1 74 ? -4.931  2.337   -2.721  1.00 9.11  ? 74  PHE B CZ  1 
ATOM   1268 N  N   . LYS B 1 75 ? -7.795  -4.423  -1.478  1.00 9.09  ? 75  LYS B N   1 
ATOM   1269 C  CA  . LYS B 1 75 ? -8.595  -5.375  -0.709  1.00 11.06 ? 75  LYS B CA  1 
ATOM   1270 C  C   . LYS B 1 75 ? -7.732  -5.916  0.434   1.00 10.41 ? 75  LYS B C   1 
ATOM   1271 O  O   . LYS B 1 75 ? -8.222  -6.144  1.537   1.00 11.14 ? 75  LYS B O   1 
ATOM   1272 C  CB  . LYS B 1 75 ? -9.082  -6.527  -1.592  1.00 11.43 ? 75  LYS B CB  1 
ATOM   1273 C  CG  . LYS B 1 75 ? -10.250 -6.149  -2.489  1.00 13.26 ? 75  LYS B CG  1 
ATOM   1274 C  CD  . LYS B 1 75 ? -10.826 -7.361  -3.205  1.00 17.29 ? 75  LYS B CD  1 
ATOM   1275 C  CE  . LYS B 1 75 ? -11.380 -8.378  -2.218  1.00 21.13 ? 75  LYS B CE  1 
ATOM   1276 N  NZ  . LYS B 1 75 ? -12.422 -7.789  -1.332  1.00 24.66 ? 75  LYS B NZ  1 
ATOM   1277 N  N   . GLU B 1 76 ? -6.445  -6.116  0.163   1.00 10.48 ? 76  GLU B N   1 
ATOM   1278 C  CA  . GLU B 1 76 ? -5.517  -6.601  1.181   1.00 11.24 ? 76  GLU B CA  1 
ATOM   1279 C  C   . GLU B 1 76 ? -5.353  -5.538  2.262   1.00 10.60 ? 76  GLU B C   1 
ATOM   1280 O  O   . GLU B 1 76 ? -5.314  -5.848  3.451   1.00 11.28 ? 76  GLU B O   1 
ATOM   1281 C  CB  . GLU B 1 76 ? -4.155  -6.920  0.558   1.00 13.40 ? 76  GLU B CB  1 
ATOM   1282 C  CG  . GLU B 1 76 ? -4.141  -8.175  -0.296  1.00 16.97 ? 76  GLU B CG  1 
ATOM   1283 C  CD  . GLU B 1 76 ? -4.463  -9.418  0.508   1.00 20.62 ? 76  GLU B CD  1 
ATOM   1284 O  OE1 . GLU B 1 76 ? -3.760  -9.673  1.509   1.00 22.64 ? 76  GLU B OE1 1 
ATOM   1285 O  OE2 . GLU B 1 76 ? -5.416  -10.137 0.143   1.00 25.03 ? 76  GLU B OE2 1 
ATOM   1286 N  N   . ILE B 1 77 ? -5.261  -4.281  1.842   1.00 10.38 ? 77  ILE B N   1 
ATOM   1287 C  CA  . ILE B 1 77 ? -5.119  -3.173  2.778   1.00 11.16 ? 77  ILE B CA  1 
ATOM   1288 C  C   . ILE B 1 77 ? -6.371  -3.071  3.646   1.00 11.45 ? 77  ILE B C   1 
ATOM   1289 O  O   . ILE B 1 77 ? -6.283  -2.835  4.850   1.00 12.16 ? 77  ILE B O   1 
ATOM   1290 C  CB  . ILE B 1 77 ? -4.891  -1.843  2.024   1.00 11.32 ? 77  ILE B CB  1 
ATOM   1291 C  CG1 . ILE B 1 77 ? -3.529  -1.877  1.328   1.00 11.91 ? 77  ILE B CG1 1 
ATOM   1292 C  CG2 . ILE B 1 77 ? -4.980  -0.665  2.984   1.00 14.11 ? 77  ILE B CG2 1 
ATOM   1293 C  CD1 . ILE B 1 77 ? -3.262  -0.689  0.433   1.00 12.96 ? 77  ILE B CD1 1 
ATOM   1294 N  N   . PHE B 1 78 ? -7.538  -3.261  3.035   1.00 12.39 ? 78  PHE B N   1 
ATOM   1295 C  CA  . PHE B 1 78 ? -8.794  -3.186  3.776   1.00 14.03 ? 78  PHE B CA  1 
ATOM   1296 C  C   . PHE B 1 78 ? -8.918  -4.363  4.739   1.00 14.95 ? 78  PHE B C   1 
ATOM   1297 O  O   . PHE B 1 78 ? -9.489  -4.235  5.821   1.00 15.75 ? 78  PHE B O   1 
ATOM   1298 C  CB  . PHE B 1 78 ? -9.996  -3.168  2.819   1.00 15.06 ? 78  PHE B CB  1 
ATOM   1299 C  CG  . PHE B 1 78 ? -9.985  -2.024  1.836   1.00 16.10 ? 78  PHE B CG  1 
ATOM   1300 C  CD1 . PHE B 1 78 ? -9.292  -0.849  2.112   1.00 16.81 ? 78  PHE B CD1 1 
ATOM   1301 C  CD2 . PHE B 1 78 ? -10.694 -2.115  0.642   1.00 18.54 ? 78  PHE B CD2 1 
ATOM   1302 C  CE1 . PHE B 1 78 ? -9.302  0.215   1.210   1.00 17.94 ? 78  PHE B CE1 1 
ATOM   1303 C  CE2 . PHE B 1 78 ? -10.709 -1.056  -0.264  1.00 16.31 ? 78  PHE B CE2 1 
ATOM   1304 C  CZ  . PHE B 1 78 ? -10.013 0.112   0.022   1.00 17.88 ? 78  PHE B CZ  1 
ATOM   1305 N  N   . LYS B 1 79 ? -8.383  -5.513  4.336   1.00 15.54 ? 79  LYS B N   1 
ATOM   1306 C  CA  . LYS B 1 79 ? -8.420  -6.708  5.172   1.00 16.80 ? 79  LYS B CA  1 
ATOM   1307 C  C   . LYS B 1 79 ? -7.585  -6.486  6.429   1.00 15.10 ? 79  LYS B C   1 
ATOM   1308 O  O   . LYS B 1 79 ? -8.008  -6.820  7.537   1.00 14.77 ? 79  LYS B O   1 
ATOM   1309 C  CB  . LYS B 1 79 ? -7.880  -7.913  4.395   1.00 18.52 ? 79  LYS B CB  1 
ATOM   1310 C  CG  . LYS B 1 79 ? -7.637  -9.145  5.255   1.00 21.00 ? 79  LYS B CG  1 
ATOM   1311 C  CD  . LYS B 1 79 ? -7.351  -10.387 4.417   1.00 23.36 ? 79  LYS B CD  1 
ATOM   1312 C  CE  . LYS B 1 79 ? -6.089  -10.245 3.580   1.00 25.28 ? 79  LYS B CE  1 
ATOM   1313 N  NZ  . LYS B 1 79 ? -5.812  -11.489 2.808   1.00 25.92 ? 79  LYS B NZ  1 
ATOM   1314 N  N   . ALA B 1 80 ? -6.400  -5.917  6.245   1.00 14.04 ? 80  ALA B N   1 
ATOM   1315 C  CA  . ALA B 1 80 ? -5.499  -5.645  7.357   1.00 13.75 ? 80  ALA B CA  1 
ATOM   1316 C  C   . ALA B 1 80 ? -6.143  -4.680  8.345   1.00 12.79 ? 80  ALA B C   1 
ATOM   1317 O  O   . ALA B 1 80 ? -5.896  -4.754  9.549   1.00 13.07 ? 80  ALA B O   1 
ATOM   1318 C  CB  . ALA B 1 80 ? -4.190  -5.067  6.834   1.00 13.48 ? 80  ALA B CB  1 
ATOM   1319 N  N   . SER B 1 81 ? -6.969  -3.777  7.822   1.00 14.64 ? 81  SER B N   1 
ATOM   1320 C  CA  . SER B 1 81 ? -7.659  -2.787  8.643   1.00 16.77 ? 81  SER B CA  1 
ATOM   1321 C  C   . SER B 1 81 ? -8.688  -3.429  9.570   1.00 17.63 ? 81  SER B C   1 
ATOM   1322 O  O   . SER B 1 81 ? -8.736  -3.116  10.761  1.00 17.05 ? 81  SER B O   1 
ATOM   1323 C  CB  . SER B 1 81 ? -8.343  -1.750  7.750   1.00 17.28 ? 81  SER B CB  1 
ATOM   1324 O  OG  . SER B 1 81 ? -7.394  -1.059  6.957   1.00 18.92 ? 81  SER B OG  1 
ATOM   1325 N  N   . LEU B 1 82 ? -9.517  -4.317  9.026   1.00 19.30 ? 82  LEU B N   1 
ATOM   1326 C  CA  . LEU B 1 82 ? -10.521 -4.993  9.843   1.00 22.75 ? 82  LEU B CA  1 
ATOM   1327 C  C   . LEU B 1 82 ? -9.821  -5.750  10.957  1.00 24.88 ? 82  LEU B C   1 
ATOM   1328 O  O   . LEU B 1 82 ? -10.250 -5.722  12.111  1.00 25.21 ? 82  LEU B O   1 
ATOM   1329 C  CB  . LEU B 1 82 ? -11.348 -5.972  9.005   1.00 23.19 ? 82  LEU B CB  1 
ATOM   1330 C  CG  . LEU B 1 82 ? -12.666 -5.453  8.429   1.00 24.29 ? 82  LEU B CG  1 
ATOM   1331 C  CD1 . LEU B 1 82 ? -13.395 -6.595  7.740   1.00 24.04 ? 82  LEU B CD1 1 
ATOM   1332 C  CD2 . LEU B 1 82 ? -13.531 -4.879  9.544   1.00 24.08 ? 82  LEU B CD2 1 
ATOM   1333 N  N   . ASP B 1 83 ? -8.739  -6.433  10.596  1.00 27.20 ? 83  ASP B N   1 
ATOM   1334 C  CA  . ASP B 1 83 ? -7.963  -7.191  11.560  1.00 30.78 ? 83  ASP B CA  1 
ATOM   1335 C  C   . ASP B 1 83 ? -7.548  -6.266  12.696  1.00 32.74 ? 83  ASP B C   1 
ATOM   1336 O  O   . ASP B 1 83 ? -7.701  -6.604  13.866  1.00 32.87 ? 83  ASP B O   1 
ATOM   1337 C  CB  . ASP B 1 83 ? -6.721  -7.785  10.891  1.00 31.41 ? 83  ASP B CB  1 
ATOM   1338 C  CG  . ASP B 1 83 ? -5.815  -8.504  11.872  1.00 32.72 ? 83  ASP B CG  1 
ATOM   1339 O  OD1 . ASP B 1 83 ? -6.301  -9.421  12.568  1.00 33.47 ? 83  ASP B OD1 1 
ATOM   1340 O  OD2 . ASP B 1 83 ? -4.616  -8.157  11.945  1.00 33.52 ? 83  ASP B OD2 1 
ATOM   1341 N  N   . LEU B 1 84 ? -7.043  -5.088  12.342  1.00 34.77 ? 84  LEU B N   1 
ATOM   1342 C  CA  . LEU B 1 84 ? -6.595  -4.117  13.332  1.00 37.69 ? 84  LEU B CA  1 
ATOM   1343 C  C   . LEU B 1 84 ? -7.744  -3.578  14.188  1.00 39.63 ? 84  LEU B C   1 
ATOM   1344 O  O   . LEU B 1 84 ? -7.567  -3.331  15.379  1.00 39.47 ? 84  LEU B O   1 
ATOM   1345 C  CB  . LEU B 1 84 ? -5.865  -2.959  12.637  1.00 37.68 ? 84  LEU B CB  1 
ATOM   1346 C  CG  . LEU B 1 84 ? -5.042  -2.000  13.507  1.00 37.87 ? 84  LEU B CG  1 
ATOM   1347 C  CD1 . LEU B 1 84 ? -3.976  -2.770  14.257  1.00 37.98 ? 84  LEU B CD1 1 
ATOM   1348 C  CD2 . LEU B 1 84 ? -4.382  -0.948  12.639  1.00 38.27 ? 84  LEU B CD2 1 
ATOM   1349 N  N   . GLU B 1 85 ? -8.919  -3.405  13.589  1.00 41.86 ? 85  GLU B N   1 
ATOM   1350 C  CA  . GLU B 1 85 ? -10.078 -2.894  14.322  1.00 44.31 ? 85  GLU B CA  1 
ATOM   1351 C  C   . GLU B 1 85 ? -10.658 -3.905  15.304  1.00 45.49 ? 85  GLU B C   1 
ATOM   1352 O  O   . GLU B 1 85 ? -11.502 -3.557  16.132  1.00 45.75 ? 85  GLU B O   1 
ATOM   1353 C  CB  . GLU B 1 85 ? -11.186 -2.468  13.352  1.00 44.86 ? 85  GLU B CB  1 
ATOM   1354 C  CG  . GLU B 1 85 ? -10.965 -1.130  12.665  1.00 45.79 ? 85  GLU B CG  1 
ATOM   1355 C  CD  . GLU B 1 85 ? -12.074 -0.787  11.690  1.00 46.12 ? 85  GLU B CD  1 
ATOM   1356 O  OE1 . GLU B 1 85 ? -12.268 -1.546  10.717  1.00 46.29 ? 85  GLU B OE1 1 
ATOM   1357 O  OE2 . GLU B 1 85 ? -12.755 0.240   11.897  1.00 46.31 ? 85  GLU B OE2 1 
HETATM 1358 CL CL  . CL  C 2 .  ? 14.220  -2.127  -6.234  1.00 17.51 ? 91  CL  A CL  1 
HETATM 1359 O  O   . HOH D 3 .  ? 2.021   0.122   10.769  1.00 8.29  ? 92  HOH A O   1 
HETATM 1360 O  O   . HOH D 3 .  ? 17.074  -0.279  -24.104 1.00 10.66 ? 93  HOH A O   1 
HETATM 1361 O  O   . HOH D 3 .  ? -5.161  12.574  -1.780  1.00 9.91  ? 94  HOH A O   1 
HETATM 1362 O  O   . HOH D 3 .  ? -9.866  12.383  -1.381  1.00 9.77  ? 95  HOH A O   1 
HETATM 1363 O  O   . HOH D 3 .  ? 9.050   -7.292  -6.909  1.00 11.27 ? 96  HOH A O   1 
HETATM 1364 O  O   . HOH D 3 .  ? 18.546  -9.666  -20.517 1.00 12.27 ? 97  HOH A O   1 
HETATM 1365 O  O   . HOH D 3 .  ? 12.293  -8.835  -7.505  1.00 11.64 ? 98  HOH A O   1 
HETATM 1366 O  O   . HOH D 3 .  ? -11.233 13.307  0.911   1.00 12.05 ? 99  HOH A O   1 
HETATM 1367 O  O   . HOH D 3 .  ? 9.783   -4.695  -6.165  1.00 11.64 ? 100 HOH A O   1 
HETATM 1368 O  O   . HOH D 3 .  ? 8.674   -10.412 -1.379  1.00 12.94 ? 101 HOH A O   1 
HETATM 1369 O  O   . HOH D 3 .  ? 20.578  2.651   -21.642 1.00 15.26 ? 102 HOH A O   1 
HETATM 1370 O  O   . HOH D 3 .  ? 15.275  -6.375  -9.202  1.00 15.58 ? 103 HOH A O   1 
HETATM 1371 O  O   . HOH D 3 .  ? 15.885  -14.600 -10.443 1.00 15.95 ? 104 HOH A O   1 
HETATM 1372 O  O   . HOH D 3 .  ? 10.497  -4.539  13.938  1.00 20.83 ? 105 HOH A O   1 
HETATM 1373 O  O   . HOH D 3 .  ? -19.816 10.440  14.415  1.00 19.04 ? 106 HOH A O   1 
HETATM 1374 O  O   . HOH D 3 .  ? 2.116   8.311   -9.329  1.00 15.89 ? 107 HOH A O   1 
HETATM 1375 O  O   . HOH D 3 .  ? 17.797  -3.521  4.033   1.00 15.24 ? 108 HOH A O   1 
HETATM 1376 O  O   . HOH D 3 .  ? 20.105  -5.138  -10.917 1.00 17.19 ? 109 HOH A O   1 
HETATM 1377 O  O   . HOH D 3 .  ? 14.204  -9.410  -20.260 1.00 18.19 ? 110 HOH A O   1 
HETATM 1378 O  O   . HOH D 3 .  ? 14.158  -0.970  14.502  1.00 15.93 ? 111 HOH A O   1 
HETATM 1379 O  O   . HOH D 3 .  ? 4.732   -6.487  15.509  1.00 17.71 ? 112 HOH A O   1 
HETATM 1380 O  O   . HOH D 3 .  ? 6.407   10.369  -3.953  1.00 20.32 ? 113 HOH A O   1 
HETATM 1381 O  O   . HOH D 3 .  ? -0.124  -9.175  -5.160  1.00 20.73 ? 114 HOH A O   1 
HETATM 1382 O  O   . HOH D 3 .  ? -16.037 9.389   2.375   1.00 18.80 ? 115 HOH A O   1 
HETATM 1383 O  O   . HOH D 3 .  ? -15.222 3.067   7.707   1.00 19.56 ? 116 HOH A O   1 
HETATM 1384 O  O   . HOH D 3 .  ? -14.518 10.679  -3.431  1.00 19.27 ? 117 HOH A O   1 
HETATM 1385 O  O   . HOH D 3 .  ? 18.063  -12.751 -5.180  1.00 17.36 ? 118 HOH A O   1 
HETATM 1386 O  O   . HOH D 3 .  ? 11.836  -12.942 -1.656  1.00 18.08 ? 119 HOH A O   1 
HETATM 1387 O  O   . HOH D 3 .  ? -13.153 15.422  6.982   1.00 20.65 ? 120 HOH A O   1 
HETATM 1388 O  O   . HOH D 3 .  ? 19.524  -7.851  -11.015 1.00 18.10 ? 121 HOH A O   1 
HETATM 1389 O  O   . HOH D 3 .  ? 8.016   6.980   -10.634 1.00 19.28 ? 122 HOH A O   1 
HETATM 1390 O  O   . HOH D 3 .  ? -3.454  12.771  3.876   1.00 24.63 ? 123 HOH A O   1 
HETATM 1391 O  O   . HOH D 3 .  ? 23.986  -6.795  -22.494 1.00 23.14 ? 124 HOH A O   1 
HETATM 1392 O  O   . HOH D 3 .  ? 8.952   -8.945  13.327  1.00 23.64 ? 125 HOH A O   1 
HETATM 1393 O  O   . HOH D 3 .  ? -4.149  16.902  1.058   1.00 32.95 ? 126 HOH A O   1 
HETATM 1394 O  O   . HOH D 3 .  ? 1.499   -11.600 1.344   1.00 19.44 ? 127 HOH A O   1 
HETATM 1395 O  O   . HOH D 3 .  ? -15.662 9.295   -1.280  1.00 18.51 ? 128 HOH A O   1 
HETATM 1396 O  O   . HOH D 3 .  ? 1.854   5.188   13.650  1.00 15.93 ? 129 HOH A O   1 
HETATM 1397 O  O   . HOH D 3 .  ? 4.103   -9.296  13.823  1.00 17.06 ? 130 HOH A O   1 
HETATM 1398 O  O   . HOH D 3 .  ? -21.547 10.084  15.734  1.00 17.99 ? 131 HOH A O   1 
HETATM 1399 O  O   . HOH D 3 .  ? 7.590   -3.163  15.113  1.00 24.90 ? 132 HOH A O   1 
HETATM 1400 O  O   . HOH D 3 .  ? 18.252  -12.114 -8.790  1.00 21.33 ? 133 HOH A O   1 
HETATM 1401 O  O   . HOH D 3 .  ? 6.067   -1.425  -7.694  1.00 17.56 ? 134 HOH A O   1 
HETATM 1402 O  O   . HOH D 3 .  ? 9.884   -13.266 4.437   1.00 19.45 ? 135 HOH A O   1 
HETATM 1403 O  O   . HOH D 3 .  ? 8.488   4.355   9.791   1.00 22.66 ? 136 HOH A O   1 
HETATM 1404 O  O   . HOH D 3 .  ? 0.330   -6.158  -11.605 1.00 20.17 ? 137 HOH A O   1 
HETATM 1405 O  O   . HOH D 3 .  ? -5.602  13.680  4.144   1.00 22.36 ? 138 HOH A O   1 
HETATM 1406 O  O   . HOH D 3 .  ? 5.899   -1.158  15.577  1.00 23.56 ? 139 HOH A O   1 
HETATM 1407 O  O   . HOH D 3 .  ? -0.202  16.424  -5.392  1.00 19.83 ? 140 HOH A O   1 
HETATM 1408 O  O   . HOH D 3 .  ? 3.162   -2.278  15.503  1.00 26.02 ? 141 HOH A O   1 
HETATM 1409 O  O   . HOH D 3 .  ? 6.674   -15.534 1.901   1.00 24.25 ? 142 HOH A O   1 
HETATM 1410 O  O   . HOH D 3 .  ? -16.853 7.030   -2.060  1.00 24.32 ? 143 HOH A O   1 
HETATM 1411 O  O   . HOH D 3 .  ? -13.623 12.345  -0.189  1.00 17.93 ? 144 HOH A O   1 
HETATM 1412 O  O   . HOH D 3 .  ? 12.509  -15.405 -0.795  1.00 32.79 ? 145 HOH A O   1 
HETATM 1413 O  O   . HOH D 3 .  ? 22.874  -12.017 -15.268 1.00 28.41 ? 146 HOH A O   1 
HETATM 1414 O  O   . HOH D 3 .  ? 16.352  5.190   -16.636 1.00 26.52 ? 147 HOH A O   1 
HETATM 1415 O  O   . HOH D 3 .  ? 7.256   -6.338  16.645  1.00 32.77 ? 148 HOH A O   1 
HETATM 1416 O  O   . HOH D 3 .  ? 22.636  1.374   -24.724 1.00 29.87 ? 149 HOH A O   1 
HETATM 1417 O  O   . HOH D 3 .  ? 1.920   1.927   17.045  1.00 30.09 ? 150 HOH A O   1 
HETATM 1418 O  O   . HOH D 3 .  ? 18.267  3.944   -21.372 1.00 25.42 ? 151 HOH A O   1 
HETATM 1419 O  O   . HOH D 3 .  ? 3.563   -0.604  -6.088  1.00 30.74 ? 152 HOH A O   1 
HETATM 1420 O  O   . HOH D 3 .  ? 18.028  -7.028  -8.655  1.00 21.53 ? 153 HOH A O   1 
HETATM 1421 O  O   . HOH D 3 .  ? 10.055  8.869   -9.705  1.00 30.78 ? 154 HOH A O   1 
HETATM 1422 O  O   . HOH D 3 .  ? -23.572 10.422  10.169  1.00 30.73 ? 155 HOH A O   1 
HETATM 1423 O  O   . HOH D 3 .  ? -23.419 13.402  13.537  1.00 22.20 ? 156 HOH A O   1 
HETATM 1424 O  O   . HOH D 3 .  ? -23.541 12.941  4.867   1.00 34.73 ? 157 HOH A O   1 
HETATM 1425 O  O   . HOH D 3 .  ? -15.852 13.847  0.133   1.00 30.34 ? 158 HOH A O   1 
HETATM 1426 O  O   . HOH D 3 .  ? -7.661  13.888  -2.140  1.00 8.13  ? 159 HOH A O   1 
HETATM 1427 O  O   . HOH D 3 .  ? -3.463  12.078  -3.901  1.00 14.75 ? 160 HOH A O   1 
HETATM 1428 O  O   . HOH D 3 .  ? 0.154   9.446   -10.625 1.00 25.56 ? 161 HOH A O   1 
HETATM 1429 O  O   . HOH D 3 .  ? 0.308   9.962   -13.101 0.50 22.94 ? 162 HOH A O   1 
HETATM 1430 O  O   . HOH D 3 .  ? -2.457  9.855   -10.014 1.00 21.01 ? 163 HOH A O   1 
HETATM 1431 O  O   . HOH D 3 .  ? 9.534   6.925   -12.755 1.00 30.35 ? 164 HOH A O   1 
HETATM 1432 O  O   . HOH D 3 .  ? 17.537  -0.218  -21.385 1.00 11.05 ? 165 HOH A O   1 
HETATM 1433 O  O   . HOH D 3 .  ? 24.543  -2.051  -22.802 1.00 22.74 ? 166 HOH A O   1 
HETATM 1434 O  O   . HOH D 3 .  ? 13.878  -6.647  -6.659  1.00 13.10 ? 167 HOH A O   1 
HETATM 1435 O  O   . HOH D 3 .  ? 16.158  -16.103 -8.129  1.00 16.85 ? 168 HOH A O   1 
HETATM 1436 O  O   . HOH D 3 .  ? 9.917   -12.298 0.255   1.00 14.93 ? 169 HOH A O   1 
HETATM 1437 O  O   . HOH D 3 .  ? 10.550  4.651   7.736   1.00 12.14 ? 170 HOH A O   1 
HETATM 1438 O  O   . HOH D 3 .  ? 9.694   -1.032  14.460  1.00 12.10 ? 171 HOH A O   1 
HETATM 1439 O  O   . HOH D 3 .  ? 3.946   6.695   13.291  0.50 14.71 ? 172 HOH A O   1 
HETATM 1440 O  O   . HOH D 3 .  ? 6.568   6.576   14.228  1.00 16.72 ? 173 HOH A O   1 
HETATM 1441 O  O   . HOH D 3 .  ? 8.618   6.363   12.458  1.00 24.35 ? 174 HOH A O   1 
HETATM 1442 O  O   . HOH D 3 .  ? 9.286   -5.253  15.364  1.00 16.16 ? 175 HOH A O   1 
HETATM 1443 O  O   . HOH D 3 .  ? -0.592  -10.156 10.631  1.00 30.17 ? 176 HOH A O   1 
HETATM 1444 O  O   . HOH D 3 .  ? 2.605   -13.620 2.875   1.00 28.31 ? 177 HOH A O   1 
HETATM 1445 O  O   . HOH D 3 .  ? 5.814   -13.588 -1.782  1.00 21.66 ? 178 HOH A O   1 
HETATM 1446 O  O   . HOH D 3 .  ? -0.271  -9.810  -7.834  1.00 21.23 ? 179 HOH A O   1 
HETATM 1447 O  O   . HOH D 3 .  ? -8.051  16.243  -0.620  1.00 14.54 ? 180 HOH A O   1 
HETATM 1448 O  O   . HOH D 3 .  ? 1.071   8.384   -14.936 1.00 29.79 ? 181 HOH A O   1 
HETATM 1449 O  O   . HOH D 3 .  ? -17.326 10.789  4.176   1.00 18.77 ? 182 HOH A O   1 
HETATM 1450 O  O   . HOH D 3 .  ? -18.066 7.922   1.970   1.00 25.93 ? 183 HOH A O   1 
HETATM 1451 O  O   . HOH D 3 .  ? -15.626 16.933  7.015   1.00 26.36 ? 184 HOH A O   1 
HETATM 1452 O  O   . HOH D 3 .  ? -17.790 13.975  4.332   1.00 32.18 ? 185 HOH A O   1 
HETATM 1453 O  O   . HOH D 3 .  ? -8.569  15.330  3.917   1.00 31.40 ? 186 HOH A O   1 
HETATM 1454 O  O   . HOH D 3 .  ? -4.268  15.311  8.027   1.00 28.74 ? 187 HOH A O   1 
HETATM 1455 O  O   . HOH D 3 .  ? -11.350 15.984  2.139   1.00 30.04 ? 188 HOH A O   1 
HETATM 1456 O  O   . HOH D 3 .  ? -6.009  13.076  7.997   1.00 28.68 ? 189 HOH A O   1 
HETATM 1457 O  O   . HOH D 3 .  ? -7.027  6.465   4.419   1.00 35.97 ? 190 HOH A O   1 
HETATM 1458 O  O   . HOH D 3 .  ? -0.804  12.533  -3.252  1.00 28.10 ? 191 HOH A O   1 
HETATM 1459 O  O   . HOH D 3 .  ? 3.257   11.304  -4.588  1.00 30.00 ? 192 HOH A O   1 
HETATM 1460 O  O   . HOH D 3 .  ? 7.844   11.630  -7.781  1.00 32.57 ? 193 HOH A O   1 
HETATM 1461 O  O   . HOH D 3 .  ? 8.548   3.315   -16.326 1.00 17.08 ? 194 HOH A O   1 
HETATM 1462 O  O   . HOH D 3 .  ? 8.928   6.122   -15.577 1.00 30.29 ? 195 HOH A O   1 
HETATM 1463 O  O   . HOH D 3 .  ? 12.419  -4.657  -9.491  1.00 22.97 ? 196 HOH A O   1 
HETATM 1464 O  O   . HOH D 3 .  ? 12.336  -4.149  -6.907  1.00 14.45 ? 197 HOH A O   1 
HETATM 1465 O  O   . HOH D 3 .  ? 10.698  -3.337  -17.403 1.00 31.22 ? 198 HOH A O   1 
HETATM 1466 O  O   . HOH D 3 .  ? 16.210  2.122   -21.616 1.00 20.91 ? 199 HOH A O   1 
HETATM 1467 O  O   . HOH D 3 .  ? 12.261  -8.717  -22.032 1.00 20.71 ? 200 HOH A O   1 
HETATM 1468 O  O   . HOH D 3 .  ? 25.919  -6.031  -17.421 1.00 25.52 ? 201 HOH A O   1 
HETATM 1469 O  O   . HOH D 3 .  ? 10.857  -7.002  -9.080  1.00 22.14 ? 202 HOH A O   1 
HETATM 1470 O  O   . HOH D 3 .  ? 17.985  -14.831 -6.620  1.00 26.01 ? 203 HOH A O   1 
HETATM 1471 O  O   . HOH D 3 .  ? 15.313  -14.678 -0.520  1.00 31.93 ? 204 HOH A O   1 
HETATM 1472 O  O   . HOH D 3 .  ? 11.187  3.763   12.220  1.00 19.85 ? 205 HOH A O   1 
HETATM 1473 O  O   . HOH D 3 .  ? 6.117   3.144   17.144  1.00 22.14 ? 206 HOH A O   1 
HETATM 1474 O  O   . HOH D 3 .  ? 7.222   -12.531 6.632   1.00 20.58 ? 207 HOH A O   1 
HETATM 1475 O  O   . HOH D 3 .  ? 12.654  -4.853  -19.977 1.00 21.92 ? 208 HOH A O   1 
HETATM 1476 O  O   . HOH D 3 .  ? 6.861   1.046   -19.258 1.00 28.31 ? 209 HOH A O   1 
HETATM 1477 O  O   . HOH D 3 .  ? -20.110 8.630   20.471  1.00 31.37 ? 210 HOH A O   1 
HETATM 1478 O  O   . HOH D 3 .  ? -24.131 9.185   16.089  1.00 30.16 ? 211 HOH A O   1 
HETATM 1479 O  O   . HOH D 3 .  ? 3.003   0.628   -18.543 1.00 32.45 ? 212 HOH A O   1 
HETATM 1480 O  O   . HOH D 3 .  ? -25.474 8.846   9.225   1.00 33.63 ? 213 HOH A O   1 
HETATM 1481 O  O   . HOH D 3 .  ? -20.836 7.181   7.755   1.00 32.41 ? 214 HOH A O   1 
HETATM 1482 O  O   . HOH D 3 .  ? -25.183 11.512  14.642  1.00 29.63 ? 215 HOH A O   1 
HETATM 1483 O  O   . HOH D 3 .  ? -21.635 6.114   10.615  1.00 25.87 ? 216 HOH A O   1 
HETATM 1484 O  O   . HOH D 3 .  ? -24.328 6.246   12.350  1.00 26.86 ? 217 HOH A O   1 
HETATM 1485 O  O   . HOH D 3 .  ? 1.325   11.252  -8.930  1.00 32.96 ? 218 HOH A O   1 
HETATM 1486 O  O   . HOH D 3 .  ? 14.135  3.104   -20.144 1.00 27.74 ? 219 HOH A O   1 
HETATM 1487 O  O   . HOH D 3 .  ? 16.957  -9.286  -18.103 1.00 13.91 ? 220 HOH A O   1 
HETATM 1488 O  O   . HOH D 3 .  ? 25.915  -3.800  -15.417 1.00 28.85 ? 221 HOH A O   1 
HETATM 1489 O  O   . HOH D 3 .  ? 20.489  -7.206  -5.523  1.00 27.69 ? 222 HOH A O   1 
HETATM 1490 O  O   . HOH D 3 .  ? 21.486  -12.071 -3.394  1.00 31.97 ? 223 HOH A O   1 
HETATM 1491 O  O   . HOH D 3 .  ? 18.725  -3.556  -0.860  1.00 19.97 ? 224 HOH A O   1 
HETATM 1492 O  O   . HOH D 3 .  ? 9.509   -2.836  15.781  1.00 18.92 ? 225 HOH A O   1 
HETATM 1493 O  O   . HOH D 3 .  ? 4.932   -12.944 5.185   1.00 30.16 ? 226 HOH A O   1 
HETATM 1494 O  O   . HOH D 3 .  ? -0.834  -12.407 -4.878  1.00 30.76 ? 227 HOH A O   1 
HETATM 1495 O  O   . HOH D 3 .  ? 0.408   -6.952  -13.840 1.00 29.66 ? 228 HOH A O   1 
HETATM 1496 O  O   . HOH D 3 .  ? 7.612   -4.761  -13.120 1.00 30.91 ? 229 HOH A O   1 
HETATM 1497 O  O   . HOH D 3 .  ? 13.073  -5.691  -11.859 1.00 21.96 ? 230 HOH A O   1 
HETATM 1498 O  O   . HOH D 3 .  ? 19.264  5.976   -23.799 1.00 29.72 ? 231 HOH A O   1 
HETATM 1499 O  O   . HOH D 3 .  ? 23.584  1.216   -20.983 1.00 17.84 ? 232 HOH A O   1 
HETATM 1500 O  O   . HOH D 3 .  ? 3.714   9.471   -15.397 0.50 26.09 ? 233 HOH A O   1 
HETATM 1501 O  O   . HOH D 3 .  ? 24.760  3.231   -21.087 1.00 32.80 ? 234 HOH A O   1 
HETATM 1502 O  O   . HOH D 3 .  ? -11.269 16.119  -0.180  1.00 31.39 ? 235 HOH A O   1 
HETATM 1503 O  O   . HOH D 3 .  ? -21.574 15.726  8.304   1.00 32.03 ? 236 HOH A O   1 
HETATM 1504 O  O   . HOH D 3 .  ? 11.125  -4.778  -13.530 1.00 32.73 ? 237 HOH A O   1 
HETATM 1505 O  O   . HOH D 3 .  ? 20.520  -11.217 -5.527  1.00 25.53 ? 238 HOH A O   1 
HETATM 1506 O  O   . HOH D 3 .  ? 1.089   -14.939 10.176  0.50 29.37 ? 239 HOH A O   1 
HETATM 1507 O  O   . HOH D 3 .  ? 3.658   -14.275 -0.978  1.00 30.74 ? 240 HOH A O   1 
HETATM 1508 O  O   . HOH D 3 .  ? -19.737 8.839   0.442   1.00 31.68 ? 241 HOH A O   1 
HETATM 1509 O  O   . HOH D 3 .  ? -15.038 9.649   -5.304  1.00 28.17 ? 242 HOH A O   1 
HETATM 1510 O  O   . HOH D 3 .  ? -17.261 9.517   21.714  1.00 32.04 ? 243 HOH A O   1 
HETATM 1511 O  O   . HOH D 3 .  ? 22.307  -4.525  -10.371 1.00 29.87 ? 244 HOH A O   1 
HETATM 1512 O  O   . HOH D 3 .  ? 22.861  -6.558  -8.712  1.00 32.69 ? 245 HOH A O   1 
HETATM 1513 O  O   . HOH D 3 .  ? 25.185  -7.483  -9.955  1.00 32.03 ? 246 HOH A O   1 
HETATM 1514 O  O   . HOH D 3 .  ? 9.638   -4.513  17.067  1.00 34.25 ? 247 HOH A O   1 
HETATM 1515 O  O   . HOH D 3 .  ? 6.726   9.646   -14.942 1.00 32.76 ? 248 HOH A O   1 
HETATM 1516 O  O   . HOH D 3 .  ? 19.902  -10.028 -9.154  1.00 28.70 ? 249 HOH A O   1 
HETATM 1517 O  O   . HOH E 3 .  ? 10.295  8.431   2.131   1.00 7.56  ? 91  HOH B O   1 
HETATM 1518 O  O   . HOH E 3 .  ? -1.114  1.796   -11.181 1.00 9.22  ? 92  HOH B O   1 
HETATM 1519 O  O   . HOH E 3 .  ? 16.187  6.678   -0.658  1.00 9.90  ? 93  HOH B O   1 
HETATM 1520 O  O   . HOH E 3 .  ? 14.761  6.420   1.701   1.00 10.81 ? 94  HOH B O   1 
HETATM 1521 O  O   . HOH E 3 .  ? -13.180 3.927   5.785   1.00 12.17 ? 95  HOH B O   1 
HETATM 1522 O  O   . HOH E 3 .  ? 9.946   10.953  1.041   1.00 9.94  ? 96  HOH B O   1 
HETATM 1523 O  O   . HOH E 3 .  ? 23.623  9.353   -17.967 1.00 12.27 ? 97  HOH B O   1 
HETATM 1524 O  O   . HOH E 3 .  ? -16.252 -1.545  -6.637  1.00 15.43 ? 98  HOH B O   1 
HETATM 1525 O  O   . HOH E 3 .  ? -20.482 -2.039  19.909  1.00 14.98 ? 99  HOH B O   1 
HETATM 1526 O  O   . HOH E 3 .  ? -3.484  -5.862  10.762  1.00 17.61 ? 100 HOH B O   1 
HETATM 1527 O  O   . HOH E 3 .  ? 2.315   7.672   9.534   1.00 15.79 ? 101 HOH B O   1 
HETATM 1528 O  O   . HOH E 3 .  ? -13.172 -1.177  19.336  1.00 14.20 ? 102 HOH B O   1 
HETATM 1529 O  O   . HOH E 3 .  ? -20.899 0.020   -2.923  1.00 14.00 ? 103 HOH B O   1 
HETATM 1530 O  O   . HOH E 3 .  ? -18.902 -5.643  11.628  1.00 16.20 ? 104 HOH B O   1 
HETATM 1531 O  O   . HOH E 3 .  ? -3.746  9.168   10.888  1.00 14.76 ? 105 HOH B O   1 
HETATM 1532 O  O   . HOH E 3 .  ? -16.977 5.399   -5.217  1.00 16.58 ? 106 HOH B O   1 
HETATM 1533 O  O   . HOH E 3 .  ? 14.229  10.242  1.002   1.00 15.37 ? 107 HOH B O   1 
HETATM 1534 O  O   . HOH E 3 .  ? 1.741   6.135   -13.661 1.00 21.58 ? 108 HOH B O   1 
HETATM 1535 O  O   . HOH E 3 .  ? -4.007  11.431  9.294   1.00 18.64 ? 109 HOH B O   1 
HETATM 1536 O  O   . HOH E 3 .  ? 22.207  8.955   -15.580 1.00 20.22 ? 110 HOH B O   1 
HETATM 1537 O  O   . HOH E 3 .  ? -7.817  11.279  -11.488 1.00 15.57 ? 111 HOH B O   1 
HETATM 1538 O  O   . HOH E 3 .  ? 24.360  1.067   -15.899 1.00 20.10 ? 112 HOH B O   1 
HETATM 1539 O  O   . HOH E 3 .  ? -4.741  8.454   -9.389  1.00 18.42 ? 113 HOH B O   1 
HETATM 1540 O  O   . HOH E 3 .  ? -7.523  -5.184  -14.835 1.00 20.29 ? 114 HOH B O   1 
HETATM 1541 O  O   . HOH E 3 .  ? -15.149 -2.654  6.154   1.00 17.81 ? 115 HOH B O   1 
HETATM 1542 O  O   . HOH E 3 .  ? -10.726 0.286   5.254   1.00 19.61 ? 116 HOH B O   1 
HETATM 1543 O  O   . HOH E 3 .  ? -15.125 2.800   -11.030 1.00 18.18 ? 117 HOH B O   1 
HETATM 1544 O  O   . HOH E 3 .  ? -6.827  -9.177  -2.461  1.00 17.42 ? 118 HOH B O   1 
HETATM 1545 O  O   . HOH E 3 .  ? 8.841   6.256   6.266   1.00 19.99 ? 119 HOH B O   1 
HETATM 1546 O  O   . HOH E 3 .  ? -21.318 -5.706  8.603   1.00 18.67 ? 120 HOH B O   1 
HETATM 1547 O  O   . HOH E 3 .  ? 18.928  0.773   -2.362  1.00 27.88 ? 121 HOH B O   1 
HETATM 1548 O  O   . HOH E 3 .  ? 20.880  7.469   -20.944 1.00 18.69 ? 122 HOH B O   1 
HETATM 1549 O  O   . HOH E 3 .  ? -10.259 2.249   -14.609 1.00 20.33 ? 123 HOH B O   1 
HETATM 1550 O  O   . HOH E 3 .  ? -5.964  1.284   7.270   1.00 18.05 ? 124 HOH B O   1 
HETATM 1551 O  O   . HOH E 3 .  ? 22.717  -1.382  -7.532  1.00 19.69 ? 125 HOH B O   1 
HETATM 1552 O  O   . HOH E 3 .  ? -4.213  -8.300  4.371   1.00 28.44 ? 126 HOH B O   1 
HETATM 1553 O  O   . HOH E 3 .  ? 27.254  4.827   -11.249 1.00 32.39 ? 127 HOH B O   1 
HETATM 1554 O  O   . HOH E 3 .  ? -10.921 -6.851  1.783   1.00 23.48 ? 128 HOH B O   1 
HETATM 1555 O  O   . HOH E 3 .  ? -17.066 -3.457  18.329  1.00 25.16 ? 129 HOH B O   1 
HETATM 1556 O  O   . HOH E 3 .  ? -0.453  12.049  4.259   1.00 21.04 ? 130 HOH B O   1 
HETATM 1557 O  O   . HOH E 3 .  ? -1.059  7.624   -16.566 1.00 27.87 ? 131 HOH B O   1 
HETATM 1558 O  O   . HOH E 3 .  ? 24.046  5.774   -8.415  1.00 21.60 ? 132 HOH B O   1 
HETATM 1559 O  O   . HOH E 3 .  ? -1.873  4.437   16.932  1.00 33.16 ? 133 HOH B O   1 
HETATM 1560 O  O   . HOH E 3 .  ? -6.007  9.534   -12.700 1.00 22.00 ? 134 HOH B O   1 
HETATM 1561 O  O   . HOH E 3 .  ? -13.064 -1.662  8.162   1.00 24.36 ? 135 HOH B O   1 
HETATM 1562 O  O   . HOH E 3 .  ? 18.429  0.412   1.296   1.00 21.38 ? 136 HOH B O   1 
HETATM 1563 O  O   . HOH E 3 .  ? 4.204   14.084  4.825   1.00 30.60 ? 137 HOH B O   1 
HETATM 1564 O  O   . HOH E 3 .  ? -7.414  1.916   -15.718 1.00 33.40 ? 138 HOH B O   1 
HETATM 1565 O  O   . HOH E 3 .  ? 25.359  -1.887  -9.271  1.00 36.97 ? 139 HOH B O   1 
HETATM 1566 O  O   . HOH E 3 .  ? -16.569 0.769   8.389   1.00 28.50 ? 140 HOH B O   1 
HETATM 1567 O  O   . HOH E 3 .  ? -22.274 -3.242  7.360   1.00 28.21 ? 141 HOH B O   1 
HETATM 1568 O  O   . HOH E 3 .  ? -11.591 -2.419  5.901   1.00 23.78 ? 142 HOH B O   1 
HETATM 1569 O  O   . HOH E 3 .  ? -11.026 10.508  20.106  1.00 20.66 ? 143 HOH B O   1 
HETATM 1570 O  O   . HOH E 3 .  ? -20.368 -1.518  -5.192  1.00 21.56 ? 144 HOH B O   1 
HETATM 1571 O  O   . HOH E 3 .  ? -22.304 -2.214  3.852   1.00 22.22 ? 145 HOH B O   1 
HETATM 1572 O  O   . HOH E 3 .  ? -6.484  -2.127  -16.369 1.00 22.50 ? 146 HOH B O   1 
HETATM 1573 O  O   . HOH E 3 .  ? 26.650  0.155   -10.592 1.00 32.30 ? 147 HOH B O   1 
HETATM 1574 O  O   . HOH E 3 .  ? -20.900 6.601   24.611  1.00 35.99 ? 148 HOH B O   1 
HETATM 1575 O  O   . HOH E 3 .  ? 17.904  4.293   0.331   1.00 28.72 ? 149 HOH B O   1 
HETATM 1576 O  O   . HOH E 3 .  ? -19.965 3.310   10.467  1.00 24.27 ? 150 HOH B O   1 
HETATM 1577 O  O   . HOH E 3 .  ? -12.835 -5.353  0.065   1.00 29.10 ? 151 HOH B O   1 
HETATM 1578 O  O   . HOH E 3 .  ? 19.257  6.037   -19.270 1.00 24.95 ? 152 HOH B O   1 
HETATM 1579 O  O   . HOH E 3 .  ? -5.076  9.083   16.116  1.00 32.89 ? 153 HOH B O   1 
HETATM 1580 O  O   . HOH E 3 .  ? -14.376 -5.954  -1.590  1.00 34.73 ? 154 HOH B O   1 
HETATM 1581 O  O   . HOH E 3 .  ? 18.098  3.615   3.169   1.00 33.33 ? 155 HOH B O   1 
HETATM 1582 O  O   . HOH E 3 .  ? -14.486 8.087   23.946  1.00 38.87 ? 156 HOH B O   1 
HETATM 1583 O  O   . HOH E 3 .  ? -14.646 0.234   10.307  1.00 26.28 ? 157 HOH B O   1 
HETATM 1584 O  O   . HOH E 3 .  ? -12.633 -8.811  11.975  1.00 23.92 ? 158 HOH B O   1 
HETATM 1585 O  O   . HOH E 3 .  ? -11.525 6.698   -15.476 1.00 29.50 ? 159 HOH B O   1 
HETATM 1586 O  O   . HOH E 3 .  ? 21.856  -0.343  -4.709  1.00 37.70 ? 160 HOH B O   1 
HETATM 1587 O  O   . HOH E 3 .  ? 24.099  -3.428  -12.258 1.00 29.51 ? 161 HOH B O   1 
HETATM 1588 O  O   . HOH E 3 .  ? -4.596  12.656  5.998   1.00 25.08 ? 162 HOH B O   1 
HETATM 1589 O  O   . HOH E 3 .  ? 15.908  -3.731  -8.129  1.00 18.64 ? 163 HOH B O   1 
HETATM 1590 O  O   . HOH E 3 .  ? 27.045  3.598   -13.989 1.00 20.91 ? 164 HOH B O   1 
HETATM 1591 O  O   . HOH E 3 .  ? 28.777  4.913   -13.594 1.00 29.73 ? 165 HOH B O   1 
HETATM 1592 O  O   . HOH E 3 .  ? 19.484  8.183   -17.228 1.00 22.69 ? 166 HOH B O   1 
HETATM 1593 O  O   . HOH E 3 .  ? 13.028  8.347   2.641   1.00 8.22  ? 167 HOH B O   1 
HETATM 1594 O  O   . HOH E 3 .  ? 8.422   8.660   4.180   1.00 11.07 ? 168 HOH B O   1 
HETATM 1595 O  O   . HOH E 3 .  ? 6.246   9.697   2.963   1.00 20.05 ? 169 HOH B O   1 
HETATM 1596 O  O   . HOH E 3 .  ? -5.615  9.030   13.178  1.00 27.20 ? 170 HOH B O   1 
HETATM 1597 O  O   . HOH E 3 .  ? -7.032  11.507  13.122  1.00 24.63 ? 171 HOH B O   1 
HETATM 1598 O  O   . HOH E 3 .  ? -12.251 7.436   17.994  1.00 10.98 ? 172 HOH B O   1 
HETATM 1599 O  O   . HOH E 3 .  ? -11.921 10.234  17.531  1.00 15.44 ? 173 HOH B O   1 
HETATM 1600 O  O   . HOH E 3 .  ? -9.641  6.958   19.052  1.00 17.92 ? 174 HOH B O   1 
HETATM 1601 O  O   . HOH E 3 .  ? -13.816 7.134   20.271  1.00 23.54 ? 175 HOH B O   1 
HETATM 1602 O  O   . HOH E 3 .  ? -20.704 2.094   24.767  1.00 26.13 ? 176 HOH B O   1 
HETATM 1603 O  O   . HOH E 3 .  ? -24.250 3.312   21.807  1.00 35.51 ? 177 HOH B O   1 
HETATM 1604 O  O   . HOH E 3 .  ? -23.115 -2.956  20.879  1.00 22.88 ? 178 HOH B O   1 
HETATM 1605 O  O   . HOH E 3 .  ? -21.162 3.079   4.170   1.00 27.87 ? 179 HOH B O   1 
HETATM 1606 O  O   . HOH E 3 .  ? -18.484 5.786   -7.318  1.00 24.19 ? 180 HOH B O   1 
HETATM 1607 O  O   . HOH E 3 .  ? -8.851  3.491   -16.262 1.00 19.23 ? 181 HOH B O   1 
HETATM 1608 O  O   . HOH E 3 .  ? -6.682  9.809   -7.591  1.00 12.80 ? 182 HOH B O   1 
HETATM 1609 O  O   . HOH E 3 .  ? -3.171  0.484   -15.875 1.00 29.36 ? 183 HOH B O   1 
HETATM 1610 O  O   . HOH E 3 .  ? -14.792 -6.489  -5.376  1.00 33.82 ? 184 HOH B O   1 
HETATM 1611 O  O   . HOH E 3 .  ? -10.349 -9.749  1.037   1.00 25.77 ? 185 HOH B O   1 
HETATM 1612 O  O   . HOH E 3 .  ? -7.632  -9.733  0.425   1.00 28.35 ? 186 HOH B O   1 
HETATM 1613 O  O   . HOH E 3 .  ? -9.313  -10.039 8.998   1.00 27.65 ? 187 HOH B O   1 
HETATM 1614 O  O   . HOH E 3 .  ? -7.620  5.340   18.119  1.00 19.66 ? 188 HOH B O   1 
HETATM 1615 O  O   . HOH E 3 .  ? -6.902  13.814  11.526  1.00 27.86 ? 189 HOH B O   1 
HETATM 1616 O  O   . HOH E 3 .  ? 21.019  0.714   -16.051 1.00 33.08 ? 190 HOH B O   1 
HETATM 1617 O  O   . HOH E 3 .  ? 22.900  1.938   -14.666 1.00 18.89 ? 191 HOH B O   1 
HETATM 1618 O  O   . HOH E 3 .  ? 18.233  9.320   -3.945  1.00 26.68 ? 192 HOH B O   1 
HETATM 1619 O  O   . HOH E 3 .  ? 0.531   4.528   16.053  1.00 28.26 ? 193 HOH B O   1 
HETATM 1620 O  O   . HOH E 3 .  ? -1.757  -10.097 5.409   1.00 37.37 ? 194 HOH B O   1 
HETATM 1621 O  O   . HOH E 3 .  ? 0.563   -3.438  -17.308 1.00 32.40 ? 195 HOH B O   1 
HETATM 1622 O  O   . HOH E 3 .  ? 18.727  -4.343  -8.440  1.00 22.89 ? 196 HOH B O   1 
HETATM 1623 O  O   . HOH E 3 .  ? 20.776  2.129   -4.174  1.00 22.59 ? 197 HOH B O   1 
HETATM 1624 O  O   . HOH E 3 .  ? 14.787  9.905   -3.481  1.00 18.42 ? 198 HOH B O   1 
HETATM 1625 O  O   . HOH E 3 .  ? 16.533  9.052   -2.029  1.00 22.92 ? 199 HOH B O   1 
HETATM 1626 O  O   . HOH E 3 .  ? 18.263  6.348   0.865   1.00 29.87 ? 200 HOH B O   1 
HETATM 1627 O  O   . HOH E 3 .  ? 7.892   5.146   7.037   1.00 23.24 ? 201 HOH B O   1 
HETATM 1628 O  O   . HOH E 3 .  ? -5.846  6.298   16.062  1.00 16.95 ? 202 HOH B O   1 
HETATM 1629 O  O   . HOH E 3 .  ? -12.127 -0.974  16.853  1.00 17.18 ? 203 HOH B O   1 
HETATM 1630 O  O   . HOH E 3 .  ? -19.455 -2.489  17.514  1.00 26.19 ? 204 HOH B O   1 
HETATM 1631 O  O   . HOH E 3 .  ? -25.484 4.925   17.183  1.00 29.44 ? 205 HOH B O   1 
HETATM 1632 O  O   . HOH E 3 .  ? -24.950 6.517   15.561  1.00 30.60 ? 206 HOH B O   1 
HETATM 1633 O  O   . HOH E 3 .  ? -26.655 1.000   17.363  1.00 33.83 ? 207 HOH B O   1 
HETATM 1634 O  O   . HOH E 3 .  ? -20.873 1.169   10.614  1.00 27.16 ? 208 HOH B O   1 
HETATM 1635 O  O   . HOH E 3 .  ? -23.520 -0.519  7.199   1.00 28.55 ? 209 HOH B O   1 
HETATM 1636 O  O   . HOH E 3 .  ? -16.569 -8.183  1.226   1.00 25.63 ? 210 HOH B O   1 
HETATM 1637 O  O   . HOH E 3 .  ? -22.277 -6.141  6.136   1.00 23.42 ? 211 HOH B O   1 
HETATM 1638 O  O   . HOH E 3 .  ? -24.180 -5.362  3.315   1.00 30.09 ? 212 HOH B O   1 
HETATM 1639 O  O   . HOH E 3 .  ? -10.339 8.078   21.495  1.00 26.03 ? 213 HOH B O   1 
HETATM 1640 O  O   . HOH E 3 .  ? -15.083 0.369   5.806   1.00 23.78 ? 214 HOH B O   1 
HETATM 1641 O  O   . HOH E 3 .  ? -16.944 -5.586  -0.417  1.00 29.08 ? 215 HOH B O   1 
HETATM 1642 O  O   . HOH E 3 .  ? -17.645 5.827   0.362   1.00 14.42 ? 216 HOH B O   1 
HETATM 1643 O  O   . HOH E 3 .  ? -12.806 1.812   -14.903 1.00 30.59 ? 217 HOH B O   1 
HETATM 1644 O  O   . HOH E 3 .  ? -11.803 -2.129  -14.114 1.00 25.85 ? 218 HOH B O   1 
HETATM 1645 O  O   . HOH E 3 .  ? -11.058 -5.154  -11.773 1.00 27.84 ? 219 HOH B O   1 
HETATM 1646 O  O   . HOH E 3 .  ? -11.746 -2.789  -11.077 1.00 29.00 ? 220 HOH B O   1 
HETATM 1647 O  O   . HOH E 3 .  ? -8.441  -10.160 -4.942  1.00 28.29 ? 221 HOH B O   1 
HETATM 1648 O  O   . HOH E 3 .  ? -4.463  -10.665 -2.799  1.00 30.77 ? 222 HOH B O   1 
HETATM 1649 O  O   . HOH E 3 .  ? -9.380  -10.829 -3.043  1.00 31.33 ? 223 HOH B O   1 
HETATM 1650 O  O   . HOH E 3 .  ? -12.118 -10.748 -1.270  1.00 31.40 ? 224 HOH B O   1 
HETATM 1651 O  O   . HOH E 3 .  ? -12.095 -6.412  4.205   1.00 24.87 ? 225 HOH B O   1 
HETATM 1652 O  O   . HOH E 3 .  ? -7.190  -10.835 7.964   1.00 30.57 ? 226 HOH B O   1 
HETATM 1653 O  O   . HOH E 3 .  ? -4.068  12.156  17.875  1.00 33.33 ? 227 HOH B O   1 
HETATM 1654 O  O   . HOH E 3 .  ? -1.030  1.116   20.674  1.00 34.42 ? 228 HOH B O   1 
HETATM 1655 O  O   . HOH E 3 .  ? 18.544  7.686   3.230   1.00 21.71 ? 229 HOH B O   1 
HETATM 1656 O  O   . HOH E 3 .  ? 5.207   12.931  2.172   1.00 28.41 ? 230 HOH B O   1 
HETATM 1657 O  O   . HOH E 3 .  ? 26.357  -0.923  -16.355 1.00 23.79 ? 231 HOH B O   1 
HETATM 1658 O  O   . HOH E 3 .  ? -2.228  0.791   18.310  1.00 29.72 ? 232 HOH B O   1 
HETATM 1659 O  O   . HOH E 3 .  ? 17.986  8.313   -6.602  1.00 9.97  ? 233 HOH B O   1 
HETATM 1660 O  O   . HOH E 3 .  ? 23.949  -2.323  -4.293  1.00 33.86 ? 234 HOH B O   1 
HETATM 1661 O  O   . HOH E 3 .  ? 20.275  -1.600  -1.861  1.00 27.39 ? 235 HOH B O   1 
HETATM 1662 O  O   . HOH E 3 .  ? -15.303 5.802   21.222  1.00 29.83 ? 236 HOH B O   1 
HETATM 1663 O  O   . HOH E 3 .  ? -21.359 1.079   22.717  1.00 30.63 ? 237 HOH B O   1 
HETATM 1664 O  O   . HOH E 3 .  ? -23.343 -5.024  7.516   1.00 16.39 ? 238 HOH B O   1 
HETATM 1665 O  O   . HOH E 3 .  ? -23.813 -3.809  5.490   1.00 31.73 ? 239 HOH B O   1 
HETATM 1666 O  O   . HOH E 3 .  ? -18.325 -9.343  -0.918  1.00 28.64 ? 240 HOH B O   1 
HETATM 1667 O  O   . HOH E 3 .  ? -4.050  -8.266  -12.458 1.00 29.06 ? 241 HOH B O   1 
HETATM 1668 O  O   . HOH E 3 .  ? -9.707  -8.311  -5.943  1.00 33.81 ? 242 HOH B O   1 
HETATM 1669 O  O   . HOH E 3 .  ? -4.858  -9.361  6.719   1.00 30.74 ? 243 HOH B O   1 
HETATM 1670 O  O   . HOH E 3 .  ? 20.396  8.978   0.089   1.00 32.58 ? 244 HOH B O   1 
HETATM 1671 O  O   . HOH E 3 .  ? -12.273 6.982   22.610  1.00 29.89 ? 245 HOH B O   1 
HETATM 1672 O  O   . HOH E 3 .  ? -6.791  -12.221 -5.603  1.00 34.85 ? 246 HOH B O   1 
HETATM 1673 O  O   . HOH E 3 .  ? 20.123  9.747   -7.758  1.00 27.84 ? 247 HOH B O   1 
HETATM 1674 O  O   . HOH E 3 .  ? 29.674  6.536   -10.278 1.00 32.87 ? 248 HOH B O   1 
HETATM 1675 O  O   . HOH E 3 .  ? 25.491  4.076   -6.362  1.00 34.16 ? 249 HOH B O   1 
HETATM 1676 O  O   . HOH E 3 .  ? 22.251  4.783   -2.324  1.00 33.87 ? 250 HOH B O   1 
HETATM 1677 O  O   . HOH E 3 .  ? -3.609  1.034   5.869   1.00 30.75 ? 251 HOH B O   1 
HETATM 1678 O  O   . HOH E 3 .  ? -24.741 -2.773  8.401   1.00 33.57 ? 252 HOH B O   1 
HETATM 1679 O  O   . HOH E 3 .  ? -21.269 4.609   2.178   1.00 30.37 ? 253 HOH B O   1 
HETATM 1680 O  O   . HOH E 3 .  ? -5.387  -7.270  -15.321 1.00 32.93 ? 254 HOH B O   1 
HETATM 1681 O  O   . HOH E 3 .  ? -2.591  -8.492  -8.993  1.00 31.63 ? 255 HOH B O   1 
HETATM 1682 O  O   . HOH E 3 .  ? -24.329 -2.410  3.138   1.00 33.42 ? 256 HOH B O   1 
HETATM 1683 O  O   . HOH E 3 .  ? -8.560  0.063   -17.814 1.00 34.87 ? 257 HOH B O   1 
HETATM 1684 O  O   . HOH E 3 .  ? 21.077  4.223   1.744   0.50 28.63 ? 258 HOH B O   1 
HETATM 1685 O  O   . HOH E 3 .  ? -26.540 -6.632  1.129   1.00 29.29 ? 259 HOH B O   1 
HETATM 1686 O  O   . HOH E 3 .  ? -4.787  12.031  15.690  1.00 29.19 ? 260 HOH B O   1 
HETATM 1687 O  O   . HOH E 3 .  ? -13.263 -6.188  12.262  1.00 33.35 ? 261 HOH B O   1 
# 
loop_
_pdbx_poly_seq_scheme.asym_id 
_pdbx_poly_seq_scheme.entity_id 
_pdbx_poly_seq_scheme.seq_id 
_pdbx_poly_seq_scheme.mon_id 
_pdbx_poly_seq_scheme.ndb_seq_num 
_pdbx_poly_seq_scheme.pdb_seq_num 
_pdbx_poly_seq_scheme.auth_seq_num 
_pdbx_poly_seq_scheme.pdb_mon_id 
_pdbx_poly_seq_scheme.auth_mon_id 
_pdbx_poly_seq_scheme.pdb_strand_id 
_pdbx_poly_seq_scheme.pdb_ins_code 
_pdbx_poly_seq_scheme.hetero 
A 1 1  MET 1  1  ?  ?   ?   A . n 
A 1 2  ASP 2  2  ?  ?   ?   A . n 
A 1 3  GLU 3  3  3  GLU GLU A . n 
A 1 4  ARG 4  4  4  ARG ARG A . n 
A 1 5  ILE 5  5  5  ILE ILE A . n 
A 1 6  GLN 6  6  6  GLN GLN A . n 
A 1 7  ALA 7  7  7  ALA ALA A . n 
A 1 8  LEU 8  8  8  LEU LEU A . n 
A 1 9  ARG 9  9  9  ARG ARG A . n 
A 1 10 LYS 10 10 10 LYS LYS A . n 
A 1 11 GLU 11 11 11 GLU GLU A . n 
A 1 12 VAL 12 12 12 VAL VAL A . n 
A 1 13 ASP 13 13 13 ASP ASP A . n 
A 1 14 ARG 14 14 14 ARG ARG A . n 
A 1 15 VAL 15 15 15 VAL VAL A . n 
A 1 16 ASN 16 16 16 ASN ASN A . n 
A 1 17 ARG 17 17 17 ARG ARG A . n 
A 1 18 GLU 18 18 18 GLU GLU A . n 
A 1 19 ILE 19 19 19 ILE ILE A . n 
A 1 20 LEU 20 20 20 LEU LEU A . n 
A 1 21 ARG 21 21 21 ARG ARG A . n 
A 1 22 LEU 22 22 22 LEU LEU A . n 
A 1 23 LEU 23 23 23 LEU LEU A . n 
A 1 24 SER 24 24 24 SER SER A . n 
A 1 25 GLU 25 25 25 GLU GLU A . n 
A 1 26 ARG 26 26 26 ARG ARG A . n 
A 1 27 GLY 27 27 27 GLY GLY A . n 
A 1 28 ARG 28 28 28 ARG ARG A . n 
A 1 29 LEU 29 29 29 LEU LEU A . n 
A 1 30 VAL 30 30 30 VAL VAL A . n 
A 1 31 GLN 31 31 31 GLN GLN A . n 
A 1 32 GLU 32 32 32 GLU GLU A . n 
A 1 33 ILE 33 33 33 ILE ILE A . n 
A 1 34 GLY 34 34 34 GLY GLY A . n 
A 1 35 ARG 35 35 35 ARG ARG A . n 
A 1 36 LEU 36 36 36 LEU LEU A . n 
A 1 37 GLN 37 37 37 GLN GLN A . n 
A 1 38 THR 38 38 38 THR THR A . n 
A 1 39 GLU 39 39 39 GLU GLU A . n 
A 1 40 LEU 40 40 40 LEU LEU A . n 
A 1 41 GLY 41 41 41 GLY GLY A . n 
A 1 42 LEU 42 42 42 LEU LEU A . n 
A 1 43 PRO 43 43 43 PRO PRO A . n 
A 1 44 HIS 44 44 44 HIS HIS A . n 
A 1 45 TYR 45 45 45 TYR TYR A . n 
A 1 46 ASP 46 46 46 ASP ASP A . n 
A 1 47 PRO 47 47 47 PRO PRO A . n 
A 1 48 LYS 48 48 48 LYS LYS A . n 
A 1 49 ARG 49 49 49 ARG ARG A . n 
A 1 50 GLU 50 50 50 GLU GLU A . n 
A 1 51 GLU 51 51 51 GLU GLU A . n 
A 1 52 GLU 52 52 52 GLU GLU A . n 
A 1 53 MET 53 53 53 MET MET A . n 
A 1 54 LEU 54 54 54 LEU LEU A . n 
A 1 55 ALA 55 55 55 ALA ALA A . n 
A 1 56 TYR 56 56 56 TYR TYR A . n 
A 1 57 LEU 57 57 57 LEU LEU A . n 
A 1 58 THR 58 58 58 THR THR A . n 
A 1 59 ALA 59 59 59 ALA ALA A . n 
A 1 60 GLU 60 60 60 GLU GLU A . n 
A 1 61 ASN 61 61 61 ASN ASN A . n 
A 1 62 PRO 62 62 62 PRO PRO A . n 
A 1 63 GLY 63 63 63 GLY GLY A . n 
A 1 64 PRO 64 64 64 PRO PRO A . n 
A 1 65 PHE 65 65 65 PHE PHE A . n 
A 1 66 PRO 66 66 66 PRO PRO A . n 
A 1 67 ASP 67 67 67 ASP ASP A . n 
A 1 68 GLU 68 68 68 GLU GLU A . n 
A 1 69 THR 69 69 69 THR THR A . n 
A 1 70 ILE 70 70 70 ILE ILE A . n 
A 1 71 ARG 71 71 71 ARG ARG A . n 
A 1 72 LYS 72 72 72 LYS LYS A . n 
A 1 73 LEU 73 73 73 LEU LEU A . n 
A 1 74 PHE 74 74 74 PHE PHE A . n 
A 1 75 LYS 75 75 75 LYS LYS A . n 
A 1 76 GLU 76 76 76 GLU GLU A . n 
A 1 77 ILE 77 77 77 ILE ILE A . n 
A 1 78 PHE 78 78 78 PHE PHE A . n 
A 1 79 LYS 79 79 79 LYS LYS A . n 
A 1 80 ALA 80 80 80 ALA ALA A . n 
A 1 81 SER 81 81 81 SER SER A . n 
A 1 82 LEU 82 82 82 LEU LEU A . n 
A 1 83 ASP 83 83 ?  ?   ?   A . n 
A 1 84 LEU 84 84 ?  ?   ?   A . n 
A 1 85 GLU 85 85 ?  ?   ?   A . n 
A 1 86 GLU 86 86 ?  ?   ?   A . n 
A 1 87 ARG 87 87 ?  ?   ?   A . n 
A 1 88 GLN 88 88 ?  ?   ?   A . n 
A 1 89 ASP 89 89 ?  ?   ?   A . n 
A 1 90 GLN 90 90 ?  ?   ?   A . n 
B 1 1  MET 1  1  ?  ?   ?   B . n 
B 1 2  ASP 2  2  ?  ?   ?   B . n 
B 1 3  GLU 3  3  3  GLU GLU B . n 
B 1 4  ARG 4  4  4  ARG ARG B . n 
B 1 5  ILE 5  5  5  ILE ILE B . n 
B 1 6  GLN 6  6  6  GLN GLN B . n 
B 1 7  ALA 7  7  7  ALA ALA B . n 
B 1 8  LEU 8  8  8  LEU LEU B . n 
B 1 9  ARG 9  9  9  ARG ARG B . n 
B 1 10 LYS 10 10 10 LYS LYS B . n 
B 1 11 GLU 11 11 11 GLU GLU B . n 
B 1 12 VAL 12 12 12 VAL VAL B . n 
B 1 13 ASP 13 13 13 ASP ASP B . n 
B 1 14 ARG 14 14 14 ARG ARG B . n 
B 1 15 VAL 15 15 15 VAL VAL B . n 
B 1 16 ASN 16 16 16 ASN ASN B . n 
B 1 17 ARG 17 17 17 ARG ARG B . n 
B 1 18 GLU 18 18 18 GLU GLU B . n 
B 1 19 ILE 19 19 19 ILE ILE B . n 
B 1 20 LEU 20 20 20 LEU LEU B . n 
B 1 21 ARG 21 21 21 ARG ARG B . n 
B 1 22 LEU 22 22 22 LEU LEU B . n 
B 1 23 LEU 23 23 23 LEU LEU B . n 
B 1 24 SER 24 24 24 SER SER B . n 
B 1 25 GLU 25 25 25 GLU GLU B . n 
B 1 26 ARG 26 26 26 ARG ARG B . n 
B 1 27 GLY 27 27 27 GLY GLY B . n 
B 1 28 ARG 28 28 28 ARG ARG B . n 
B 1 29 LEU 29 29 29 LEU LEU B . n 
B 1 30 VAL 30 30 30 VAL VAL B . n 
B 1 31 GLN 31 31 31 GLN GLN B . n 
B 1 32 GLU 32 32 32 GLU GLU B . n 
B 1 33 ILE 33 33 33 ILE ILE B . n 
B 1 34 GLY 34 34 34 GLY GLY B . n 
B 1 35 ARG 35 35 35 ARG ARG B . n 
B 1 36 LEU 36 36 36 LEU LEU B . n 
B 1 37 GLN 37 37 37 GLN GLN B . n 
B 1 38 THR 38 38 38 THR THR B . n 
B 1 39 GLU 39 39 39 GLU GLU B . n 
B 1 40 LEU 40 40 40 LEU LEU B . n 
B 1 41 GLY 41 41 41 GLY GLY B . n 
B 1 42 LEU 42 42 42 LEU LEU B . n 
B 1 43 PRO 43 43 43 PRO PRO B . n 
B 1 44 HIS 44 44 44 HIS HIS B . n 
B 1 45 TYR 45 45 45 TYR TYR B . n 
B 1 46 ASP 46 46 46 ASP ASP B . n 
B 1 47 PRO 47 47 47 PRO PRO B . n 
B 1 48 LYS 48 48 48 LYS LYS B . n 
B 1 49 ARG 49 49 49 ARG ARG B . n 
B 1 50 GLU 50 50 50 GLU GLU B . n 
B 1 51 GLU 51 51 51 GLU GLU B . n 
B 1 52 GLU 52 52 52 GLU GLU B . n 
B 1 53 MET 53 53 53 MET MET B . n 
B 1 54 LEU 54 54 54 LEU LEU B . n 
B 1 55 ALA 55 55 55 ALA ALA B . n 
B 1 56 TYR 56 56 56 TYR TYR B . n 
B 1 57 LEU 57 57 57 LEU LEU B . n 
B 1 58 THR 58 58 58 THR THR B . n 
B 1 59 ALA 59 59 59 ALA ALA B . n 
B 1 60 GLU 60 60 60 GLU GLU B . n 
B 1 61 ASN 61 61 61 ASN ASN B . n 
B 1 62 PRO 62 62 62 PRO PRO B . n 
B 1 63 GLY 63 63 63 GLY GLY B . n 
B 1 64 PRO 64 64 64 PRO PRO B . n 
B 1 65 PHE 65 65 65 PHE PHE B . n 
B 1 66 PRO 66 66 66 PRO PRO B . n 
B 1 67 ASP 67 67 67 ASP ASP B . n 
B 1 68 GLU 68 68 68 GLU GLU B . n 
B 1 69 THR 69 69 69 THR THR B . n 
B 1 70 ILE 70 70 70 ILE ILE B . n 
B 1 71 ARG 71 71 71 ARG ARG B . n 
B 1 72 LYS 72 72 72 LYS LYS B . n 
B 1 73 LEU 73 73 73 LEU LEU B . n 
B 1 74 PHE 74 74 74 PHE PHE B . n 
B 1 75 LYS 75 75 75 LYS LYS B . n 
B 1 76 GLU 76 76 76 GLU GLU B . n 
B 1 77 ILE 77 77 77 ILE ILE B . n 
B 1 78 PHE 78 78 78 PHE PHE B . n 
B 1 79 LYS 79 79 79 LYS LYS B . n 
B 1 80 ALA 80 80 80 ALA ALA B . n 
B 1 81 SER 81 81 81 SER SER B . n 
B 1 82 LEU 82 82 82 LEU LEU B . n 
B 1 83 ASP 83 83 83 ASP ASP B . n 
B 1 84 LEU 84 84 84 LEU LEU B . n 
B 1 85 GLU 85 85 85 GLU GLU B . n 
B 1 86 GLU 86 86 ?  ?   ?   B . n 
B 1 87 ARG 87 87 ?  ?   ?   B . n 
B 1 88 GLN 88 88 ?  ?   ?   B . n 
B 1 89 ASP 89 89 ?  ?   ?   B . n 
B 1 90 GLN 90 90 ?  ?   ?   B . n 
# 
_pdbx_SG_project.id                    1 
_pdbx_SG_project.project_name          'NPPSFA, National Project on Protein Structural and Functional Analyses' 
_pdbx_SG_project.full_name_of_center   'RIKEN Structural Genomics/Proteomics Initiative' 
_pdbx_SG_project.initial_of_center     RSGI 
# 
loop_
_pdbx_nonpoly_scheme.asym_id 
_pdbx_nonpoly_scheme.entity_id 
_pdbx_nonpoly_scheme.mon_id 
_pdbx_nonpoly_scheme.ndb_seq_num 
_pdbx_nonpoly_scheme.pdb_seq_num 
_pdbx_nonpoly_scheme.auth_seq_num 
_pdbx_nonpoly_scheme.pdb_mon_id 
_pdbx_nonpoly_scheme.auth_mon_id 
_pdbx_nonpoly_scheme.pdb_strand_id 
_pdbx_nonpoly_scheme.pdb_ins_code 
C 2 CL  1   91  1   CL  CL  A . 
D 3 HOH 1   92  3   HOH HOH A . 
D 3 HOH 2   93  6   HOH HOH A . 
D 3 HOH 3   94  7   HOH HOH A . 
D 3 HOH 4   95  12  HOH HOH A . 
D 3 HOH 5   96  13  HOH HOH A . 
D 3 HOH 6   97  15  HOH HOH A . 
D 3 HOH 7   98  16  HOH HOH A . 
D 3 HOH 8   99  18  HOH HOH A . 
D 3 HOH 9   100 21  HOH HOH A . 
D 3 HOH 10  101 22  HOH HOH A . 
D 3 HOH 11  102 30  HOH HOH A . 
D 3 HOH 12  103 31  HOH HOH A . 
D 3 HOH 13  104 33  HOH HOH A . 
D 3 HOH 14  105 35  HOH HOH A . 
D 3 HOH 15  106 41  HOH HOH A . 
D 3 HOH 16  107 46  HOH HOH A . 
D 3 HOH 17  108 48  HOH HOH A . 
D 3 HOH 18  109 49  HOH HOH A . 
D 3 HOH 19  110 54  HOH HOH A . 
D 3 HOH 20  111 55  HOH HOH A . 
D 3 HOH 21  112 56  HOH HOH A . 
D 3 HOH 22  113 57  HOH HOH A . 
D 3 HOH 23  114 58  HOH HOH A . 
D 3 HOH 24  115 61  HOH HOH A . 
D 3 HOH 25  116 63  HOH HOH A . 
D 3 HOH 26  117 64  HOH HOH A . 
D 3 HOH 27  118 66  HOH HOH A . 
D 3 HOH 28  119 68  HOH HOH A . 
D 3 HOH 29  120 69  HOH HOH A . 
D 3 HOH 30  121 71  HOH HOH A . 
D 3 HOH 31  122 72  HOH HOH A . 
D 3 HOH 32  123 75  HOH HOH A . 
D 3 HOH 33  124 76  HOH HOH A . 
D 3 HOH 34  125 77  HOH HOH A . 
D 3 HOH 35  126 78  HOH HOH A . 
D 3 HOH 36  127 81  HOH HOH A . 
D 3 HOH 37  128 82  HOH HOH A . 
D 3 HOH 38  129 84  HOH HOH A . 
D 3 HOH 39  130 86  HOH HOH A . 
D 3 HOH 40  131 89  HOH HOH A . 
D 3 HOH 41  132 90  HOH HOH A . 
D 3 HOH 42  133 94  HOH HOH A . 
D 3 HOH 43  134 95  HOH HOH A . 
D 3 HOH 44  135 97  HOH HOH A . 
D 3 HOH 45  136 98  HOH HOH A . 
D 3 HOH 46  137 99  HOH HOH A . 
D 3 HOH 47  138 101 HOH HOH A . 
D 3 HOH 48  139 104 HOH HOH A . 
D 3 HOH 49  140 106 HOH HOH A . 
D 3 HOH 50  141 107 HOH HOH A . 
D 3 HOH 51  142 113 HOH HOH A . 
D 3 HOH 52  143 114 HOH HOH A . 
D 3 HOH 53  144 115 HOH HOH A . 
D 3 HOH 54  145 121 HOH HOH A . 
D 3 HOH 55  146 126 HOH HOH A . 
D 3 HOH 56  147 129 HOH HOH A . 
D 3 HOH 57  148 130 HOH HOH A . 
D 3 HOH 58  149 134 HOH HOH A . 
D 3 HOH 59  150 153 HOH HOH A . 
D 3 HOH 60  151 154 HOH HOH A . 
D 3 HOH 61  152 155 HOH HOH A . 
D 3 HOH 62  153 160 HOH HOH A . 
D 3 HOH 63  154 163 HOH HOH A . 
D 3 HOH 64  155 174 HOH HOH A . 
D 3 HOH 65  156 175 HOH HOH A . 
D 3 HOH 66  157 178 HOH HOH A . 
D 3 HOH 67  158 179 HOH HOH A . 
D 3 HOH 68  159 182 HOH HOH A . 
D 3 HOH 69  160 183 HOH HOH A . 
D 3 HOH 70  161 184 HOH HOH A . 
D 3 HOH 71  162 186 HOH HOH A . 
D 3 HOH 72  163 187 HOH HOH A . 
D 3 HOH 73  164 188 HOH HOH A . 
D 3 HOH 74  165 192 HOH HOH A . 
D 3 HOH 75  166 193 HOH HOH A . 
D 3 HOH 76  167 194 HOH HOH A . 
D 3 HOH 77  168 195 HOH HOH A . 
D 3 HOH 78  169 196 HOH HOH A . 
D 3 HOH 79  170 200 HOH HOH A . 
D 3 HOH 80  171 201 HOH HOH A . 
D 3 HOH 81  172 202 HOH HOH A . 
D 3 HOH 82  173 203 HOH HOH A . 
D 3 HOH 83  174 204 HOH HOH A . 
D 3 HOH 84  175 208 HOH HOH A . 
D 3 HOH 85  176 211 HOH HOH A . 
D 3 HOH 86  177 212 HOH HOH A . 
D 3 HOH 87  178 213 HOH HOH A . 
D 3 HOH 88  179 214 HOH HOH A . 
D 3 HOH 89  180 243 HOH HOH A . 
D 3 HOH 90  181 244 HOH HOH A . 
D 3 HOH 91  182 253 HOH HOH A . 
D 3 HOH 92  183 255 HOH HOH A . 
D 3 HOH 93  184 256 HOH HOH A . 
D 3 HOH 94  185 260 HOH HOH A . 
D 3 HOH 95  186 261 HOH HOH A . 
D 3 HOH 96  187 262 HOH HOH A . 
D 3 HOH 97  188 264 HOH HOH A . 
D 3 HOH 98  189 267 HOH HOH A . 
D 3 HOH 99  190 268 HOH HOH A . 
D 3 HOH 100 191 269 HOH HOH A . 
D 3 HOH 101 192 270 HOH HOH A . 
D 3 HOH 102 193 271 HOH HOH A . 
D 3 HOH 103 194 272 HOH HOH A . 
D 3 HOH 104 195 273 HOH HOH A . 
D 3 HOH 105 196 275 HOH HOH A . 
D 3 HOH 106 197 276 HOH HOH A . 
D 3 HOH 107 198 277 HOH HOH A . 
D 3 HOH 108 199 279 HOH HOH A . 
D 3 HOH 109 200 282 HOH HOH A . 
D 3 HOH 110 201 283 HOH HOH A . 
D 3 HOH 111 202 287 HOH HOH A . 
D 3 HOH 112 203 288 HOH HOH A . 
D 3 HOH 113 204 289 HOH HOH A . 
D 3 HOH 114 205 293 HOH HOH A . 
D 3 HOH 115 206 294 HOH HOH A . 
D 3 HOH 116 207 296 HOH HOH A . 
D 3 HOH 117 208 302 HOH HOH A . 
D 3 HOH 118 209 303 HOH HOH A . 
D 3 HOH 119 210 317 HOH HOH A . 
D 3 HOH 120 211 320 HOH HOH A . 
D 3 HOH 121 212 336 HOH HOH A . 
D 3 HOH 122 213 354 HOH HOH A . 
D 3 HOH 123 214 355 HOH HOH A . 
D 3 HOH 124 215 356 HOH HOH A . 
D 3 HOH 125 216 358 HOH HOH A . 
D 3 HOH 126 217 359 HOH HOH A . 
D 3 HOH 127 218 361 HOH HOH A . 
D 3 HOH 128 219 364 HOH HOH A . 
D 3 HOH 129 220 365 HOH HOH A . 
D 3 HOH 130 221 366 HOH HOH A . 
D 3 HOH 131 222 368 HOH HOH A . 
D 3 HOH 132 223 369 HOH HOH A . 
D 3 HOH 133 224 370 HOH HOH A . 
D 3 HOH 134 225 371 HOH HOH A . 
D 3 HOH 135 226 374 HOH HOH A . 
D 3 HOH 136 227 376 HOH HOH A . 
D 3 HOH 137 228 377 HOH HOH A . 
D 3 HOH 138 229 378 HOH HOH A . 
D 3 HOH 139 230 379 HOH HOH A . 
D 3 HOH 140 231 398 HOH HOH A . 
D 3 HOH 141 232 400 HOH HOH A . 
D 3 HOH 142 233 401 HOH HOH A . 
D 3 HOH 143 234 405 HOH HOH A . 
D 3 HOH 144 235 407 HOH HOH A . 
D 3 HOH 145 236 409 HOH HOH A . 
D 3 HOH 146 237 412 HOH HOH A . 
D 3 HOH 147 238 414 HOH HOH A . 
D 3 HOH 148 239 415 HOH HOH A . 
D 3 HOH 149 240 416 HOH HOH A . 
D 3 HOH 150 241 426 HOH HOH A . 
D 3 HOH 151 242 427 HOH HOH A . 
D 3 HOH 152 243 432 HOH HOH A . 
D 3 HOH 153 244 434 HOH HOH A . 
D 3 HOH 154 245 435 HOH HOH A . 
D 3 HOH 155 246 436 HOH HOH A . 
D 3 HOH 156 247 437 HOH HOH A . 
D 3 HOH 157 248 438 HOH HOH A . 
D 3 HOH 158 249 440 HOH HOH A . 
E 3 HOH 1   91  2   HOH HOH B . 
E 3 HOH 2   92  5   HOH HOH B . 
E 3 HOH 3   93  8   HOH HOH B . 
E 3 HOH 4   94  9   HOH HOH B . 
E 3 HOH 5   95  11  HOH HOH B . 
E 3 HOH 6   96  14  HOH HOH B . 
E 3 HOH 7   97  17  HOH HOH B . 
E 3 HOH 8   98  24  HOH HOH B . 
E 3 HOH 9   99  28  HOH HOH B . 
E 3 HOH 10  100 29  HOH HOH B . 
E 3 HOH 11  101 32  HOH HOH B . 
E 3 HOH 12  102 34  HOH HOH B . 
E 3 HOH 13  103 36  HOH HOH B . 
E 3 HOH 14  104 37  HOH HOH B . 
E 3 HOH 15  105 38  HOH HOH B . 
E 3 HOH 16  106 39  HOH HOH B . 
E 3 HOH 17  107 40  HOH HOH B . 
E 3 HOH 18  108 42  HOH HOH B . 
E 3 HOH 19  109 44  HOH HOH B . 
E 3 HOH 20  110 45  HOH HOH B . 
E 3 HOH 21  111 47  HOH HOH B . 
E 3 HOH 22  112 51  HOH HOH B . 
E 3 HOH 23  113 53  HOH HOH B . 
E 3 HOH 24  114 59  HOH HOH B . 
E 3 HOH 25  115 60  HOH HOH B . 
E 3 HOH 26  116 62  HOH HOH B . 
E 3 HOH 27  117 65  HOH HOH B . 
E 3 HOH 28  118 67  HOH HOH B . 
E 3 HOH 29  119 73  HOH HOH B . 
E 3 HOH 30  120 74  HOH HOH B . 
E 3 HOH 31  121 80  HOH HOH B . 
E 3 HOH 32  122 85  HOH HOH B . 
E 3 HOH 33  123 87  HOH HOH B . 
E 3 HOH 34  124 88  HOH HOH B . 
E 3 HOH 35  125 91  HOH HOH B . 
E 3 HOH 36  126 92  HOH HOH B . 
E 3 HOH 37  127 93  HOH HOH B . 
E 3 HOH 38  128 96  HOH HOH B . 
E 3 HOH 39  129 100 HOH HOH B . 
E 3 HOH 40  130 102 HOH HOH B . 
E 3 HOH 41  131 103 HOH HOH B . 
E 3 HOH 42  132 105 HOH HOH B . 
E 3 HOH 43  133 108 HOH HOH B . 
E 3 HOH 44  134 109 HOH HOH B . 
E 3 HOH 45  135 110 HOH HOH B . 
E 3 HOH 46  136 112 HOH HOH B . 
E 3 HOH 47  137 119 HOH HOH B . 
E 3 HOH 48  138 120 HOH HOH B . 
E 3 HOH 49  139 122 HOH HOH B . 
E 3 HOH 50  140 123 HOH HOH B . 
E 3 HOH 51  141 124 HOH HOH B . 
E 3 HOH 52  142 127 HOH HOH B . 
E 3 HOH 53  143 128 HOH HOH B . 
E 3 HOH 54  144 131 HOH HOH B . 
E 3 HOH 55  145 132 HOH HOH B . 
E 3 HOH 56  146 133 HOH HOH B . 
E 3 HOH 57  147 135 HOH HOH B . 
E 3 HOH 58  148 136 HOH HOH B . 
E 3 HOH 59  149 138 HOH HOH B . 
E 3 HOH 60  150 139 HOH HOH B . 
E 3 HOH 61  151 141 HOH HOH B . 
E 3 HOH 62  152 142 HOH HOH B . 
E 3 HOH 63  153 143 HOH HOH B . 
E 3 HOH 64  154 145 HOH HOH B . 
E 3 HOH 65  155 151 HOH HOH B . 
E 3 HOH 66  156 156 HOH HOH B . 
E 3 HOH 67  157 157 HOH HOH B . 
E 3 HOH 68  158 161 HOH HOH B . 
E 3 HOH 69  159 162 HOH HOH B . 
E 3 HOH 70  160 169 HOH HOH B . 
E 3 HOH 71  161 170 HOH HOH B . 
E 3 HOH 72  162 181 HOH HOH B . 
E 3 HOH 73  163 191 HOH HOH B . 
E 3 HOH 74  164 216 HOH HOH B . 
E 3 HOH 75  165 217 HOH HOH B . 
E 3 HOH 76  166 218 HOH HOH B . 
E 3 HOH 77  167 219 HOH HOH B . 
E 3 HOH 78  168 220 HOH HOH B . 
E 3 HOH 79  169 221 HOH HOH B . 
E 3 HOH 80  170 224 HOH HOH B . 
E 3 HOH 81  171 225 HOH HOH B . 
E 3 HOH 82  172 226 HOH HOH B . 
E 3 HOH 83  173 227 HOH HOH B . 
E 3 HOH 84  174 228 HOH HOH B . 
E 3 HOH 85  175 229 HOH HOH B . 
E 3 HOH 86  176 230 HOH HOH B . 
E 3 HOH 87  177 231 HOH HOH B . 
E 3 HOH 88  178 232 HOH HOH B . 
E 3 HOH 89  179 234 HOH HOH B . 
E 3 HOH 90  180 238 HOH HOH B . 
E 3 HOH 91  181 239 HOH HOH B . 
E 3 HOH 92  182 240 HOH HOH B . 
E 3 HOH 93  183 242 HOH HOH B . 
E 3 HOH 94  184 245 HOH HOH B . 
E 3 HOH 95  185 246 HOH HOH B . 
E 3 HOH 96  186 247 HOH HOH B . 
E 3 HOH 97  187 249 HOH HOH B . 
E 3 HOH 98  188 250 HOH HOH B . 
E 3 HOH 99  189 258 HOH HOH B . 
E 3 HOH 100 190 280 HOH HOH B . 
E 3 HOH 101 191 281 HOH HOH B . 
E 3 HOH 102 192 286 HOH HOH B . 
E 3 HOH 103 193 295 HOH HOH B . 
E 3 HOH 104 194 298 HOH HOH B . 
E 3 HOH 105 195 301 HOH HOH B . 
E 3 HOH 106 196 304 HOH HOH B . 
E 3 HOH 107 197 305 HOH HOH B . 
E 3 HOH 108 198 307 HOH HOH B . 
E 3 HOH 109 199 308 HOH HOH B . 
E 3 HOH 110 200 309 HOH HOH B . 
E 3 HOH 111 201 310 HOH HOH B . 
E 3 HOH 112 202 314 HOH HOH B . 
E 3 HOH 113 203 315 HOH HOH B . 
E 3 HOH 114 204 316 HOH HOH B . 
E 3 HOH 115 205 318 HOH HOH B . 
E 3 HOH 116 206 319 HOH HOH B . 
E 3 HOH 117 207 321 HOH HOH B . 
E 3 HOH 118 208 322 HOH HOH B . 
E 3 HOH 119 209 324 HOH HOH B . 
E 3 HOH 120 210 327 HOH HOH B . 
E 3 HOH 121 211 328 HOH HOH B . 
E 3 HOH 122 212 329 HOH HOH B . 
E 3 HOH 123 213 330 HOH HOH B . 
E 3 HOH 124 214 331 HOH HOH B . 
E 3 HOH 125 215 332 HOH HOH B . 
E 3 HOH 126 216 333 HOH HOH B . 
E 3 HOH 127 217 334 HOH HOH B . 
E 3 HOH 128 218 335 HOH HOH B . 
E 3 HOH 129 219 337 HOH HOH B . 
E 3 HOH 130 220 338 HOH HOH B . 
E 3 HOH 131 221 339 HOH HOH B . 
E 3 HOH 132 222 340 HOH HOH B . 
E 3 HOH 133 223 341 HOH HOH B . 
E 3 HOH 134 224 343 HOH HOH B . 
E 3 HOH 135 225 344 HOH HOH B . 
E 3 HOH 136 226 345 HOH HOH B . 
E 3 HOH 137 227 347 HOH HOH B . 
E 3 HOH 138 228 348 HOH HOH B . 
E 3 HOH 139 229 350 HOH HOH B . 
E 3 HOH 140 230 352 HOH HOH B . 
E 3 HOH 141 231 367 HOH HOH B . 
E 3 HOH 142 232 373 HOH HOH B . 
E 3 HOH 143 233 380 HOH HOH B . 
E 3 HOH 144 234 381 HOH HOH B . 
E 3 HOH 145 235 382 HOH HOH B . 
E 3 HOH 146 236 386 HOH HOH B . 
E 3 HOH 147 237 387 HOH HOH B . 
E 3 HOH 148 238 389 HOH HOH B . 
E 3 HOH 149 239 390 HOH HOH B . 
E 3 HOH 150 240 391 HOH HOH B . 
E 3 HOH 151 241 392 HOH HOH B . 
E 3 HOH 152 242 393 HOH HOH B . 
E 3 HOH 153 243 395 HOH HOH B . 
E 3 HOH 154 244 403 HOH HOH B . 
E 3 HOH 155 245 404 HOH HOH B . 
E 3 HOH 156 246 408 HOH HOH B . 
E 3 HOH 157 247 413 HOH HOH B . 
E 3 HOH 158 248 417 HOH HOH B . 
E 3 HOH 159 249 418 HOH HOH B . 
E 3 HOH 160 250 419 HOH HOH B . 
E 3 HOH 161 251 420 HOH HOH B . 
E 3 HOH 162 252 421 HOH HOH B . 
E 3 HOH 163 253 422 HOH HOH B . 
E 3 HOH 164 254 423 HOH HOH B . 
E 3 HOH 165 255 424 HOH HOH B . 
E 3 HOH 166 256 425 HOH HOH B . 
E 3 HOH 167 257 428 HOH HOH B . 
E 3 HOH 168 258 429 HOH HOH B . 
E 3 HOH 169 259 430 HOH HOH B . 
E 3 HOH 170 260 431 HOH HOH B . 
E 3 HOH 171 261 433 HOH HOH B . 
# 
_pdbx_struct_assembly.id                   1 
_pdbx_struct_assembly.details              author_and_software_defined_assembly 
_pdbx_struct_assembly.method_details       PISA 
_pdbx_struct_assembly.oligomeric_details   dimeric 
_pdbx_struct_assembly.oligomeric_count     2 
# 
_pdbx_struct_assembly_gen.assembly_id       1 
_pdbx_struct_assembly_gen.oper_expression   1 
_pdbx_struct_assembly_gen.asym_id_list      A,B,C,D,E 
# 
loop_
_pdbx_struct_assembly_prop.biol_id 
_pdbx_struct_assembly_prop.type 
_pdbx_struct_assembly_prop.value 
_pdbx_struct_assembly_prop.details 
1 'ABSA (A^2)' 5210 ? 
1 MORE         -52  ? 
1 'SSA (A^2)'  9000 ? 
# 
_pdbx_struct_oper_list.id                   1 
_pdbx_struct_oper_list.type                 'identity operation' 
_pdbx_struct_oper_list.name                 1_555 
_pdbx_struct_oper_list.symmetry_operation   x,y,z 
_pdbx_struct_oper_list.matrix[1][1]         1.0000000000 
_pdbx_struct_oper_list.matrix[1][2]         0.0000000000 
_pdbx_struct_oper_list.matrix[1][3]         0.0000000000 
_pdbx_struct_oper_list.vector[1]            0.0000000000 
_pdbx_struct_oper_list.matrix[2][1]         0.0000000000 
_pdbx_struct_oper_list.matrix[2][2]         1.0000000000 
_pdbx_struct_oper_list.matrix[2][3]         0.0000000000 
_pdbx_struct_oper_list.vector[2]            0.0000000000 
_pdbx_struct_oper_list.matrix[3][1]         0.0000000000 
_pdbx_struct_oper_list.matrix[3][2]         0.0000000000 
_pdbx_struct_oper_list.matrix[3][3]         1.0000000000 
_pdbx_struct_oper_list.vector[3]            0.0000000000 
# 
loop_
_pdbx_struct_special_symmetry.id 
_pdbx_struct_special_symmetry.PDB_model_num 
_pdbx_struct_special_symmetry.auth_asym_id 
_pdbx_struct_special_symmetry.auth_comp_id 
_pdbx_struct_special_symmetry.auth_seq_id 
_pdbx_struct_special_symmetry.PDB_ins_code 
_pdbx_struct_special_symmetry.label_asym_id 
_pdbx_struct_special_symmetry.label_comp_id 
_pdbx_struct_special_symmetry.label_seq_id 
1 1 A HOH 162 ? D HOH . 
2 1 A HOH 172 ? D HOH . 
3 1 A HOH 233 ? D HOH . 
4 1 A HOH 239 ? D HOH . 
5 1 B HOH 258 ? E HOH . 
# 
loop_
_pdbx_audit_revision_history.ordinal 
_pdbx_audit_revision_history.data_content_type 
_pdbx_audit_revision_history.major_revision 
_pdbx_audit_revision_history.minor_revision 
_pdbx_audit_revision_history.revision_date 
1 'Structure model' 1 0 2006-06-02 
2 'Structure model' 1 1 2008-04-30 
3 'Structure model' 1 2 2011-07-13 
4 'Structure model' 1 3 2023-10-25 
# 
_pdbx_audit_revision_details.ordinal             1 
_pdbx_audit_revision_details.revision_ordinal    1 
_pdbx_audit_revision_details.data_content_type   'Structure model' 
_pdbx_audit_revision_details.provider            repository 
_pdbx_audit_revision_details.type                'Initial release' 
_pdbx_audit_revision_details.description         ? 
_pdbx_audit_revision_details.details             ? 
# 
loop_
_pdbx_audit_revision_group.ordinal 
_pdbx_audit_revision_group.revision_ordinal 
_pdbx_audit_revision_group.data_content_type 
_pdbx_audit_revision_group.group 
1 2 'Structure model' 'Version format compliance' 
2 3 'Structure model' 'Source and taxonomy'       
3 3 'Structure model' 'Version format compliance' 
4 4 'Structure model' 'Data collection'           
5 4 'Structure model' 'Database references'       
6 4 'Structure model' 'Derived calculations'      
7 4 'Structure model' 'Refinement description'    
# 
loop_
_pdbx_audit_revision_category.ordinal 
_pdbx_audit_revision_category.revision_ordinal 
_pdbx_audit_revision_category.data_content_type 
_pdbx_audit_revision_category.category 
1 4 'Structure model' chem_comp_atom                
2 4 'Structure model' chem_comp_bond                
3 4 'Structure model' database_2                    
4 4 'Structure model' pdbx_initial_refinement_model 
5 4 'Structure model' struct_site                   
# 
loop_
_pdbx_audit_revision_item.ordinal 
_pdbx_audit_revision_item.revision_ordinal 
_pdbx_audit_revision_item.data_content_type 
_pdbx_audit_revision_item.item 
1 4 'Structure model' '_database_2.pdbx_DOI'                
2 4 'Structure model' '_database_2.pdbx_database_accession' 
3 4 'Structure model' '_struct_site.pdbx_auth_asym_id'      
4 4 'Structure model' '_struct_site.pdbx_auth_comp_id'      
5 4 'Structure model' '_struct_site.pdbx_auth_seq_id'       
# 
loop_
_software.name 
_software.classification 
_software.version 
_software.citation_id 
_software.pdbx_ordinal 
HKL-2000  'data collection' . ? 1 
SCALEPACK 'data scaling'    . ? 2 
CNS       refinement        . ? 3 
HKL-2000  'data reduction'  . ? 4 
CNS       phasing           . ? 5 
# 
loop_
_pdbx_validate_close_contact.id 
_pdbx_validate_close_contact.PDB_model_num 
_pdbx_validate_close_contact.auth_atom_id_1 
_pdbx_validate_close_contact.auth_asym_id_1 
_pdbx_validate_close_contact.auth_comp_id_1 
_pdbx_validate_close_contact.auth_seq_id_1 
_pdbx_validate_close_contact.PDB_ins_code_1 
_pdbx_validate_close_contact.label_alt_id_1 
_pdbx_validate_close_contact.auth_atom_id_2 
_pdbx_validate_close_contact.auth_asym_id_2 
_pdbx_validate_close_contact.auth_comp_id_2 
_pdbx_validate_close_contact.auth_seq_id_2 
_pdbx_validate_close_contact.PDB_ins_code_2 
_pdbx_validate_close_contact.label_alt_id_2 
_pdbx_validate_close_contact.dist 
1  1 O   B HOH 119 ? ? O B HOH 201 ? ? 1.65 
2  1 O   A HOH 175 ? ? O A HOH 247 ? ? 1.89 
3  1 O   A HOH 105 ? ? O A HOH 175 ? ? 2.00 
4  1 O   A HOH 132 ? ? O A HOH 225 ? ? 2.06 
5  1 O   B HOH 211 ? ? O B HOH 238 ? ? 2.07 
6  1 O   B HOH 141 ? ? O B HOH 238 ? ? 2.08 
7  1 O   B HOH 112 ? ? O B HOH 191 ? ? 2.10 
8  1 O   A HOH 225 ? ? O A HOH 247 ? ? 2.12 
9  1 O   B HOH 149 ? ? O B HOH 200 ? ? 2.15 
10 1 O   B HOH 145 ? ? O B HOH 256 ? ? 2.16 
11 1 OD2 A ASP 67  ? ? O A HOH 175 ? ? 2.18 
# 
loop_
_pdbx_validate_symm_contact.id 
_pdbx_validate_symm_contact.PDB_model_num 
_pdbx_validate_symm_contact.auth_atom_id_1 
_pdbx_validate_symm_contact.auth_asym_id_1 
_pdbx_validate_symm_contact.auth_comp_id_1 
_pdbx_validate_symm_contact.auth_seq_id_1 
_pdbx_validate_symm_contact.PDB_ins_code_1 
_pdbx_validate_symm_contact.label_alt_id_1 
_pdbx_validate_symm_contact.site_symmetry_1 
_pdbx_validate_symm_contact.auth_atom_id_2 
_pdbx_validate_symm_contact.auth_asym_id_2 
_pdbx_validate_symm_contact.auth_comp_id_2 
_pdbx_validate_symm_contact.auth_seq_id_2 
_pdbx_validate_symm_contact.PDB_ins_code_2 
_pdbx_validate_symm_contact.label_alt_id_2 
_pdbx_validate_symm_contact.site_symmetry_2 
_pdbx_validate_symm_contact.dist 
1 1 O A HOH 205 ? ? 1_555 O B HOH 119 ? ? 2_565 1.94 
2 1 O A HOH 225 ? ? 1_555 O B HOH 137 ? ? 2_565 2.08 
3 1 O A HOH 140 ? ? 1_555 O B HOH 181 ? ? 2_555 2.11 
4 1 O B HOH 189 ? ? 1_555 O B HOH 238 ? ? 4_456 2.13 
# 
loop_
_pdbx_unobs_or_zero_occ_residues.id 
_pdbx_unobs_or_zero_occ_residues.PDB_model_num 
_pdbx_unobs_or_zero_occ_residues.polymer_flag 
_pdbx_unobs_or_zero_occ_residues.occupancy_flag 
_pdbx_unobs_or_zero_occ_residues.auth_asym_id 
_pdbx_unobs_or_zero_occ_residues.auth_comp_id 
_pdbx_unobs_or_zero_occ_residues.auth_seq_id 
_pdbx_unobs_or_zero_occ_residues.PDB_ins_code 
_pdbx_unobs_or_zero_occ_residues.label_asym_id 
_pdbx_unobs_or_zero_occ_residues.label_comp_id 
_pdbx_unobs_or_zero_occ_residues.label_seq_id 
1  1 Y 1 A MET 1  ? A MET 1  
2  1 Y 1 A ASP 2  ? A ASP 2  
3  1 Y 1 A ASP 83 ? A ASP 83 
4  1 Y 1 A LEU 84 ? A LEU 84 
5  1 Y 1 A GLU 85 ? A GLU 85 
6  1 Y 1 A GLU 86 ? A GLU 86 
7  1 Y 1 A ARG 87 ? A ARG 87 
8  1 Y 1 A GLN 88 ? A GLN 88 
9  1 Y 1 A ASP 89 ? A ASP 89 
10 1 Y 1 A GLN 90 ? A GLN 90 
11 1 Y 1 B MET 1  ? B MET 1  
12 1 Y 1 B ASP 2  ? B ASP 2  
13 1 Y 1 B GLU 86 ? B GLU 86 
14 1 Y 1 B ARG 87 ? B ARG 87 
15 1 Y 1 B GLN 88 ? B GLN 88 
16 1 Y 1 B ASP 89 ? B ASP 89 
17 1 Y 1 B GLN 90 ? B GLN 90 
# 
loop_
_chem_comp_atom.comp_id 
_chem_comp_atom.atom_id 
_chem_comp_atom.type_symbol 
_chem_comp_atom.pdbx_aromatic_flag 
_chem_comp_atom.pdbx_stereo_config 
_chem_comp_atom.pdbx_ordinal 
ALA N    N  N N 1   
ALA CA   C  N S 2   
ALA C    C  N N 3   
ALA O    O  N N 4   
ALA CB   C  N N 5   
ALA OXT  O  N N 6   
ALA H    H  N N 7   
ALA H2   H  N N 8   
ALA HA   H  N N 9   
ALA HB1  H  N N 10  
ALA HB2  H  N N 11  
ALA HB3  H  N N 12  
ALA HXT  H  N N 13  
ARG N    N  N N 14  
ARG CA   C  N S 15  
ARG C    C  N N 16  
ARG O    O  N N 17  
ARG CB   C  N N 18  
ARG CG   C  N N 19  
ARG CD   C  N N 20  
ARG NE   N  N N 21  
ARG CZ   C  N N 22  
ARG NH1  N  N N 23  
ARG NH2  N  N N 24  
ARG OXT  O  N N 25  
ARG H    H  N N 26  
ARG H2   H  N N 27  
ARG HA   H  N N 28  
ARG HB2  H  N N 29  
ARG HB3  H  N N 30  
ARG HG2  H  N N 31  
ARG HG3  H  N N 32  
ARG HD2  H  N N 33  
ARG HD3  H  N N 34  
ARG HE   H  N N 35  
ARG HH11 H  N N 36  
ARG HH12 H  N N 37  
ARG HH21 H  N N 38  
ARG HH22 H  N N 39  
ARG HXT  H  N N 40  
ASN N    N  N N 41  
ASN CA   C  N S 42  
ASN C    C  N N 43  
ASN O    O  N N 44  
ASN CB   C  N N 45  
ASN CG   C  N N 46  
ASN OD1  O  N N 47  
ASN ND2  N  N N 48  
ASN OXT  O  N N 49  
ASN H    H  N N 50  
ASN H2   H  N N 51  
ASN HA   H  N N 52  
ASN HB2  H  N N 53  
ASN HB3  H  N N 54  
ASN HD21 H  N N 55  
ASN HD22 H  N N 56  
ASN HXT  H  N N 57  
ASP N    N  N N 58  
ASP CA   C  N S 59  
ASP C    C  N N 60  
ASP O    O  N N 61  
ASP CB   C  N N 62  
ASP CG   C  N N 63  
ASP OD1  O  N N 64  
ASP OD2  O  N N 65  
ASP OXT  O  N N 66  
ASP H    H  N N 67  
ASP H2   H  N N 68  
ASP HA   H  N N 69  
ASP HB2  H  N N 70  
ASP HB3  H  N N 71  
ASP HD2  H  N N 72  
ASP HXT  H  N N 73  
CL  CL   CL N N 74  
GLN N    N  N N 75  
GLN CA   C  N S 76  
GLN C    C  N N 77  
GLN O    O  N N 78  
GLN CB   C  N N 79  
GLN CG   C  N N 80  
GLN CD   C  N N 81  
GLN OE1  O  N N 82  
GLN NE2  N  N N 83  
GLN OXT  O  N N 84  
GLN H    H  N N 85  
GLN H2   H  N N 86  
GLN HA   H  N N 87  
GLN HB2  H  N N 88  
GLN HB3  H  N N 89  
GLN HG2  H  N N 90  
GLN HG3  H  N N 91  
GLN HE21 H  N N 92  
GLN HE22 H  N N 93  
GLN HXT  H  N N 94  
GLU N    N  N N 95  
GLU CA   C  N S 96  
GLU C    C  N N 97  
GLU O    O  N N 98  
GLU CB   C  N N 99  
GLU CG   C  N N 100 
GLU CD   C  N N 101 
GLU OE1  O  N N 102 
GLU OE2  O  N N 103 
GLU OXT  O  N N 104 
GLU H    H  N N 105 
GLU H2   H  N N 106 
GLU HA   H  N N 107 
GLU HB2  H  N N 108 
GLU HB3  H  N N 109 
GLU HG2  H  N N 110 
GLU HG3  H  N N 111 
GLU HE2  H  N N 112 
GLU HXT  H  N N 113 
GLY N    N  N N 114 
GLY CA   C  N N 115 
GLY C    C  N N 116 
GLY O    O  N N 117 
GLY OXT  O  N N 118 
GLY H    H  N N 119 
GLY H2   H  N N 120 
GLY HA2  H  N N 121 
GLY HA3  H  N N 122 
GLY HXT  H  N N 123 
HIS N    N  N N 124 
HIS CA   C  N S 125 
HIS C    C  N N 126 
HIS O    O  N N 127 
HIS CB   C  N N 128 
HIS CG   C  Y N 129 
HIS ND1  N  Y N 130 
HIS CD2  C  Y N 131 
HIS CE1  C  Y N 132 
HIS NE2  N  Y N 133 
HIS OXT  O  N N 134 
HIS H    H  N N 135 
HIS H2   H  N N 136 
HIS HA   H  N N 137 
HIS HB2  H  N N 138 
HIS HB3  H  N N 139 
HIS HD1  H  N N 140 
HIS HD2  H  N N 141 
HIS HE1  H  N N 142 
HIS HE2  H  N N 143 
HIS HXT  H  N N 144 
HOH O    O  N N 145 
HOH H1   H  N N 146 
HOH H2   H  N N 147 
ILE N    N  N N 148 
ILE CA   C  N S 149 
ILE C    C  N N 150 
ILE O    O  N N 151 
ILE CB   C  N S 152 
ILE CG1  C  N N 153 
ILE CG2  C  N N 154 
ILE CD1  C  N N 155 
ILE OXT  O  N N 156 
ILE H    H  N N 157 
ILE H2   H  N N 158 
ILE HA   H  N N 159 
ILE HB   H  N N 160 
ILE HG12 H  N N 161 
ILE HG13 H  N N 162 
ILE HG21 H  N N 163 
ILE HG22 H  N N 164 
ILE HG23 H  N N 165 
ILE HD11 H  N N 166 
ILE HD12 H  N N 167 
ILE HD13 H  N N 168 
ILE HXT  H  N N 169 
LEU N    N  N N 170 
LEU CA   C  N S 171 
LEU C    C  N N 172 
LEU O    O  N N 173 
LEU CB   C  N N 174 
LEU CG   C  N N 175 
LEU CD1  C  N N 176 
LEU CD2  C  N N 177 
LEU OXT  O  N N 178 
LEU H    H  N N 179 
LEU H2   H  N N 180 
LEU HA   H  N N 181 
LEU HB2  H  N N 182 
LEU HB3  H  N N 183 
LEU HG   H  N N 184 
LEU HD11 H  N N 185 
LEU HD12 H  N N 186 
LEU HD13 H  N N 187 
LEU HD21 H  N N 188 
LEU HD22 H  N N 189 
LEU HD23 H  N N 190 
LEU HXT  H  N N 191 
LYS N    N  N N 192 
LYS CA   C  N S 193 
LYS C    C  N N 194 
LYS O    O  N N 195 
LYS CB   C  N N 196 
LYS CG   C  N N 197 
LYS CD   C  N N 198 
LYS CE   C  N N 199 
LYS NZ   N  N N 200 
LYS OXT  O  N N 201 
LYS H    H  N N 202 
LYS H2   H  N N 203 
LYS HA   H  N N 204 
LYS HB2  H  N N 205 
LYS HB3  H  N N 206 
LYS HG2  H  N N 207 
LYS HG3  H  N N 208 
LYS HD2  H  N N 209 
LYS HD3  H  N N 210 
LYS HE2  H  N N 211 
LYS HE3  H  N N 212 
LYS HZ1  H  N N 213 
LYS HZ2  H  N N 214 
LYS HZ3  H  N N 215 
LYS HXT  H  N N 216 
MET N    N  N N 217 
MET CA   C  N S 218 
MET C    C  N N 219 
MET O    O  N N 220 
MET CB   C  N N 221 
MET CG   C  N N 222 
MET SD   S  N N 223 
MET CE   C  N N 224 
MET OXT  O  N N 225 
MET H    H  N N 226 
MET H2   H  N N 227 
MET HA   H  N N 228 
MET HB2  H  N N 229 
MET HB3  H  N N 230 
MET HG2  H  N N 231 
MET HG3  H  N N 232 
MET HE1  H  N N 233 
MET HE2  H  N N 234 
MET HE3  H  N N 235 
MET HXT  H  N N 236 
PHE N    N  N N 237 
PHE CA   C  N S 238 
PHE C    C  N N 239 
PHE O    O  N N 240 
PHE CB   C  N N 241 
PHE CG   C  Y N 242 
PHE CD1  C  Y N 243 
PHE CD2  C  Y N 244 
PHE CE1  C  Y N 245 
PHE CE2  C  Y N 246 
PHE CZ   C  Y N 247 
PHE OXT  O  N N 248 
PHE H    H  N N 249 
PHE H2   H  N N 250 
PHE HA   H  N N 251 
PHE HB2  H  N N 252 
PHE HB3  H  N N 253 
PHE HD1  H  N N 254 
PHE HD2  H  N N 255 
PHE HE1  H  N N 256 
PHE HE2  H  N N 257 
PHE HZ   H  N N 258 
PHE HXT  H  N N 259 
PRO N    N  N N 260 
PRO CA   C  N S 261 
PRO C    C  N N 262 
PRO O    O  N N 263 
PRO CB   C  N N 264 
PRO CG   C  N N 265 
PRO CD   C  N N 266 
PRO OXT  O  N N 267 
PRO H    H  N N 268 
PRO HA   H  N N 269 
PRO HB2  H  N N 270 
PRO HB3  H  N N 271 
PRO HG2  H  N N 272 
PRO HG3  H  N N 273 
PRO HD2  H  N N 274 
PRO HD3  H  N N 275 
PRO HXT  H  N N 276 
SER N    N  N N 277 
SER CA   C  N S 278 
SER C    C  N N 279 
SER O    O  N N 280 
SER CB   C  N N 281 
SER OG   O  N N 282 
SER OXT  O  N N 283 
SER H    H  N N 284 
SER H2   H  N N 285 
SER HA   H  N N 286 
SER HB2  H  N N 287 
SER HB3  H  N N 288 
SER HG   H  N N 289 
SER HXT  H  N N 290 
THR N    N  N N 291 
THR CA   C  N S 292 
THR C    C  N N 293 
THR O    O  N N 294 
THR CB   C  N R 295 
THR OG1  O  N N 296 
THR CG2  C  N N 297 
THR OXT  O  N N 298 
THR H    H  N N 299 
THR H2   H  N N 300 
THR HA   H  N N 301 
THR HB   H  N N 302 
THR HG1  H  N N 303 
THR HG21 H  N N 304 
THR HG22 H  N N 305 
THR HG23 H  N N 306 
THR HXT  H  N N 307 
TYR N    N  N N 308 
TYR CA   C  N S 309 
TYR C    C  N N 310 
TYR O    O  N N 311 
TYR CB   C  N N 312 
TYR CG   C  Y N 313 
TYR CD1  C  Y N 314 
TYR CD2  C  Y N 315 
TYR CE1  C  Y N 316 
TYR CE2  C  Y N 317 
TYR CZ   C  Y N 318 
TYR OH   O  N N 319 
TYR OXT  O  N N 320 
TYR H    H  N N 321 
TYR H2   H  N N 322 
TYR HA   H  N N 323 
TYR HB2  H  N N 324 
TYR HB3  H  N N 325 
TYR HD1  H  N N 326 
TYR HD2  H  N N 327 
TYR HE1  H  N N 328 
TYR HE2  H  N N 329 
TYR HH   H  N N 330 
TYR HXT  H  N N 331 
VAL N    N  N N 332 
VAL CA   C  N S 333 
VAL C    C  N N 334 
VAL O    O  N N 335 
VAL CB   C  N N 336 
VAL CG1  C  N N 337 
VAL CG2  C  N N 338 
VAL OXT  O  N N 339 
VAL H    H  N N 340 
VAL H2   H  N N 341 
VAL HA   H  N N 342 
VAL HB   H  N N 343 
VAL HG11 H  N N 344 
VAL HG12 H  N N 345 
VAL HG13 H  N N 346 
VAL HG21 H  N N 347 
VAL HG22 H  N N 348 
VAL HG23 H  N N 349 
VAL HXT  H  N N 350 
# 
loop_
_chem_comp_bond.comp_id 
_chem_comp_bond.atom_id_1 
_chem_comp_bond.atom_id_2 
_chem_comp_bond.value_order 
_chem_comp_bond.pdbx_aromatic_flag 
_chem_comp_bond.pdbx_stereo_config 
_chem_comp_bond.pdbx_ordinal 
ALA N   CA   sing N N 1   
ALA N   H    sing N N 2   
ALA N   H2   sing N N 3   
ALA CA  C    sing N N 4   
ALA CA  CB   sing N N 5   
ALA CA  HA   sing N N 6   
ALA C   O    doub N N 7   
ALA C   OXT  sing N N 8   
ALA CB  HB1  sing N N 9   
ALA CB  HB2  sing N N 10  
ALA CB  HB3  sing N N 11  
ALA OXT HXT  sing N N 12  
ARG N   CA   sing N N 13  
ARG N   H    sing N N 14  
ARG N   H2   sing N N 15  
ARG CA  C    sing N N 16  
ARG CA  CB   sing N N 17  
ARG CA  HA   sing N N 18  
ARG C   O    doub N N 19  
ARG C   OXT  sing N N 20  
ARG CB  CG   sing N N 21  
ARG CB  HB2  sing N N 22  
ARG CB  HB3  sing N N 23  
ARG CG  CD   sing N N 24  
ARG CG  HG2  sing N N 25  
ARG CG  HG3  sing N N 26  
ARG CD  NE   sing N N 27  
ARG CD  HD2  sing N N 28  
ARG CD  HD3  sing N N 29  
ARG NE  CZ   sing N N 30  
ARG NE  HE   sing N N 31  
ARG CZ  NH1  sing N N 32  
ARG CZ  NH2  doub N N 33  
ARG NH1 HH11 sing N N 34  
ARG NH1 HH12 sing N N 35  
ARG NH2 HH21 sing N N 36  
ARG NH2 HH22 sing N N 37  
ARG OXT HXT  sing N N 38  
ASN N   CA   sing N N 39  
ASN N   H    sing N N 40  
ASN N   H2   sing N N 41  
ASN CA  C    sing N N 42  
ASN CA  CB   sing N N 43  
ASN CA  HA   sing N N 44  
ASN C   O    doub N N 45  
ASN C   OXT  sing N N 46  
ASN CB  CG   sing N N 47  
ASN CB  HB2  sing N N 48  
ASN CB  HB3  sing N N 49  
ASN CG  OD1  doub N N 50  
ASN CG  ND2  sing N N 51  
ASN ND2 HD21 sing N N 52  
ASN ND2 HD22 sing N N 53  
ASN OXT HXT  sing N N 54  
ASP N   CA   sing N N 55  
ASP N   H    sing N N 56  
ASP N   H2   sing N N 57  
ASP CA  C    sing N N 58  
ASP CA  CB   sing N N 59  
ASP CA  HA   sing N N 60  
ASP C   O    doub N N 61  
ASP C   OXT  sing N N 62  
ASP CB  CG   sing N N 63  
ASP CB  HB2  sing N N 64  
ASP CB  HB3  sing N N 65  
ASP CG  OD1  doub N N 66  
ASP CG  OD2  sing N N 67  
ASP OD2 HD2  sing N N 68  
ASP OXT HXT  sing N N 69  
GLN N   CA   sing N N 70  
GLN N   H    sing N N 71  
GLN N   H2   sing N N 72  
GLN CA  C    sing N N 73  
GLN CA  CB   sing N N 74  
GLN CA  HA   sing N N 75  
GLN C   O    doub N N 76  
GLN C   OXT  sing N N 77  
GLN CB  CG   sing N N 78  
GLN CB  HB2  sing N N 79  
GLN CB  HB3  sing N N 80  
GLN CG  CD   sing N N 81  
GLN CG  HG2  sing N N 82  
GLN CG  HG3  sing N N 83  
GLN CD  OE1  doub N N 84  
GLN CD  NE2  sing N N 85  
GLN NE2 HE21 sing N N 86  
GLN NE2 HE22 sing N N 87  
GLN OXT HXT  sing N N 88  
GLU N   CA   sing N N 89  
GLU N   H    sing N N 90  
GLU N   H2   sing N N 91  
GLU CA  C    sing N N 92  
GLU CA  CB   sing N N 93  
GLU CA  HA   sing N N 94  
GLU C   O    doub N N 95  
GLU C   OXT  sing N N 96  
GLU CB  CG   sing N N 97  
GLU CB  HB2  sing N N 98  
GLU CB  HB3  sing N N 99  
GLU CG  CD   sing N N 100 
GLU CG  HG2  sing N N 101 
GLU CG  HG3  sing N N 102 
GLU CD  OE1  doub N N 103 
GLU CD  OE2  sing N N 104 
GLU OE2 HE2  sing N N 105 
GLU OXT HXT  sing N N 106 
GLY N   CA   sing N N 107 
GLY N   H    sing N N 108 
GLY N   H2   sing N N 109 
GLY CA  C    sing N N 110 
GLY CA  HA2  sing N N 111 
GLY CA  HA3  sing N N 112 
GLY C   O    doub N N 113 
GLY C   OXT  sing N N 114 
GLY OXT HXT  sing N N 115 
HIS N   CA   sing N N 116 
HIS N   H    sing N N 117 
HIS N   H2   sing N N 118 
HIS CA  C    sing N N 119 
HIS CA  CB   sing N N 120 
HIS CA  HA   sing N N 121 
HIS C   O    doub N N 122 
HIS C   OXT  sing N N 123 
HIS CB  CG   sing N N 124 
HIS CB  HB2  sing N N 125 
HIS CB  HB3  sing N N 126 
HIS CG  ND1  sing Y N 127 
HIS CG  CD2  doub Y N 128 
HIS ND1 CE1  doub Y N 129 
HIS ND1 HD1  sing N N 130 
HIS CD2 NE2  sing Y N 131 
HIS CD2 HD2  sing N N 132 
HIS CE1 NE2  sing Y N 133 
HIS CE1 HE1  sing N N 134 
HIS NE2 HE2  sing N N 135 
HIS OXT HXT  sing N N 136 
HOH O   H1   sing N N 137 
HOH O   H2   sing N N 138 
ILE N   CA   sing N N 139 
ILE N   H    sing N N 140 
ILE N   H2   sing N N 141 
ILE CA  C    sing N N 142 
ILE CA  CB   sing N N 143 
ILE CA  HA   sing N N 144 
ILE C   O    doub N N 145 
ILE C   OXT  sing N N 146 
ILE CB  CG1  sing N N 147 
ILE CB  CG2  sing N N 148 
ILE CB  HB   sing N N 149 
ILE CG1 CD1  sing N N 150 
ILE CG1 HG12 sing N N 151 
ILE CG1 HG13 sing N N 152 
ILE CG2 HG21 sing N N 153 
ILE CG2 HG22 sing N N 154 
ILE CG2 HG23 sing N N 155 
ILE CD1 HD11 sing N N 156 
ILE CD1 HD12 sing N N 157 
ILE CD1 HD13 sing N N 158 
ILE OXT HXT  sing N N 159 
LEU N   CA   sing N N 160 
LEU N   H    sing N N 161 
LEU N   H2   sing N N 162 
LEU CA  C    sing N N 163 
LEU CA  CB   sing N N 164 
LEU CA  HA   sing N N 165 
LEU C   O    doub N N 166 
LEU C   OXT  sing N N 167 
LEU CB  CG   sing N N 168 
LEU CB  HB2  sing N N 169 
LEU CB  HB3  sing N N 170 
LEU CG  CD1  sing N N 171 
LEU CG  CD2  sing N N 172 
LEU CG  HG   sing N N 173 
LEU CD1 HD11 sing N N 174 
LEU CD1 HD12 sing N N 175 
LEU CD1 HD13 sing N N 176 
LEU CD2 HD21 sing N N 177 
LEU CD2 HD22 sing N N 178 
LEU CD2 HD23 sing N N 179 
LEU OXT HXT  sing N N 180 
LYS N   CA   sing N N 181 
LYS N   H    sing N N 182 
LYS N   H2   sing N N 183 
LYS CA  C    sing N N 184 
LYS CA  CB   sing N N 185 
LYS CA  HA   sing N N 186 
LYS C   O    doub N N 187 
LYS C   OXT  sing N N 188 
LYS CB  CG   sing N N 189 
LYS CB  HB2  sing N N 190 
LYS CB  HB3  sing N N 191 
LYS CG  CD   sing N N 192 
LYS CG  HG2  sing N N 193 
LYS CG  HG3  sing N N 194 
LYS CD  CE   sing N N 195 
LYS CD  HD2  sing N N 196 
LYS CD  HD3  sing N N 197 
LYS CE  NZ   sing N N 198 
LYS CE  HE2  sing N N 199 
LYS CE  HE3  sing N N 200 
LYS NZ  HZ1  sing N N 201 
LYS NZ  HZ2  sing N N 202 
LYS NZ  HZ3  sing N N 203 
LYS OXT HXT  sing N N 204 
MET N   CA   sing N N 205 
MET N   H    sing N N 206 
MET N   H2   sing N N 207 
MET CA  C    sing N N 208 
MET CA  CB   sing N N 209 
MET CA  HA   sing N N 210 
MET C   O    doub N N 211 
MET C   OXT  sing N N 212 
MET CB  CG   sing N N 213 
MET CB  HB2  sing N N 214 
MET CB  HB3  sing N N 215 
MET CG  SD   sing N N 216 
MET CG  HG2  sing N N 217 
MET CG  HG3  sing N N 218 
MET SD  CE   sing N N 219 
MET CE  HE1  sing N N 220 
MET CE  HE2  sing N N 221 
MET CE  HE3  sing N N 222 
MET OXT HXT  sing N N 223 
PHE N   CA   sing N N 224 
PHE N   H    sing N N 225 
PHE N   H2   sing N N 226 
PHE CA  C    sing N N 227 
PHE CA  CB   sing N N 228 
PHE CA  HA   sing N N 229 
PHE C   O    doub N N 230 
PHE C   OXT  sing N N 231 
PHE CB  CG   sing N N 232 
PHE CB  HB2  sing N N 233 
PHE CB  HB3  sing N N 234 
PHE CG  CD1  doub Y N 235 
PHE CG  CD2  sing Y N 236 
PHE CD1 CE1  sing Y N 237 
PHE CD1 HD1  sing N N 238 
PHE CD2 CE2  doub Y N 239 
PHE CD2 HD2  sing N N 240 
PHE CE1 CZ   doub Y N 241 
PHE CE1 HE1  sing N N 242 
PHE CE2 CZ   sing Y N 243 
PHE CE2 HE2  sing N N 244 
PHE CZ  HZ   sing N N 245 
PHE OXT HXT  sing N N 246 
PRO N   CA   sing N N 247 
PRO N   CD   sing N N 248 
PRO N   H    sing N N 249 
PRO CA  C    sing N N 250 
PRO CA  CB   sing N N 251 
PRO CA  HA   sing N N 252 
PRO C   O    doub N N 253 
PRO C   OXT  sing N N 254 
PRO CB  CG   sing N N 255 
PRO CB  HB2  sing N N 256 
PRO CB  HB3  sing N N 257 
PRO CG  CD   sing N N 258 
PRO CG  HG2  sing N N 259 
PRO CG  HG3  sing N N 260 
PRO CD  HD2  sing N N 261 
PRO CD  HD3  sing N N 262 
PRO OXT HXT  sing N N 263 
SER N   CA   sing N N 264 
SER N   H    sing N N 265 
SER N   H2   sing N N 266 
SER CA  C    sing N N 267 
SER CA  CB   sing N N 268 
SER CA  HA   sing N N 269 
SER C   O    doub N N 270 
SER C   OXT  sing N N 271 
SER CB  OG   sing N N 272 
SER CB  HB2  sing N N 273 
SER CB  HB3  sing N N 274 
SER OG  HG   sing N N 275 
SER OXT HXT  sing N N 276 
THR N   CA   sing N N 277 
THR N   H    sing N N 278 
THR N   H2   sing N N 279 
THR CA  C    sing N N 280 
THR CA  CB   sing N N 281 
THR CA  HA   sing N N 282 
THR C   O    doub N N 283 
THR C   OXT  sing N N 284 
THR CB  OG1  sing N N 285 
THR CB  CG2  sing N N 286 
THR CB  HB   sing N N 287 
THR OG1 HG1  sing N N 288 
THR CG2 HG21 sing N N 289 
THR CG2 HG22 sing N N 290 
THR CG2 HG23 sing N N 291 
THR OXT HXT  sing N N 292 
TYR N   CA   sing N N 293 
TYR N   H    sing N N 294 
TYR N   H2   sing N N 295 
TYR CA  C    sing N N 296 
TYR CA  CB   sing N N 297 
TYR CA  HA   sing N N 298 
TYR C   O    doub N N 299 
TYR C   OXT  sing N N 300 
TYR CB  CG   sing N N 301 
TYR CB  HB2  sing N N 302 
TYR CB  HB3  sing N N 303 
TYR CG  CD1  doub Y N 304 
TYR CG  CD2  sing Y N 305 
TYR CD1 CE1  sing Y N 306 
TYR CD1 HD1  sing N N 307 
TYR CD2 CE2  doub Y N 308 
TYR CD2 HD2  sing N N 309 
TYR CE1 CZ   doub Y N 310 
TYR CE1 HE1  sing N N 311 
TYR CE2 CZ   sing Y N 312 
TYR CE2 HE2  sing N N 313 
TYR CZ  OH   sing N N 314 
TYR OH  HH   sing N N 315 
TYR OXT HXT  sing N N 316 
VAL N   CA   sing N N 317 
VAL N   H    sing N N 318 
VAL N   H2   sing N N 319 
VAL CA  C    sing N N 320 
VAL CA  CB   sing N N 321 
VAL CA  HA   sing N N 322 
VAL C   O    doub N N 323 
VAL C   OXT  sing N N 324 
VAL CB  CG1  sing N N 325 
VAL CB  CG2  sing N N 326 
VAL CB  HB   sing N N 327 
VAL CG1 HG11 sing N N 328 
VAL CG1 HG12 sing N N 329 
VAL CG1 HG13 sing N N 330 
VAL CG2 HG21 sing N N 331 
VAL CG2 HG22 sing N N 332 
VAL CG2 HG23 sing N N 333 
VAL OXT HXT  sing N N 334 
# 
loop_
_pdbx_entity_nonpoly.entity_id 
_pdbx_entity_nonpoly.name 
_pdbx_entity_nonpoly.comp_id 
2 'CHLORIDE ION' CL  
3 water          HOH 
# 
_pdbx_initial_refinement_model.id               1 
_pdbx_initial_refinement_model.entity_id_list   ? 
_pdbx_initial_refinement_model.type             'experimental model' 
_pdbx_initial_refinement_model.source_name      PDB 
_pdbx_initial_refinement_model.accession_code   1ECM 
_pdbx_initial_refinement_model.details          'PDB ENTRY 1ECM' 
# 
